data_7PBD
#
_entry.id   7PBD
#
_cell.length_a   1.00
_cell.length_b   1.00
_cell.length_c   1.00
_cell.angle_alpha   90.00
_cell.angle_beta   90.00
_cell.angle_gamma   90.00
#
_symmetry.space_group_name_H-M   'P 1'
#
loop_
_entity.id
_entity.type
_entity.pdbx_description
1 polymer 'Gamma-aminobutyric acid receptor subunit alpha-1'
2 polymer 'Gamma-aminobutyric acid receptor subunit beta-3'
3 polymer 'Gamma-aminobutyric acid receptor subunit alpha-1'
4 polymer 'Megabody 25'
5 branched 2-acetamido-2-deoxy-beta-D-glucopyranose-(1-4)-2-acetamido-2-deoxy-beta-D-glucopyranose
6 branched alpha-D-mannopyranose-(1-3)-[alpha-D-mannopyranose-(1-6)]beta-D-mannopyranose-(1-4)-2-acetamido-2-deoxy-beta-D-glucopyranose-(1-4)-2-acetamido-2-deoxy-beta-D-glucopyranose
7 non-polymer 'GAMMA-AMINO-BUTANOIC ACID'
8 non-polymer 2-acetamido-2-deoxy-beta-D-glucopyranose
9 non-polymer HISTAMINE
#
loop_
_entity_poly.entity_id
_entity_poly.type
_entity_poly.pdbx_seq_one_letter_code
_entity_poly.pdbx_strand_id
1 'polypeptide(L)'
;QPSQDELKDNTTVFTRILDRLLDGYDNRLRPGLGERVTEVKTDIFVTSFGPVSDHDMEYTIDVFFRQSWKDERLKFKGPM
TVLRLNNLMASKIWTPDTFFHNGKKSVAHNMTMPNKLLRITEDGTLLYTMRLTVRAECPMHLEDFPMDAHACPLKFGSYA
YTRAEVVYEWTREPARSVVVAEDGSRLNQYDLLGQTVDSGIVQSSTGEYVVMTTHFHLKRKIGYFVIQTYLPCIMTVILS
QVSFWLNRESVPARTVFGVTTVLTMTTLSISARNSLPKVAYATAMDWFIAVCYAFVFSALIEFATVNYFTKSQPARAAKI
DRLSRIAFPLLFGIFNLVYWATYLNREPQLKAPTPHQGTTESTQVAPA
;
A
2 'polypeptide(L)'
;QSVNDPGNMSFVKETVDKLLKGYDIRLRPDFGGPPVCVGMNIDIASIDMVSEVNMDYTLTMYFQQYWRDKRLAYSGIPLN
LTLDNRVADQLWVPDTYFLNDKKSFVHGVTVKNRMIRLHPDGTVLYGLRITTTAACMMDLRRYPLDEQNCTLEIESYGYT
TDDIEFYWRGGDKAVTGVERIELPQFSIVEHRLVSRNVVFATGAYPRLSLSFRLKRNIGYFILQTYMPSILITILSWVSF
WINYDASAARVALGITTVLTMTTINTHLRETLPKIPYVKAIDMYLMGCFVFVFLALLEYAFVNYIFFSQPAGTADLEDNW
ETLNDNLKVIEKADNAAQVKDALTKMRAAALDAQKATPPKLEDKSPDSPEMKDFRHGFDILVGQIDDALKLANEGKVKEA
QAAAEQLKTTRNAYIQKYLTGRAAAIDRWSRIVFPFTFSLFNLVYWLYYVN
;
B,C,E
3 'polypeptide(L)'
;MDEKTTGWRGGHVVEGLAGELEQLRARLEHHPQGQREPDYDIPTTENLYFQGTGQPSQDELKDNTTVFTRILDRLLDGYD
NRLRPGLGERVTEVKTDIFVTSFGPVSDHDMEYTIDVFFRQSWKDERLKFKGPMTVLRLNNLMASKIWTPDTFFHNGKKS
VAHNMTMPNKLLRITEDGTLLYTMRLTVRAECPMHLEDFPMDAHACPLKFGSYAYTRAEVVYEWTREPARSVVVAEDGSR
LNQYDLLGQTVDSGIVQSSTGEYVVMTTHFHLKRKIGYFVIQTYLPCIMTVILSQVSFWLNRESVPARTVFGVTTVLTMT
TLSISARNSLPKVAYATAMDWFIAVCYAFVFSALIEFATVNYFTKSQPARAAKIDRLSRIAFPLLFGIFNLVYWATYLNR
EPQLKAPTPHQ
;
D
4 'polypeptide(L)'
;QVQLQESGGGLVQTKTTTSVIDTTNDAQNLLTQAQTIVNTLKDYCPILIAKSSSSNGGTNNANTPSWQTAGGGKNSCATF
GAEFSAASDMINNAQKIVQETQQLSANQPKNITQPHNLNLNSPSSLTALAQKMLKNAQSQAEILKLANQVESDFNKLSSG
HLKDYIGKCDASAISSANMTMQNQKNNWGNGCAGVEETQSLLKTSAADFNNQTPQINQAQNLANTLIQELGNNTYEQLSR
LLTNDNGTNSKTSAQAINQAVNNLNERAKTLAGGTTNSPAYQATLLALRSVLGLWNSMGYAVICGGYTKSPGENNQKDFH
YTDENGNGTTINCGGSTNSNGTHSYNGTNTLKADKNVSLSIEQYEKIHEAYQILSKALKQAGLAPLNSKGEKLEAHVTTS
KYGSLRLSCAASGHTFNYPIMGWFRQAPGKEREFVGAISWSGGSTSYADSVKDRFTISRDNAKNTVYLEMNNLKPEDTAV
YYCAAKGRYSGGLYYPTNYDYWGQGTQVTVSSHHHHHHEPEA
;
F
#
loop_
_chem_comp.id
_chem_comp.type
_chem_comp.name
_chem_comp.formula
ABU non-polymer 'GAMMA-AMINO-BUTANOIC ACID' 'C4 H9 N O2'
BMA D-saccharide, beta linking beta-D-mannopyranose 'C6 H12 O6'
HSM non-polymer HISTAMINE 'C5 H9 N3'
MAN D-saccharide, alpha linking alpha-D-mannopyranose 'C6 H12 O6'
NAG D-saccharide, beta linking 2-acetamido-2-deoxy-beta-D-glucopyranose 'C8 H15 N O6'
#
# COMPACT_ATOMS: atom_id res chain seq x y z
N THR A 11 -4.27 -51.89 -11.39
CA THR A 11 -4.76 -50.96 -10.39
C THR A 11 -3.66 -50.57 -9.40
N THR A 12 -3.24 -51.55 -8.59
CA THR A 12 -2.22 -51.34 -7.57
C THR A 12 -0.82 -51.67 -8.06
N VAL A 13 -0.66 -52.08 -9.31
CA VAL A 13 0.69 -52.38 -9.82
C VAL A 13 1.53 -51.11 -9.86
N PHE A 14 0.91 -49.97 -10.16
CA PHE A 14 1.67 -48.72 -10.21
C PHE A 14 2.17 -48.31 -8.84
N THR A 15 1.41 -48.61 -7.78
CA THR A 15 1.90 -48.36 -6.43
C THR A 15 3.15 -49.19 -6.15
N ARG A 16 3.15 -50.45 -6.57
CA ARG A 16 4.33 -51.29 -6.38
C ARG A 16 5.51 -50.76 -7.19
N ILE A 17 5.26 -50.27 -8.41
CA ILE A 17 6.34 -49.72 -9.22
C ILE A 17 6.92 -48.48 -8.54
N LEU A 18 6.06 -47.61 -8.02
CA LEU A 18 6.55 -46.42 -7.33
C LEU A 18 7.34 -46.79 -6.09
N ASP A 19 6.86 -47.77 -5.33
CA ASP A 19 7.60 -48.21 -4.14
C ASP A 19 8.95 -48.77 -4.53
N ARG A 20 9.01 -49.54 -5.61
CA ARG A 20 10.29 -50.08 -6.06
C ARG A 20 11.24 -48.97 -6.49
N LEU A 21 10.72 -47.92 -7.14
CA LEU A 21 11.58 -46.84 -7.58
C LEU A 21 12.22 -46.12 -6.41
N LEU A 22 11.45 -45.89 -5.33
CA LEU A 22 11.94 -45.18 -4.16
C LEU A 22 12.53 -46.13 -3.11
N ASP A 23 12.97 -47.32 -3.52
CA ASP A 23 13.68 -48.24 -2.63
C ASP A 23 15.17 -48.07 -2.86
N GLY A 24 15.89 -47.69 -1.81
CA GLY A 24 17.30 -47.40 -1.95
C GLY A 24 17.60 -46.16 -2.74
N TYR A 25 16.65 -45.24 -2.86
CA TYR A 25 16.81 -43.99 -3.57
C TYR A 25 17.01 -42.86 -2.57
N ASP A 26 18.04 -42.05 -2.79
CA ASP A 26 18.38 -40.93 -1.94
C ASP A 26 18.34 -39.65 -2.76
N ASN A 27 17.54 -38.69 -2.32
CA ASN A 27 17.42 -37.42 -3.01
C ASN A 27 18.58 -36.48 -2.76
N ARG A 28 19.51 -36.84 -1.86
CA ARG A 28 20.64 -35.97 -1.57
C ARG A 28 21.75 -36.07 -2.60
N LEU A 29 21.83 -37.16 -3.35
CA LEU A 29 22.92 -37.42 -4.27
C LEU A 29 22.43 -37.25 -5.70
N ARG A 30 23.14 -36.45 -6.49
CA ARG A 30 22.73 -36.20 -7.85
C ARG A 30 23.00 -37.44 -8.71
N PRO A 31 22.35 -37.53 -9.89
CA PRO A 31 22.68 -38.63 -10.80
C PRO A 31 24.12 -38.54 -11.27
N GLY A 32 24.77 -39.69 -11.40
CA GLY A 32 26.15 -39.73 -11.84
C GLY A 32 27.08 -38.97 -10.93
N LEU A 33 26.98 -39.21 -9.62
CA LEU A 33 27.76 -38.45 -8.66
C LEU A 33 29.26 -38.68 -8.80
N GLY A 34 29.67 -39.79 -9.40
CA GLY A 34 31.08 -40.05 -9.62
C GLY A 34 31.33 -40.71 -10.96
N GLU A 35 30.42 -40.54 -11.91
CA GLU A 35 30.51 -41.15 -13.23
C GLU A 35 30.57 -40.12 -14.35
N ARG A 36 29.67 -39.13 -14.34
CA ARG A 36 29.56 -38.20 -15.45
C ARG A 36 28.92 -36.92 -14.94
N VAL A 37 29.00 -35.89 -15.78
CA VAL A 37 28.37 -34.60 -15.47
C VAL A 37 26.90 -34.68 -15.84
N THR A 38 26.06 -34.03 -15.04
CA THR A 38 24.62 -34.04 -15.25
C THR A 38 24.25 -32.93 -16.22
N GLU A 39 23.78 -33.31 -17.42
CA GLU A 39 23.36 -32.36 -18.43
C GLU A 39 21.88 -32.08 -18.25
N VAL A 40 21.56 -30.88 -17.76
CA VAL A 40 20.20 -30.49 -17.41
C VAL A 40 19.70 -29.56 -18.50
N LYS A 41 18.99 -30.10 -19.49
CA LYS A 41 18.36 -29.26 -20.48
C LYS A 41 17.28 -28.41 -19.81
N THR A 42 17.09 -27.20 -20.33
CA THR A 42 16.17 -26.25 -19.71
C THR A 42 15.40 -25.51 -20.80
N ASP A 43 14.27 -24.94 -20.39
CA ASP A 43 13.41 -24.20 -21.30
C ASP A 43 12.58 -23.23 -20.49
N ILE A 44 12.21 -22.12 -21.13
CA ILE A 44 11.37 -21.09 -20.53
C ILE A 44 10.27 -20.73 -21.50
N PHE A 45 9.05 -20.59 -20.98
CA PHE A 45 7.92 -20.09 -21.74
C PHE A 45 7.33 -18.94 -20.93
N VAL A 46 7.49 -17.72 -21.43
CA VAL A 46 7.08 -16.52 -20.72
C VAL A 46 5.59 -16.30 -20.97
N THR A 47 4.77 -16.61 -19.97
CA THR A 47 3.33 -16.38 -20.12
C THR A 47 3.02 -14.89 -20.17
N SER A 48 3.68 -14.11 -19.34
CA SER A 48 3.35 -12.70 -19.17
C SER A 48 4.58 -11.92 -18.73
N PHE A 49 4.93 -10.90 -19.51
CA PHE A 49 6.05 -10.03 -19.18
C PHE A 49 5.51 -8.88 -18.33
N GLY A 50 5.74 -8.95 -17.03
CA GLY A 50 5.15 -8.01 -16.10
C GLY A 50 5.62 -6.60 -16.32
N PRO A 51 5.05 -5.65 -15.58
CA PRO A 51 5.41 -4.25 -15.76
C PRO A 51 6.85 -3.99 -15.36
N VAL A 52 7.48 -3.05 -16.07
CA VAL A 52 8.86 -2.66 -15.83
C VAL A 52 8.82 -1.42 -14.94
N SER A 53 9.17 -1.58 -13.67
CA SER A 53 9.15 -0.49 -12.71
C SER A 53 10.52 0.20 -12.73
N ASP A 54 10.58 1.36 -13.37
CA ASP A 54 11.84 2.10 -13.43
C ASP A 54 12.22 2.65 -12.06
N HIS A 55 11.24 2.92 -11.21
CA HIS A 55 11.56 3.42 -9.86
C HIS A 55 12.35 2.39 -9.07
N ASP A 56 11.94 1.13 -9.14
CA ASP A 56 12.55 0.06 -8.36
C ASP A 56 13.64 -0.68 -9.12
N MET A 57 14.06 -0.17 -10.29
CA MET A 57 15.18 -0.72 -11.06
C MET A 57 14.91 -2.16 -11.50
N GLU A 58 13.65 -2.59 -11.51
CA GLU A 58 13.28 -3.99 -11.60
C GLU A 58 12.24 -4.20 -12.68
N TYR A 59 11.92 -5.47 -12.91
CA TYR A 59 10.84 -5.85 -13.81
C TYR A 59 10.38 -7.26 -13.45
N THR A 60 9.09 -7.50 -13.62
CA THR A 60 8.47 -8.76 -13.26
C THR A 60 8.22 -9.59 -14.52
N ILE A 61 8.22 -10.92 -14.34
CA ILE A 61 8.00 -11.85 -15.44
C ILE A 61 7.38 -13.11 -14.85
N ASP A 62 6.52 -13.76 -15.64
CA ASP A 62 5.89 -15.01 -15.26
C ASP A 62 6.24 -16.08 -16.28
N VAL A 63 6.75 -17.21 -15.81
CA VAL A 63 7.34 -18.22 -16.69
C VAL A 63 6.91 -19.61 -16.28
N PHE A 64 6.84 -20.50 -17.27
CA PHE A 64 6.76 -21.94 -17.07
C PHE A 64 8.18 -22.48 -17.23
N PHE A 65 8.93 -22.50 -16.14
CA PHE A 65 10.32 -22.94 -16.19
C PHE A 65 10.35 -24.47 -16.23
N ARG A 66 10.92 -25.04 -17.29
CA ARG A 66 10.97 -26.47 -17.52
C ARG A 66 12.41 -26.94 -17.47
N GLN A 67 12.63 -28.11 -16.86
CA GLN A 67 13.95 -28.71 -16.76
C GLN A 67 13.84 -30.21 -17.04
N SER A 68 14.69 -30.71 -17.92
CA SER A 68 14.70 -32.12 -18.29
C SER A 68 16.10 -32.67 -18.08
N TRP A 69 16.19 -33.84 -17.44
CA TRP A 69 17.46 -34.51 -17.25
C TRP A 69 17.20 -36.00 -17.14
N LYS A 70 18.25 -36.78 -17.40
CA LYS A 70 18.19 -38.23 -17.36
C LYS A 70 18.68 -38.72 -16.01
N ASP A 71 17.91 -39.60 -15.39
CA ASP A 71 18.27 -40.23 -14.12
C ASP A 71 18.14 -41.74 -14.30
N GLU A 72 19.27 -42.41 -14.47
CA GLU A 72 19.26 -43.85 -14.71
C GLU A 72 18.70 -44.63 -13.53
N ARG A 73 18.73 -44.06 -12.33
CA ARG A 73 18.16 -44.75 -11.17
C ARG A 73 16.66 -44.97 -11.35
N LEU A 74 15.98 -44.01 -11.96
CA LEU A 74 14.52 -44.05 -12.10
C LEU A 74 14.10 -44.68 -13.42
N LYS A 75 14.62 -45.88 -13.70
CA LYS A 75 14.27 -46.64 -14.88
C LYS A 75 13.28 -47.73 -14.49
N PHE A 76 12.15 -47.77 -15.20
CA PHE A 76 11.09 -48.72 -14.91
C PHE A 76 10.55 -49.28 -16.22
N LYS A 77 10.05 -50.51 -16.14
CA LYS A 77 9.34 -51.18 -17.23
C LYS A 77 7.96 -51.52 -16.72
N GLY A 78 6.94 -50.88 -17.30
CA GLY A 78 5.58 -51.03 -16.83
C GLY A 78 4.56 -50.95 -17.95
N PRO A 79 3.28 -51.05 -17.62
CA PRO A 79 2.25 -50.98 -18.66
C PRO A 79 2.24 -49.68 -19.43
N MET A 80 2.54 -48.56 -18.77
CA MET A 80 2.47 -47.24 -19.38
C MET A 80 3.87 -46.70 -19.65
N THR A 81 3.99 -45.95 -20.76
CA THR A 81 5.29 -45.43 -21.16
C THR A 81 5.74 -44.28 -20.26
N VAL A 82 4.82 -43.37 -19.93
CA VAL A 82 5.14 -42.15 -19.19
C VAL A 82 4.20 -42.06 -17.99
N LEU A 83 4.77 -41.86 -16.82
CA LEU A 83 4.01 -41.63 -15.59
C LEU A 83 3.96 -40.13 -15.33
N ARG A 84 2.74 -39.59 -15.30
CA ARG A 84 2.52 -38.17 -15.04
C ARG A 84 2.17 -38.02 -13.56
N LEU A 85 3.22 -37.98 -12.73
CA LEU A 85 2.98 -37.95 -11.29
C LEU A 85 2.68 -36.53 -10.83
N ASN A 86 2.13 -36.43 -9.63
CA ASN A 86 1.80 -35.14 -9.05
C ASN A 86 3.05 -34.51 -8.46
N ASN A 87 2.88 -33.30 -7.92
CA ASN A 87 4.00 -32.57 -7.36
C ASN A 87 4.59 -33.22 -6.11
N LEU A 88 3.85 -34.12 -5.46
CA LEU A 88 4.32 -34.70 -4.21
C LEU A 88 5.58 -35.54 -4.42
N MET A 89 5.68 -36.20 -5.57
CA MET A 89 6.88 -36.99 -5.85
C MET A 89 8.12 -36.11 -5.93
N ALA A 90 7.96 -34.86 -6.39
CA ALA A 90 9.10 -33.97 -6.56
C ALA A 90 9.82 -33.71 -5.24
N SER A 91 9.11 -33.79 -4.11
CA SER A 91 9.76 -33.60 -2.83
C SER A 91 10.70 -34.76 -2.50
N LYS A 92 10.40 -35.96 -2.96
CA LYS A 92 11.15 -37.18 -2.63
C LYS A 92 12.03 -37.62 -3.79
N ILE A 93 12.63 -36.68 -4.50
CA ILE A 93 13.39 -37.00 -5.71
C ILE A 93 14.43 -35.90 -5.89
N TRP A 94 15.55 -36.25 -6.53
CA TRP A 94 16.57 -35.25 -6.79
C TRP A 94 16.11 -34.31 -7.90
N THR A 95 16.36 -33.03 -7.72
CA THR A 95 16.06 -31.99 -8.69
C THR A 95 17.20 -30.99 -8.70
N PRO A 96 17.40 -30.28 -9.81
CA PRO A 96 18.50 -29.31 -9.84
C PRO A 96 18.26 -28.14 -8.91
N ASP A 97 19.34 -27.44 -8.59
CA ASP A 97 19.37 -26.33 -7.65
C ASP A 97 19.29 -24.99 -8.35
N THR A 98 18.51 -24.91 -9.43
CA THR A 98 18.51 -23.72 -10.27
C THR A 98 18.00 -22.51 -9.51
N PHE A 99 18.64 -21.37 -9.75
CA PHE A 99 18.22 -20.11 -9.16
C PHE A 99 18.64 -18.98 -10.10
N PHE A 100 17.97 -17.84 -9.94
CA PHE A 100 18.18 -16.68 -10.80
C PHE A 100 19.19 -15.74 -10.15
N HIS A 101 20.28 -15.47 -10.86
CA HIS A 101 21.36 -14.66 -10.29
C HIS A 101 20.89 -13.24 -9.99
N ASN A 102 20.09 -12.66 -10.88
CA ASN A 102 19.66 -11.27 -10.77
C ASN A 102 18.28 -11.12 -10.14
N GLY A 103 17.72 -12.19 -9.56
CA GLY A 103 16.42 -12.07 -8.94
C GLY A 103 16.47 -11.22 -7.69
N LYS A 104 15.32 -10.65 -7.35
CA LYS A 104 15.17 -9.81 -6.15
C LYS A 104 14.24 -10.46 -5.13
N LYS A 105 13.03 -10.81 -5.53
CA LYS A 105 12.08 -11.46 -4.62
C LYS A 105 11.10 -12.24 -5.49
N SER A 106 11.30 -13.56 -5.56
CA SER A 106 10.52 -14.42 -6.44
C SER A 106 9.66 -15.35 -5.59
N VAL A 107 8.50 -15.70 -6.11
CA VAL A 107 7.56 -16.60 -5.45
C VAL A 107 7.21 -17.71 -6.42
N ALA A 108 7.26 -18.96 -5.94
CA ALA A 108 6.78 -20.11 -6.69
C ALA A 108 5.32 -20.30 -6.34
N HIS A 109 4.44 -20.13 -7.32
CA HIS A 109 3.01 -20.15 -7.06
C HIS A 109 2.57 -21.52 -6.57
N ASN A 110 1.75 -21.53 -5.52
CA ASN A 110 1.24 -22.74 -4.91
C ASN A 110 -0.25 -22.61 -4.64
N MET A 111 -0.97 -22.01 -5.59
CA MET A 111 -2.41 -21.89 -5.46
C MET A 111 -3.06 -23.26 -5.57
N THR A 112 -4.01 -23.53 -4.67
CA THR A 112 -4.67 -24.82 -4.57
C THR A 112 -3.66 -25.88 -4.15
N MET A 113 -2.79 -26.29 -5.06
CA MET A 113 -1.70 -27.22 -4.84
C MET A 113 -0.43 -26.57 -5.36
N PRO A 114 0.75 -27.07 -4.97
CA PRO A 114 1.99 -26.57 -5.55
C PRO A 114 2.01 -26.74 -7.07
N ASN A 115 2.28 -25.65 -7.77
CA ASN A 115 2.25 -25.64 -9.24
C ASN A 115 3.55 -26.25 -9.74
N LYS A 116 3.61 -27.58 -9.70
CA LYS A 116 4.76 -28.33 -10.19
C LYS A 116 4.26 -29.55 -10.94
N LEU A 117 4.84 -29.78 -12.10
CA LEU A 117 4.52 -30.91 -12.96
C LEU A 117 5.74 -31.82 -13.03
N LEU A 118 5.53 -33.11 -12.77
CA LEU A 118 6.59 -34.11 -12.82
C LEU A 118 6.16 -35.25 -13.72
N ARG A 119 6.99 -35.55 -14.72
CA ARG A 119 6.74 -36.65 -15.64
C ARG A 119 7.98 -37.51 -15.76
N ILE A 120 7.80 -38.82 -15.68
CA ILE A 120 8.90 -39.78 -15.72
C ILE A 120 8.69 -40.71 -16.90
N THR A 121 9.70 -40.86 -17.73
CA THR A 121 9.67 -41.70 -18.92
C THR A 121 10.36 -43.02 -18.63
N GLU A 122 10.01 -44.05 -19.40
CA GLU A 122 10.55 -45.39 -19.16
C GLU A 122 12.07 -45.45 -19.31
N ASP A 123 12.66 -44.53 -20.04
CA ASP A 123 14.11 -44.49 -20.23
C ASP A 123 14.83 -43.82 -19.07
N GLY A 124 14.12 -43.39 -18.03
CA GLY A 124 14.70 -42.62 -16.95
C GLY A 124 14.70 -41.13 -17.16
N THR A 125 14.29 -40.65 -18.33
CA THR A 125 14.22 -39.21 -18.56
C THR A 125 13.14 -38.61 -17.68
N LEU A 126 13.42 -37.42 -17.15
CA LEU A 126 12.52 -36.69 -16.29
C LEU A 126 12.16 -35.37 -16.93
N LEU A 127 10.98 -34.87 -16.58
CA LEU A 127 10.55 -33.53 -16.97
C LEU A 127 9.92 -32.89 -15.75
N TYR A 128 10.46 -31.74 -15.35
CA TYR A 128 10.07 -31.05 -14.13
C TYR A 128 9.78 -29.60 -14.52
N THR A 129 8.50 -29.23 -14.51
CA THR A 129 8.06 -27.90 -14.88
C THR A 129 7.46 -27.22 -13.67
N MET A 130 7.59 -25.89 -13.61
CA MET A 130 6.99 -25.17 -12.50
C MET A 130 6.76 -23.72 -12.89
N ARG A 131 5.69 -23.15 -12.34
CA ARG A 131 5.24 -21.81 -12.67
C ARG A 131 5.88 -20.83 -11.69
N LEU A 132 6.69 -19.92 -12.20
CA LEU A 132 7.43 -18.95 -11.40
C LEU A 132 7.01 -17.54 -11.75
N THR A 133 7.13 -16.66 -10.76
CA THR A 133 6.94 -15.22 -10.92
C THR A 133 8.23 -14.56 -10.43
N VAL A 134 9.13 -14.24 -11.36
CA VAL A 134 10.44 -13.70 -11.04
C VAL A 134 10.39 -12.19 -11.13
N ARG A 135 10.82 -11.52 -10.06
CA ARG A 135 10.93 -10.07 -10.02
C ARG A 135 12.43 -9.74 -10.06
N ALA A 136 12.96 -9.62 -11.27
CA ALA A 136 14.40 -9.47 -11.47
C ALA A 136 14.79 -8.01 -11.52
N GLU A 137 16.09 -7.76 -11.36
CA GLU A 137 16.65 -6.42 -11.42
C GLU A 137 17.24 -6.18 -12.79
N CYS A 138 16.93 -5.03 -13.38
CA CYS A 138 17.37 -4.65 -14.72
C CYS A 138 18.16 -3.36 -14.64
N PRO A 139 19.44 -3.30 -15.06
CA PRO A 139 20.11 -2.00 -15.11
C PRO A 139 19.46 -1.11 -16.16
N MET A 140 19.51 0.20 -15.92
CA MET A 140 18.80 1.19 -16.72
C MET A 140 19.73 2.37 -16.96
N HIS A 141 20.36 2.40 -18.14
CA HIS A 141 21.13 3.56 -18.57
C HIS A 141 20.15 4.59 -19.10
N LEU A 142 19.73 5.51 -18.23
CA LEU A 142 18.72 6.50 -18.55
C LEU A 142 19.31 7.79 -19.11
N GLU A 143 20.46 7.70 -19.77
CA GLU A 143 21.08 8.89 -20.33
C GLU A 143 20.19 9.54 -21.40
N ASP A 144 19.58 8.72 -22.25
CA ASP A 144 18.68 9.18 -23.31
C ASP A 144 17.22 9.11 -22.90
N PHE A 145 16.94 9.29 -21.62
CA PHE A 145 15.57 9.25 -21.13
C PHE A 145 14.76 10.37 -21.78
N PRO A 146 13.49 10.14 -22.14
CA PRO A 146 12.63 8.96 -22.10
C PRO A 146 12.64 8.17 -23.41
N MET A 147 13.68 8.37 -24.23
CA MET A 147 13.77 7.80 -25.56
C MET A 147 14.93 6.82 -25.64
N ASP A 148 15.05 5.97 -24.63
CA ASP A 148 16.19 5.07 -24.46
C ASP A 148 15.73 3.63 -24.53
N ALA A 149 16.40 2.84 -25.37
CA ALA A 149 16.19 1.41 -25.37
C ALA A 149 16.92 0.78 -24.19
N HIS A 150 16.58 -0.48 -23.91
CA HIS A 150 17.17 -1.21 -22.80
C HIS A 150 17.28 -2.67 -23.17
N ALA A 151 18.18 -3.38 -22.49
CA ALA A 151 18.36 -4.82 -22.64
C ALA A 151 18.34 -5.40 -21.24
N CYS A 152 17.14 -5.71 -20.75
CA CYS A 152 17.02 -6.22 -19.40
C CYS A 152 17.40 -7.70 -19.37
N PRO A 153 18.36 -8.12 -18.55
CA PRO A 153 18.78 -9.52 -18.58
C PRO A 153 18.01 -10.38 -17.59
N LEU A 154 18.06 -11.69 -17.85
CA LEU A 154 17.59 -12.69 -16.91
C LEU A 154 18.61 -13.82 -16.95
N LYS A 155 19.32 -14.02 -15.85
CA LYS A 155 20.37 -15.02 -15.74
C LYS A 155 19.96 -16.07 -14.73
N PHE A 156 20.25 -17.33 -15.02
CA PHE A 156 19.98 -18.39 -14.06
C PHE A 156 21.05 -19.47 -14.17
N GLY A 157 21.16 -20.26 -13.11
CA GLY A 157 22.13 -21.33 -13.07
C GLY A 157 22.05 -22.04 -11.74
N SER A 158 22.84 -23.11 -11.62
CA SER A 158 22.87 -23.86 -10.38
C SER A 158 23.53 -23.04 -9.28
N TYR A 159 23.06 -23.25 -8.04
CA TYR A 159 23.61 -22.56 -6.89
C TYR A 159 24.79 -23.33 -6.29
N ALA A 160 24.60 -24.62 -6.02
CA ALA A 160 25.60 -25.40 -5.30
C ALA A 160 26.57 -26.13 -6.21
N TYR A 161 26.10 -26.65 -7.34
CA TYR A 161 26.90 -27.49 -8.21
C TYR A 161 27.70 -26.64 -9.17
N THR A 162 29.01 -26.92 -9.27
CA THR A 162 29.89 -26.20 -10.16
C THR A 162 29.72 -26.70 -11.59
N ARG A 163 30.55 -26.17 -12.49
CA ARG A 163 30.47 -26.60 -13.88
C ARG A 163 30.87 -28.06 -14.05
N ALA A 164 31.76 -28.56 -13.19
CA ALA A 164 32.20 -29.94 -13.30
C ALA A 164 31.14 -30.95 -12.90
N GLU A 165 30.06 -30.52 -12.26
CA GLU A 165 29.02 -31.39 -11.73
C GLU A 165 27.72 -31.30 -12.51
N VAL A 166 27.16 -30.10 -12.64
CA VAL A 166 25.90 -29.86 -13.34
C VAL A 166 26.16 -28.85 -14.44
N VAL A 167 25.78 -29.20 -15.66
CA VAL A 167 25.93 -28.33 -16.83
C VAL A 167 24.56 -28.17 -17.46
N TYR A 168 24.13 -26.93 -17.63
CA TYR A 168 22.82 -26.66 -18.21
C TYR A 168 22.95 -26.52 -19.72
N GLU A 169 21.84 -26.77 -20.42
CA GLU A 169 21.77 -26.59 -21.86
C GLU A 169 20.38 -26.10 -22.23
N TRP A 170 20.29 -25.47 -23.39
CA TRP A 170 18.98 -25.14 -23.95
C TRP A 170 18.37 -26.40 -24.56
N THR A 171 17.07 -26.58 -24.33
CA THR A 171 16.40 -27.80 -24.76
C THR A 171 16.43 -27.95 -26.28
N ARG A 172 15.73 -27.07 -26.97
CA ARG A 172 15.75 -27.01 -28.42
C ARG A 172 16.81 -25.97 -28.84
N GLU A 173 16.78 -25.54 -30.09
CA GLU A 173 17.69 -24.50 -30.54
C GLU A 173 17.51 -23.25 -29.69
N PRO A 174 18.59 -22.51 -29.37
CA PRO A 174 18.42 -21.38 -28.43
C PRO A 174 17.46 -20.31 -28.93
N ALA A 175 17.38 -20.09 -30.24
CA ALA A 175 16.48 -19.07 -30.76
C ALA A 175 15.03 -19.39 -30.41
N ARG A 176 14.64 -20.65 -30.55
CA ARG A 176 13.29 -21.09 -30.25
C ARG A 176 13.09 -21.51 -28.80
N SER A 177 14.15 -21.50 -27.98
CA SER A 177 14.03 -22.00 -26.62
C SER A 177 13.11 -21.11 -25.79
N VAL A 178 13.50 -19.85 -25.60
CA VAL A 178 12.67 -18.91 -24.86
C VAL A 178 11.55 -18.43 -25.76
N VAL A 179 10.31 -18.59 -25.29
CA VAL A 179 9.12 -18.24 -26.06
C VAL A 179 8.25 -17.34 -25.21
N VAL A 180 7.71 -16.29 -25.83
CA VAL A 180 6.87 -15.31 -25.16
C VAL A 180 5.46 -15.43 -25.73
N ALA A 181 4.48 -15.60 -24.84
CA ALA A 181 3.09 -15.65 -25.26
C ALA A 181 2.68 -14.30 -25.85
N GLU A 182 1.85 -14.36 -26.89
CA GLU A 182 1.50 -13.13 -27.60
C GLU A 182 0.51 -12.30 -26.81
N ASP A 183 -0.51 -12.93 -26.22
CA ASP A 183 -1.53 -12.17 -25.51
C ASP A 183 -0.98 -11.56 -24.22
N GLY A 184 -0.07 -12.25 -23.55
CA GLY A 184 0.45 -11.77 -22.29
C GLY A 184 1.55 -10.73 -22.43
N SER A 185 1.16 -9.50 -22.76
CA SER A 185 2.11 -8.41 -22.89
C SER A 185 2.36 -7.74 -21.55
N ARG A 186 1.32 -7.17 -20.94
CA ARG A 186 1.40 -6.51 -19.64
C ARG A 186 2.47 -5.42 -19.61
N LEU A 187 2.68 -4.75 -20.73
CA LEU A 187 3.60 -3.63 -20.83
C LEU A 187 2.81 -2.38 -21.17
N ASN A 188 2.80 -1.41 -20.25
CA ASN A 188 2.03 -0.19 -20.46
C ASN A 188 2.76 0.76 -21.41
N GLN A 189 4.02 1.08 -21.10
CA GLN A 189 4.77 2.11 -21.81
C GLN A 189 6.08 1.57 -22.37
N TYR A 190 6.13 0.27 -22.66
CA TYR A 190 7.30 -0.37 -23.23
C TYR A 190 6.86 -1.29 -24.35
N ASP A 191 7.78 -1.48 -25.31
CA ASP A 191 7.58 -2.38 -26.43
C ASP A 191 8.73 -3.37 -26.47
N LEU A 192 8.41 -4.65 -26.56
CA LEU A 192 9.40 -5.71 -26.52
C LEU A 192 9.87 -6.01 -27.94
N LEU A 193 11.16 -5.77 -28.19
CA LEU A 193 11.74 -5.89 -29.53
C LEU A 193 12.49 -7.21 -29.70
N GLY A 194 11.97 -8.28 -29.13
CA GLY A 194 12.62 -9.58 -29.21
C GLY A 194 13.63 -9.78 -28.12
N GLN A 195 14.20 -10.99 -28.10
CA GLN A 195 15.14 -11.39 -27.06
C GLN A 195 16.30 -12.15 -27.69
N THR A 196 17.41 -12.16 -26.97
CA THR A 196 18.62 -12.88 -27.38
C THR A 196 19.12 -13.71 -26.21
N VAL A 197 19.40 -14.98 -26.46
CA VAL A 197 19.82 -15.91 -25.43
C VAL A 197 21.30 -16.24 -25.61
N ASP A 198 21.90 -16.75 -24.55
CA ASP A 198 23.30 -17.18 -24.59
C ASP A 198 23.62 -17.92 -23.30
N SER A 199 24.78 -18.56 -23.30
CA SER A 199 25.28 -19.31 -22.16
C SER A 199 26.74 -18.96 -21.94
N GLY A 200 27.19 -19.12 -20.70
CA GLY A 200 28.57 -18.81 -20.38
C GLY A 200 28.98 -19.41 -19.07
N ILE A 201 30.24 -19.18 -18.71
CA ILE A 201 30.83 -19.67 -17.47
C ILE A 201 31.19 -18.46 -16.61
N VAL A 202 30.76 -18.49 -15.36
CA VAL A 202 31.02 -17.43 -14.39
C VAL A 202 31.91 -18.01 -13.30
N GLN A 203 33.08 -17.40 -13.13
CA GLN A 203 33.97 -17.77 -12.04
C GLN A 203 33.56 -17.05 -10.77
N SER A 204 33.73 -17.73 -9.64
CA SER A 204 33.35 -17.19 -8.34
C SER A 204 34.31 -17.73 -7.29
N SER A 205 34.02 -17.42 -6.03
CA SER A 205 34.88 -17.91 -4.94
C SER A 205 34.84 -19.43 -4.86
N THR A 206 33.65 -20.02 -4.98
CA THR A 206 33.53 -21.46 -4.82
C THR A 206 34.06 -22.21 -6.05
N GLY A 207 33.77 -21.71 -7.25
CA GLY A 207 34.25 -22.35 -8.45
C GLY A 207 33.55 -21.81 -9.67
N GLU A 208 33.76 -22.48 -10.80
CA GLU A 208 33.11 -22.12 -12.05
C GLU A 208 31.68 -22.62 -12.04
N TYR A 209 30.78 -21.80 -12.58
CA TYR A 209 29.36 -22.14 -12.67
C TYR A 209 28.87 -21.83 -14.07
N VAL A 210 27.92 -22.63 -14.55
CA VAL A 210 27.29 -22.40 -15.85
C VAL A 210 26.13 -21.44 -15.63
N VAL A 211 26.18 -20.30 -16.30
CA VAL A 211 25.17 -19.26 -16.20
C VAL A 211 24.55 -19.05 -17.58
N MET A 212 23.23 -19.16 -17.65
CA MET A 212 22.48 -19.00 -18.89
C MET A 212 21.72 -17.70 -18.81
N THR A 213 21.94 -16.84 -19.81
CA THR A 213 21.41 -15.48 -19.83
C THR A 213 20.47 -15.32 -21.01
N THR A 214 19.45 -14.49 -20.81
CA THR A 214 18.56 -14.07 -21.89
C THR A 214 18.24 -12.60 -21.70
N HIS A 215 18.56 -11.79 -22.71
CA HIS A 215 18.30 -10.36 -22.68
C HIS A 215 17.02 -10.08 -23.44
N PHE A 216 16.12 -9.32 -22.82
CA PHE A 216 14.91 -8.84 -23.45
C PHE A 216 15.13 -7.38 -23.85
N HIS A 217 14.92 -7.08 -25.13
CA HIS A 217 15.10 -5.72 -25.64
C HIS A 217 13.81 -4.95 -25.50
N LEU A 218 13.89 -3.76 -24.90
CA LEU A 218 12.73 -2.93 -24.61
C LEU A 218 12.94 -1.55 -25.19
N LYS A 219 11.85 -0.94 -25.65
CA LYS A 219 11.85 0.42 -26.18
C LYS A 219 10.74 1.20 -25.51
N ARG A 220 11.07 2.41 -25.04
CA ARG A 220 10.09 3.25 -24.39
C ARG A 220 9.10 3.79 -25.41
N LYS A 221 7.84 3.91 -24.99
CA LYS A 221 6.81 4.59 -25.77
C LYS A 221 6.72 6.03 -25.29
N ILE A 222 6.83 6.96 -26.25
CA ILE A 222 7.05 8.37 -25.91
C ILE A 222 5.76 9.17 -25.75
N GLY A 223 4.61 8.63 -26.19
CA GLY A 223 3.41 9.45 -26.26
C GLY A 223 2.98 10.04 -24.94
N TYR A 224 3.03 9.23 -23.88
CA TYR A 224 2.64 9.72 -22.56
C TYR A 224 3.55 10.85 -22.11
N PHE A 225 4.85 10.67 -22.29
CA PHE A 225 5.80 11.67 -21.79
C PHE A 225 5.71 12.96 -22.58
N VAL A 226 5.60 12.88 -23.92
CA VAL A 226 5.50 14.09 -24.71
C VAL A 226 4.23 14.85 -24.33
N ILE A 227 3.10 14.13 -24.25
CA ILE A 227 1.83 14.80 -23.93
C ILE A 227 1.87 15.38 -22.52
N GLN A 228 2.53 14.70 -21.60
CA GLN A 228 2.51 15.14 -20.20
C GLN A 228 3.41 16.35 -20.00
N THR A 229 4.59 16.36 -20.61
CA THR A 229 5.62 17.36 -20.32
C THR A 229 5.85 18.35 -21.45
N TYR A 230 6.14 17.89 -22.67
CA TYR A 230 6.69 18.80 -23.67
C TYR A 230 5.62 19.76 -24.18
N LEU A 231 4.38 19.29 -24.31
CA LEU A 231 3.32 20.18 -24.75
C LEU A 231 3.08 21.32 -23.78
N PRO A 232 2.91 21.09 -22.47
CA PRO A 232 2.80 22.22 -21.54
C PRO A 232 4.00 23.16 -21.58
N CYS A 233 5.21 22.64 -21.67
CA CYS A 233 6.38 23.51 -21.72
C CYS A 233 6.39 24.34 -23.00
N ILE A 234 6.03 23.73 -24.13
CA ILE A 234 5.96 24.46 -25.39
C ILE A 234 4.91 25.55 -25.31
N MET A 235 3.76 25.25 -24.70
CA MET A 235 2.72 26.27 -24.56
C MET A 235 3.19 27.41 -23.67
N THR A 236 3.89 27.10 -22.58
CA THR A 236 4.35 28.16 -21.69
C THR A 236 5.37 29.06 -22.38
N VAL A 237 6.31 28.48 -23.12
CA VAL A 237 7.27 29.34 -23.82
C VAL A 237 6.56 30.11 -24.93
N ILE A 238 5.52 29.54 -25.54
CA ILE A 238 4.77 30.31 -26.55
C ILE A 238 4.04 31.47 -25.88
N LEU A 239 3.57 31.29 -24.66
CA LEU A 239 3.00 32.40 -23.90
C LEU A 239 4.05 33.49 -23.70
N SER A 240 5.27 33.09 -23.35
CA SER A 240 6.35 34.06 -23.23
C SER A 240 6.60 34.77 -24.56
N GLN A 241 6.51 34.03 -25.66
CA GLN A 241 6.70 34.64 -26.98
C GLN A 241 5.65 35.69 -27.26
N VAL A 242 4.38 35.34 -27.10
CA VAL A 242 3.31 36.28 -27.42
C VAL A 242 3.27 37.44 -26.43
N SER A 243 3.93 37.31 -25.27
CA SER A 243 4.07 38.46 -24.38
C SER A 243 4.78 39.63 -25.03
N PHE A 244 5.63 39.39 -26.04
CA PHE A 244 6.37 40.49 -26.65
C PHE A 244 5.44 41.44 -27.39
N TRP A 245 4.42 40.90 -28.06
CA TRP A 245 3.69 41.64 -29.07
C TRP A 245 2.84 42.77 -28.50
N LEU A 246 2.65 42.84 -27.20
CA LEU A 246 1.82 43.90 -26.64
C LEU A 246 2.57 45.22 -26.62
N ASN A 247 1.80 46.30 -26.44
CA ASN A 247 2.38 47.63 -26.38
C ASN A 247 3.31 47.75 -25.18
N ARG A 248 4.37 48.55 -25.35
CA ARG A 248 5.39 48.68 -24.31
C ARG A 248 4.83 49.32 -23.05
N GLU A 249 3.92 50.28 -23.21
CA GLU A 249 3.41 51.04 -22.07
C GLU A 249 2.60 50.19 -21.10
N SER A 250 2.14 49.01 -21.52
CA SER A 250 1.37 48.12 -20.63
C SER A 250 2.35 47.31 -19.79
N VAL A 251 3.06 48.02 -18.91
CA VAL A 251 4.10 47.39 -18.11
C VAL A 251 3.54 46.30 -17.18
N PRO A 252 2.45 46.53 -16.44
CA PRO A 252 1.93 45.45 -15.58
C PRO A 252 1.54 44.20 -16.37
N ALA A 253 1.02 44.37 -17.59
CA ALA A 253 0.63 43.23 -18.40
C ALA A 253 1.81 42.32 -18.69
N ARG A 254 2.86 42.87 -19.30
CA ARG A 254 4.03 42.06 -19.63
C ARG A 254 4.70 41.52 -18.38
N THR A 255 4.68 42.30 -17.29
CA THR A 255 5.21 41.81 -16.03
C THR A 255 4.49 40.55 -15.59
N VAL A 256 3.15 40.55 -15.66
CA VAL A 256 2.41 39.39 -15.18
C VAL A 256 2.55 38.20 -16.15
N PHE A 257 2.68 38.45 -17.46
CA PHE A 257 3.05 37.35 -18.35
C PHE A 257 4.36 36.69 -17.92
N GLY A 258 5.41 37.48 -17.73
CA GLY A 258 6.68 36.90 -17.33
C GLY A 258 6.58 36.14 -16.02
N VAL A 259 5.91 36.76 -15.04
CA VAL A 259 5.70 36.16 -13.72
C VAL A 259 5.02 34.80 -13.86
N THR A 260 3.80 34.80 -14.40
CA THR A 260 3.00 33.58 -14.43
C THR A 260 3.64 32.52 -15.32
N THR A 261 4.29 32.92 -16.41
CA THR A 261 4.98 31.94 -17.23
C THR A 261 6.07 31.25 -16.45
N VAL A 262 6.87 32.00 -15.68
CA VAL A 262 7.92 31.36 -14.91
C VAL A 262 7.33 30.47 -13.82
N LEU A 263 6.25 30.92 -13.17
CA LEU A 263 5.63 30.12 -12.11
C LEU A 263 5.10 28.81 -12.68
N THR A 264 4.37 28.89 -13.79
CA THR A 264 3.84 27.68 -14.42
C THR A 264 4.97 26.76 -14.85
N MET A 265 6.05 27.32 -15.40
CA MET A 265 7.16 26.48 -15.82
C MET A 265 7.81 25.79 -14.65
N THR A 266 7.95 26.48 -13.52
CA THR A 266 8.54 25.84 -12.34
C THR A 266 7.66 24.69 -11.86
N THR A 267 6.34 24.91 -11.79
CA THR A 267 5.46 23.83 -11.35
C THR A 267 5.51 22.64 -12.30
N LEU A 268 5.49 22.90 -13.62
CA LEU A 268 5.57 21.81 -14.59
C LEU A 268 6.91 21.09 -14.50
N SER A 269 7.99 21.83 -14.24
CA SER A 269 9.29 21.19 -14.10
C SER A 269 9.32 20.27 -12.89
N ILE A 270 8.74 20.72 -11.77
CA ILE A 270 8.69 19.85 -10.59
C ILE A 270 7.86 18.61 -10.88
N SER A 271 6.71 18.80 -11.52
CA SER A 271 5.83 17.66 -11.82
C SER A 271 6.50 16.67 -12.75
N ALA A 272 7.22 17.15 -13.76
CA ALA A 272 7.96 16.26 -14.64
C ALA A 272 9.10 15.58 -13.90
N ARG A 273 9.73 16.28 -12.95
CA ARG A 273 10.90 15.74 -12.28
C ARG A 273 10.54 14.62 -11.31
N ASN A 274 9.36 14.69 -10.68
CA ASN A 274 9.04 13.66 -9.69
C ASN A 274 8.93 12.27 -10.30
N SER A 275 8.66 12.17 -11.61
CA SER A 275 8.44 10.88 -12.24
C SER A 275 9.75 10.10 -12.45
N LEU A 276 10.86 10.79 -12.64
CA LEU A 276 12.12 10.12 -12.93
C LEU A 276 12.70 9.51 -11.65
N PRO A 277 13.62 8.56 -11.77
CA PRO A 277 14.37 8.10 -10.59
C PRO A 277 15.45 9.11 -10.22
N LYS A 278 16.22 8.77 -9.18
CA LYS A 278 17.20 9.69 -8.61
C LYS A 278 18.56 9.59 -9.31
N VAL A 279 18.57 9.73 -10.63
CA VAL A 279 19.81 9.65 -11.40
C VAL A 279 20.52 11.00 -11.32
N ALA A 280 21.85 10.95 -11.19
CA ALA A 280 22.67 12.15 -11.02
C ALA A 280 23.25 12.59 -12.36
N TYR A 281 22.36 12.87 -13.32
CA TYR A 281 22.77 13.46 -14.58
C TYR A 281 21.54 13.87 -15.37
N ALA A 282 21.64 15.02 -16.03
CA ALA A 282 20.56 15.48 -16.90
C ALA A 282 20.48 14.57 -18.11
N THR A 283 19.29 14.00 -18.36
CA THR A 283 19.17 12.94 -19.37
C THR A 283 18.76 13.48 -20.73
N ALA A 284 17.49 13.84 -20.89
CA ALA A 284 17.05 14.68 -22.00
C ALA A 284 15.93 15.64 -21.63
N MET A 285 15.11 15.32 -20.63
CA MET A 285 14.07 16.24 -20.19
C MET A 285 14.65 17.36 -19.36
N ASP A 286 15.75 17.09 -18.64
CA ASP A 286 16.42 18.15 -17.91
C ASP A 286 16.98 19.19 -18.87
N TRP A 287 17.56 18.76 -19.99
CA TRP A 287 18.06 19.71 -20.97
C TRP A 287 16.93 20.54 -21.55
N PHE A 288 15.80 19.90 -21.89
CA PHE A 288 14.66 20.63 -22.43
C PHE A 288 14.13 21.64 -21.42
N ILE A 289 14.02 21.23 -20.16
CA ILE A 289 13.49 22.12 -19.13
C ILE A 289 14.44 23.28 -18.90
N ALA A 290 15.76 23.03 -18.92
CA ALA A 290 16.72 24.11 -18.76
C ALA A 290 16.65 25.10 -19.91
N VAL A 291 16.52 24.58 -21.14
CA VAL A 291 16.42 25.48 -22.28
C VAL A 291 15.14 26.32 -22.20
N CYS A 292 14.06 25.71 -21.74
CA CYS A 292 12.80 26.45 -21.64
C CYS A 292 12.84 27.47 -20.51
N TYR A 293 13.50 27.15 -19.38
CA TYR A 293 13.85 28.18 -18.41
C TYR A 293 14.53 29.35 -19.10
N ALA A 294 15.65 29.07 -19.77
CA ALA A 294 16.44 30.12 -20.40
C ALA A 294 15.59 30.97 -21.33
N PHE A 295 14.66 30.34 -22.06
CA PHE A 295 13.78 31.10 -22.93
C PHE A 295 12.87 32.04 -22.15
N VAL A 296 12.18 31.53 -21.11
CA VAL A 296 11.23 32.39 -20.41
C VAL A 296 11.94 33.50 -19.64
N PHE A 297 13.08 33.19 -19.02
CA PHE A 297 13.81 34.23 -18.30
C PHE A 297 14.43 35.23 -19.27
N SER A 298 14.86 34.79 -20.45
CA SER A 298 15.32 35.74 -21.45
C SER A 298 14.20 36.67 -21.88
N ALA A 299 13.00 36.14 -22.05
CA ALA A 299 11.86 36.98 -22.41
C ALA A 299 11.59 38.03 -21.32
N LEU A 300 11.55 37.60 -20.06
CA LEU A 300 11.29 38.55 -18.99
C LEU A 300 12.42 39.57 -18.86
N ILE A 301 13.66 39.13 -19.05
CA ILE A 301 14.79 40.02 -18.91
C ILE A 301 14.79 41.08 -20.01
N GLU A 302 14.53 40.69 -21.25
CA GLU A 302 14.55 41.70 -22.30
C GLU A 302 13.33 42.61 -22.18
N PHE A 303 12.22 42.12 -21.62
CA PHE A 303 11.13 43.02 -21.30
C PHE A 303 11.58 44.08 -20.30
N ALA A 304 12.29 43.65 -19.26
CA ALA A 304 12.81 44.61 -18.29
C ALA A 304 13.76 45.59 -18.95
N THR A 305 14.56 45.11 -19.91
CA THR A 305 15.50 45.99 -20.61
C THR A 305 14.75 47.07 -21.40
N VAL A 306 13.78 46.65 -22.22
CA VAL A 306 13.06 47.64 -23.03
C VAL A 306 12.26 48.58 -22.15
N ASN A 307 11.74 48.09 -21.01
CA ASN A 307 11.08 48.98 -20.07
C ASN A 307 12.07 50.01 -19.52
N TYR A 308 13.31 49.58 -19.25
CA TYR A 308 14.32 50.52 -18.78
C TYR A 308 14.63 51.58 -19.83
N PHE A 309 14.72 51.17 -21.10
CA PHE A 309 15.00 52.09 -22.18
C PHE A 309 13.75 52.74 -22.77
N THR A 310 12.58 52.49 -22.20
CA THR A 310 11.35 53.00 -22.79
C THR A 310 11.24 54.52 -22.75
N LYS A 311 12.01 55.19 -21.89
CA LYS A 311 11.91 56.63 -21.68
C LYS A 311 13.15 57.40 -22.11
N SER A 312 14.35 56.90 -21.77
CA SER A 312 15.57 57.63 -22.13
C SER A 312 15.78 57.65 -23.63
N GLN A 313 15.67 56.48 -24.27
CA GLN A 313 15.96 56.31 -25.69
C GLN A 313 14.81 55.52 -26.32
N PRO A 314 13.65 56.18 -26.55
CA PRO A 314 12.48 55.51 -27.12
C PRO A 314 12.50 55.37 -28.65
N ALA A 315 13.66 54.99 -29.18
CA ALA A 315 13.85 54.58 -30.56
C ALA A 315 14.52 53.23 -30.67
N ARG A 316 15.46 52.92 -29.77
CA ARG A 316 16.05 51.60 -29.73
C ARG A 316 15.09 50.55 -29.18
N ALA A 317 14.07 50.96 -28.43
CA ALA A 317 13.12 50.00 -27.89
C ALA A 317 12.35 49.30 -28.99
N ALA A 318 11.92 50.04 -30.02
CA ALA A 318 11.21 49.43 -31.13
C ALA A 318 12.10 48.46 -31.88
N LYS A 319 13.36 48.83 -32.11
CA LYS A 319 14.29 47.92 -32.77
C LYS A 319 14.51 46.66 -31.95
N ILE A 320 14.63 46.81 -30.63
CA ILE A 320 14.82 45.65 -29.77
C ILE A 320 13.60 44.74 -29.81
N ASP A 321 12.41 45.32 -29.79
CA ASP A 321 11.19 44.52 -29.85
C ASP A 321 11.10 43.77 -31.18
N ARG A 322 11.41 44.46 -32.28
CA ARG A 322 11.38 43.79 -33.58
C ARG A 322 12.39 42.65 -33.62
N LEU A 323 13.60 42.90 -33.10
CA LEU A 323 14.62 41.86 -33.05
C LEU A 323 14.16 40.67 -32.23
N SER A 324 13.53 40.93 -31.09
CA SER A 324 13.03 39.84 -30.24
C SER A 324 11.98 39.02 -30.98
N ARG A 325 11.02 39.70 -31.62
CA ARG A 325 9.96 38.98 -32.33
C ARG A 325 10.53 38.11 -33.45
N ILE A 326 11.51 38.62 -34.20
CA ILE A 326 12.03 37.80 -35.29
C ILE A 326 12.96 36.70 -34.77
N ALA A 327 13.63 36.93 -33.63
CA ALA A 327 14.72 36.06 -33.21
C ALA A 327 14.25 34.93 -32.29
N PHE A 328 13.52 35.26 -31.23
CA PHE A 328 13.18 34.25 -30.22
C PHE A 328 12.39 33.08 -30.79
N PRO A 329 11.31 33.27 -31.56
CA PRO A 329 10.61 32.11 -32.11
C PRO A 329 11.46 31.29 -33.07
N LEU A 330 12.24 31.96 -33.93
CA LEU A 330 13.10 31.22 -34.84
C LEU A 330 14.17 30.44 -34.10
N LEU A 331 14.75 31.05 -33.07
CA LEU A 331 15.77 30.37 -32.29
C LEU A 331 15.18 29.15 -31.58
N PHE A 332 13.99 29.30 -31.02
CA PHE A 332 13.33 28.15 -30.38
C PHE A 332 13.02 27.06 -31.40
N GLY A 333 12.58 27.46 -32.60
CA GLY A 333 12.28 26.47 -33.62
C GLY A 333 13.49 25.66 -34.03
N ILE A 334 14.61 26.35 -34.28
CA ILE A 334 15.81 25.61 -34.68
C ILE A 334 16.32 24.76 -33.53
N PHE A 335 16.21 25.24 -32.29
CA PHE A 335 16.59 24.42 -31.15
C PHE A 335 15.76 23.15 -31.09
N ASN A 336 14.45 23.26 -31.27
CA ASN A 336 13.59 22.08 -31.26
C ASN A 336 13.97 21.13 -32.38
N LEU A 337 14.22 21.68 -33.58
CA LEU A 337 14.57 20.83 -34.71
C LEU A 337 15.85 20.05 -34.45
N VAL A 338 16.90 20.74 -33.99
CA VAL A 338 18.17 20.06 -33.78
C VAL A 338 18.06 19.06 -32.63
N TYR A 339 17.34 19.42 -31.57
CA TYR A 339 17.18 18.52 -30.42
C TYR A 339 16.47 17.23 -30.85
N TRP A 340 15.33 17.37 -31.52
CA TRP A 340 14.58 16.19 -31.93
C TRP A 340 15.35 15.36 -32.95
N ALA A 341 16.04 16.02 -33.89
CA ALA A 341 16.82 15.28 -34.88
C ALA A 341 17.94 14.50 -34.20
N THR A 342 18.62 15.11 -33.24
CA THR A 342 19.72 14.42 -32.56
C THR A 342 19.20 13.24 -31.75
N TYR A 343 18.10 13.42 -31.02
CA TYR A 343 17.70 12.39 -30.06
C TYR A 343 16.90 11.27 -30.72
N LEU A 344 15.97 11.60 -31.63
CA LEU A 344 15.17 10.56 -32.26
C LEU A 344 16.02 9.65 -33.13
N ASN A 345 16.99 10.21 -33.85
CA ASN A 345 17.81 9.40 -34.75
C ASN A 345 18.65 8.38 -33.99
N ARG A 346 19.05 8.71 -32.76
CA ARG A 346 19.83 7.78 -31.94
C ARG A 346 19.02 6.54 -31.62
N ASN B 8 -23.15 -45.90 15.17
CA ASN B 8 -22.02 -46.16 16.05
C ASN B 8 -20.89 -45.16 15.78
N MET B 9 -20.01 -45.01 16.76
CA MET B 9 -18.86 -44.12 16.65
C MET B 9 -17.64 -44.84 16.10
N SER B 10 -17.26 -45.96 16.72
CA SER B 10 -16.07 -46.68 16.29
C SER B 10 -16.24 -47.28 14.91
N PHE B 11 -17.47 -47.59 14.51
CA PHE B 11 -17.70 -48.16 13.18
C PHE B 11 -17.28 -47.18 12.09
N VAL B 12 -17.67 -45.90 12.24
CA VAL B 12 -17.27 -44.89 11.27
C VAL B 12 -15.76 -44.70 11.29
N LYS B 13 -15.16 -44.75 12.49
CA LYS B 13 -13.72 -44.57 12.61
C LYS B 13 -12.97 -45.67 11.86
N GLU B 14 -13.32 -46.93 12.10
CA GLU B 14 -12.63 -48.01 11.43
C GLU B 14 -12.94 -48.03 9.94
N THR B 15 -14.14 -47.63 9.53
CA THR B 15 -14.43 -47.53 8.10
C THR B 15 -13.54 -46.49 7.44
N VAL B 16 -13.38 -45.33 8.07
CA VAL B 16 -12.53 -44.28 7.52
C VAL B 16 -11.09 -44.75 7.47
N ASP B 17 -10.64 -45.43 8.53
CA ASP B 17 -9.27 -45.95 8.54
C ASP B 17 -9.06 -46.96 7.41
N LYS B 18 -10.05 -47.82 7.19
CA LYS B 18 -9.96 -48.77 6.09
C LYS B 18 -9.89 -48.06 4.74
N LEU B 19 -10.63 -46.95 4.60
CA LEU B 19 -10.64 -46.21 3.34
C LEU B 19 -9.25 -45.69 3.01
N LEU B 20 -8.60 -45.03 3.96
CA LEU B 20 -7.30 -44.42 3.67
C LEU B 20 -6.21 -45.47 3.55
N LYS B 21 -6.38 -46.63 4.19
CA LYS B 21 -5.38 -47.67 4.07
C LYS B 21 -5.29 -48.16 2.64
N GLY B 22 -4.07 -48.25 2.12
CA GLY B 22 -3.87 -48.63 0.74
C GLY B 22 -4.15 -47.54 -0.27
N TYR B 23 -4.39 -46.31 0.17
CA TYR B 23 -4.70 -45.20 -0.72
C TYR B 23 -3.41 -44.50 -1.11
N ASP B 24 -3.09 -44.52 -2.40
CA ASP B 24 -1.86 -43.92 -2.92
C ASP B 24 -2.20 -42.55 -3.50
N ILE B 25 -1.92 -41.50 -2.72
CA ILE B 25 -2.25 -40.15 -3.14
C ILE B 25 -1.45 -39.71 -4.36
N ARG B 26 -0.32 -40.36 -4.65
CA ARG B 26 0.48 -39.96 -5.80
C ARG B 26 -0.25 -40.23 -7.12
N LEU B 27 -1.09 -41.26 -7.16
CA LEU B 27 -1.80 -41.67 -8.38
C LEU B 27 -3.21 -41.11 -8.36
N ARG B 28 -3.63 -40.56 -9.49
CA ARG B 28 -4.98 -40.03 -9.60
C ARG B 28 -5.99 -41.17 -9.68
N PRO B 29 -7.28 -40.90 -9.43
CA PRO B 29 -8.29 -41.94 -9.63
C PRO B 29 -8.35 -42.36 -11.09
N ASP B 30 -8.51 -43.66 -11.31
CA ASP B 30 -8.55 -44.24 -12.66
C ASP B 30 -7.27 -43.90 -13.42
N PHE B 31 -6.15 -44.37 -12.87
CA PHE B 31 -4.84 -43.96 -13.37
C PHE B 31 -4.62 -44.43 -14.80
N GLY B 32 -4.96 -45.68 -15.10
CA GLY B 32 -4.80 -46.21 -16.43
C GLY B 32 -6.00 -45.97 -17.34
N GLY B 33 -7.16 -45.71 -16.75
CA GLY B 33 -8.40 -45.63 -17.49
C GLY B 33 -8.63 -44.26 -18.09
N PRO B 34 -9.85 -44.01 -18.57
CA PRO B 34 -10.14 -42.71 -19.21
C PRO B 34 -10.04 -41.57 -18.21
N PRO B 35 -10.02 -40.33 -18.69
CA PRO B 35 -9.83 -39.20 -17.77
C PRO B 35 -10.99 -39.04 -16.80
N VAL B 36 -10.67 -38.51 -15.63
CA VAL B 36 -11.65 -38.23 -14.59
C VAL B 36 -12.27 -36.87 -14.85
N CYS B 37 -13.59 -36.77 -14.68
CA CYS B 37 -14.30 -35.52 -14.85
C CYS B 37 -14.39 -34.78 -13.52
N VAL B 38 -14.22 -33.46 -13.58
CA VAL B 38 -14.15 -32.61 -12.39
C VAL B 38 -15.08 -31.43 -12.62
N GLY B 39 -16.31 -31.52 -12.10
CA GLY B 39 -17.20 -30.39 -12.13
C GLY B 39 -16.77 -29.32 -11.15
N MET B 40 -17.11 -28.07 -11.46
CA MET B 40 -16.69 -26.94 -10.65
C MET B 40 -17.83 -25.94 -10.49
N ASN B 41 -17.86 -25.33 -9.31
CA ASN B 41 -18.77 -24.25 -8.97
C ASN B 41 -17.98 -23.13 -8.31
N ILE B 42 -18.40 -21.90 -8.56
CA ILE B 42 -17.79 -20.72 -7.97
C ILE B 42 -18.91 -19.86 -7.41
N ASP B 43 -18.73 -19.40 -6.17
CA ASP B 43 -19.66 -18.49 -5.51
C ASP B 43 -18.86 -17.27 -5.07
N ILE B 44 -19.08 -16.15 -5.74
CA ILE B 44 -18.24 -14.97 -5.53
C ILE B 44 -18.75 -14.20 -4.32
N ALA B 45 -17.90 -14.07 -3.31
CA ALA B 45 -18.25 -13.25 -2.16
C ALA B 45 -18.27 -11.78 -2.53
N SER B 46 -17.21 -11.30 -3.20
CA SER B 46 -17.13 -9.91 -3.62
C SER B 46 -15.89 -9.72 -4.48
N ILE B 47 -15.93 -8.69 -5.32
CA ILE B 47 -14.78 -8.20 -6.07
C ILE B 47 -14.40 -6.87 -5.43
N ASP B 48 -13.36 -6.87 -4.61
CA ASP B 48 -13.12 -5.72 -3.73
C ASP B 48 -12.37 -4.60 -4.44
N MET B 49 -11.11 -4.84 -4.82
CA MET B 49 -10.30 -3.85 -5.50
C MET B 49 -10.42 -3.99 -7.01
N VAL B 50 -10.41 -2.86 -7.70
CA VAL B 50 -10.13 -2.81 -9.13
C VAL B 50 -9.17 -1.65 -9.35
N SER B 51 -7.88 -1.95 -9.45
CA SER B 51 -6.84 -0.93 -9.44
C SER B 51 -6.38 -0.66 -10.87
N GLU B 52 -6.44 0.60 -11.28
CA GLU B 52 -5.91 1.01 -12.57
C GLU B 52 -4.41 1.23 -12.52
N VAL B 53 -3.85 1.53 -11.34
CA VAL B 53 -2.41 1.68 -11.23
C VAL B 53 -1.72 0.32 -11.35
N ASN B 54 -2.34 -0.75 -10.84
CA ASN B 54 -1.72 -2.06 -10.77
C ASN B 54 -2.17 -3.01 -11.89
N MET B 55 -3.25 -2.70 -12.60
CA MET B 55 -3.79 -3.56 -13.65
C MET B 55 -4.18 -4.94 -13.08
N ASP B 56 -5.09 -4.92 -12.12
CA ASP B 56 -5.53 -6.15 -11.48
C ASP B 56 -6.85 -5.90 -10.76
N TYR B 57 -7.36 -6.93 -10.09
CA TYR B 57 -8.56 -6.82 -9.28
C TYR B 57 -8.57 -7.99 -8.30
N THR B 58 -9.02 -7.70 -7.08
CA THR B 58 -9.12 -8.71 -6.04
C THR B 58 -10.48 -9.40 -6.11
N LEU B 59 -10.48 -10.71 -5.84
CA LEU B 59 -11.69 -11.51 -5.97
C LEU B 59 -11.65 -12.60 -4.91
N THR B 60 -12.69 -12.64 -4.08
CA THR B 60 -12.86 -13.67 -3.06
C THR B 60 -14.01 -14.59 -3.47
N MET B 61 -13.80 -15.90 -3.34
CA MET B 61 -14.79 -16.83 -3.84
C MET B 61 -14.71 -18.16 -3.09
N TYR B 62 -15.86 -18.79 -2.95
CA TYR B 62 -15.94 -20.19 -2.56
C TYR B 62 -15.85 -21.03 -3.83
N PHE B 63 -14.82 -21.84 -3.92
CA PHE B 63 -14.51 -22.62 -5.11
C PHE B 63 -14.70 -24.09 -4.76
N GLN B 64 -15.73 -24.71 -5.34
CA GLN B 64 -16.05 -26.11 -5.09
C GLN B 64 -15.67 -26.93 -6.31
N GLN B 65 -14.97 -28.04 -6.08
CA GLN B 65 -14.71 -29.04 -7.10
C GLN B 65 -15.41 -30.34 -6.70
N TYR B 66 -15.82 -31.11 -7.69
CA TYR B 66 -16.61 -32.31 -7.47
C TYR B 66 -16.18 -33.36 -8.47
N TRP B 67 -15.69 -34.50 -7.99
CA TRP B 67 -15.22 -35.56 -8.86
C TRP B 67 -15.58 -36.90 -8.26
N ARG B 68 -15.23 -37.97 -8.98
CA ARG B 68 -15.56 -39.33 -8.58
C ARG B 68 -14.27 -40.11 -8.33
N ASP B 69 -14.20 -40.75 -7.17
CA ASP B 69 -13.04 -41.56 -6.77
C ASP B 69 -13.56 -42.88 -6.25
N LYS B 70 -13.48 -43.93 -7.07
CA LYS B 70 -13.98 -45.24 -6.67
C LYS B 70 -13.18 -45.83 -5.53
N ARG B 71 -11.94 -45.39 -5.32
CA ARG B 71 -11.15 -45.91 -4.21
C ARG B 71 -11.74 -45.50 -2.87
N LEU B 72 -12.42 -44.37 -2.80
CA LEU B 72 -12.99 -43.85 -1.56
C LEU B 72 -14.43 -44.28 -1.34
N ALA B 73 -14.97 -45.14 -2.19
CA ALA B 73 -16.33 -45.64 -1.98
C ALA B 73 -16.41 -46.47 -0.71
N TYR B 74 -17.48 -46.27 0.06
CA TYR B 74 -17.72 -47.00 1.27
C TYR B 74 -19.17 -47.46 1.30
N SER B 75 -19.43 -48.53 2.03
CA SER B 75 -20.76 -49.11 2.18
C SER B 75 -21.10 -49.21 3.66
N GLY B 76 -22.33 -49.60 3.93
CA GLY B 76 -22.81 -49.73 5.30
C GLY B 76 -23.31 -48.44 5.89
N ILE B 77 -22.48 -47.40 5.89
CA ILE B 77 -22.86 -46.11 6.44
C ILE B 77 -23.79 -45.44 5.41
N PRO B 78 -25.03 -45.12 5.72
CA PRO B 78 -25.97 -44.67 4.69
C PRO B 78 -26.07 -43.16 4.50
N LEU B 79 -25.27 -42.37 5.21
CA LEU B 79 -25.34 -40.91 5.14
C LEU B 79 -24.00 -40.33 4.72
N ASN B 80 -24.01 -39.02 4.50
CA ASN B 80 -22.85 -38.34 3.97
C ASN B 80 -21.73 -38.43 4.99
N LEU B 81 -20.49 -38.33 4.53
CA LEU B 81 -19.33 -38.16 5.43
C LEU B 81 -18.74 -36.78 5.20
N THR B 82 -19.10 -35.83 6.07
CA THR B 82 -18.50 -34.51 6.06
C THR B 82 -17.27 -34.55 6.97
N LEU B 83 -16.13 -34.87 6.38
CA LEU B 83 -14.93 -35.12 7.19
C LEU B 83 -14.26 -33.81 7.57
N ASP B 84 -13.45 -33.89 8.62
CA ASP B 84 -12.63 -32.74 9.00
C ASP B 84 -11.66 -32.42 7.88
N ASN B 85 -11.45 -31.13 7.66
CA ASN B 85 -10.73 -30.67 6.48
C ASN B 85 -9.23 -30.95 6.53
N ARG B 86 -8.70 -31.42 7.66
CA ARG B 86 -7.32 -31.91 7.66
C ARG B 86 -7.17 -33.20 6.87
N VAL B 87 -8.27 -33.94 6.65
CA VAL B 87 -8.21 -35.17 5.87
C VAL B 87 -7.76 -34.89 4.45
N ALA B 88 -8.00 -33.68 3.95
CA ALA B 88 -7.54 -33.30 2.62
C ALA B 88 -6.03 -33.40 2.47
N ASP B 89 -5.28 -33.36 3.58
CA ASP B 89 -3.84 -33.54 3.50
C ASP B 89 -3.46 -34.91 2.97
N GLN B 90 -4.29 -35.93 3.21
CA GLN B 90 -4.01 -37.31 2.84
C GLN B 90 -5.01 -37.83 1.82
N LEU B 91 -5.34 -37.00 0.82
CA LEU B 91 -6.21 -37.41 -0.27
C LEU B 91 -5.75 -36.74 -1.55
N TRP B 92 -6.12 -37.34 -2.67
CA TRP B 92 -5.83 -36.76 -3.98
C TRP B 92 -6.85 -35.69 -4.29
N VAL B 93 -6.38 -34.55 -4.77
CA VAL B 93 -7.25 -33.45 -5.22
C VAL B 93 -6.74 -32.96 -6.57
N PRO B 94 -7.58 -32.42 -7.45
CA PRO B 94 -7.05 -31.85 -8.69
C PRO B 94 -6.16 -30.66 -8.42
N ASP B 95 -5.15 -30.50 -9.29
CA ASP B 95 -4.20 -29.39 -9.17
C ASP B 95 -4.61 -28.31 -10.17
N THR B 96 -5.60 -27.53 -9.77
CA THR B 96 -6.14 -26.44 -10.59
C THR B 96 -5.57 -25.12 -10.09
N TYR B 97 -5.11 -24.29 -11.02
CA TYR B 97 -4.57 -22.98 -10.70
C TYR B 97 -5.17 -21.95 -11.63
N PHE B 98 -5.20 -20.71 -11.17
CA PHE B 98 -5.71 -19.59 -11.95
C PHE B 98 -4.54 -18.96 -12.70
N LEU B 99 -4.59 -19.03 -14.03
CA LEU B 99 -3.49 -18.56 -14.84
C LEU B 99 -3.26 -17.06 -14.69
N ASN B 100 -4.29 -16.31 -14.33
CA ASN B 100 -4.20 -14.86 -14.23
C ASN B 100 -3.75 -14.36 -12.87
N ASP B 101 -3.62 -15.23 -11.87
CA ASP B 101 -3.37 -14.76 -10.52
C ASP B 101 -1.99 -14.13 -10.39
N LYS B 102 -1.89 -13.15 -9.51
CA LYS B 102 -0.62 -12.51 -9.17
C LYS B 102 -0.22 -12.82 -7.74
N LYS B 103 -1.10 -12.53 -6.78
CA LYS B 103 -0.94 -12.93 -5.38
C LYS B 103 -2.27 -13.49 -4.93
N SER B 104 -2.24 -14.68 -4.34
CA SER B 104 -3.47 -15.34 -3.94
C SER B 104 -3.20 -16.23 -2.74
N PHE B 105 -4.26 -16.56 -2.02
CA PHE B 105 -4.13 -17.34 -0.80
C PHE B 105 -5.48 -17.92 -0.41
N VAL B 106 -5.43 -19.05 0.29
CA VAL B 106 -6.61 -19.64 0.90
C VAL B 106 -6.76 -19.07 2.29
N HIS B 107 -7.94 -18.56 2.59
CA HIS B 107 -8.20 -17.98 3.90
C HIS B 107 -8.02 -19.03 4.99
N GLY B 108 -7.36 -18.64 6.07
CA GLY B 108 -7.00 -19.56 7.14
C GLY B 108 -7.32 -19.05 8.53
N VAL B 109 -8.40 -18.29 8.67
CA VAL B 109 -8.75 -17.71 9.96
C VAL B 109 -9.41 -18.78 10.82
N THR B 110 -8.71 -19.16 11.90
CA THR B 110 -9.09 -20.13 12.92
C THR B 110 -9.01 -21.59 12.45
N VAL B 111 -9.04 -21.83 11.14
CA VAL B 111 -8.76 -23.12 10.53
C VAL B 111 -8.45 -22.81 9.07
N LYS B 112 -7.66 -23.66 8.43
CA LYS B 112 -7.57 -23.61 6.97
C LYS B 112 -8.95 -23.83 6.39
N ASN B 113 -9.49 -22.81 5.72
CA ASN B 113 -10.88 -22.84 5.25
C ASN B 113 -10.99 -23.80 4.07
N ARG B 114 -11.23 -25.06 4.38
CA ARG B 114 -11.48 -26.09 3.38
C ARG B 114 -12.58 -27.01 3.89
N MET B 115 -13.14 -27.79 2.97
CA MET B 115 -14.14 -28.77 3.36
C MET B 115 -14.06 -29.99 2.45
N ILE B 116 -14.24 -31.16 3.03
CA ILE B 116 -14.23 -32.44 2.32
C ILE B 116 -15.52 -33.17 2.65
N ARG B 117 -16.24 -33.58 1.60
CA ARG B 117 -17.49 -34.32 1.75
C ARG B 117 -17.41 -35.55 0.85
N LEU B 118 -17.39 -36.73 1.45
CA LEU B 118 -17.40 -37.99 0.73
C LEU B 118 -18.79 -38.59 0.76
N HIS B 119 -19.23 -39.10 -0.37
CA HIS B 119 -20.53 -39.73 -0.54
C HIS B 119 -20.36 -41.24 -0.69
N PRO B 120 -21.39 -42.04 -0.36
CA PRO B 120 -21.22 -43.50 -0.39
C PRO B 120 -20.85 -44.05 -1.76
N ASP B 121 -21.32 -43.41 -2.84
CA ASP B 121 -20.97 -43.88 -4.17
C ASP B 121 -19.53 -43.57 -4.54
N GLY B 122 -18.80 -42.79 -3.73
CA GLY B 122 -17.41 -42.47 -3.97
C GLY B 122 -17.16 -41.08 -4.51
N THR B 123 -18.19 -40.27 -4.71
CA THR B 123 -18.00 -38.91 -5.21
C THR B 123 -17.51 -38.02 -4.08
N VAL B 124 -16.47 -37.24 -4.37
CA VAL B 124 -15.84 -36.34 -3.41
C VAL B 124 -16.15 -34.91 -3.82
N LEU B 125 -16.54 -34.10 -2.85
CA LEU B 125 -16.73 -32.68 -3.00
C LEU B 125 -15.71 -31.96 -2.13
N TYR B 126 -14.93 -31.07 -2.74
CA TYR B 126 -13.81 -30.41 -2.10
C TYR B 126 -13.99 -28.90 -2.26
N GLY B 127 -14.19 -28.20 -1.16
CA GLY B 127 -14.49 -26.78 -1.17
C GLY B 127 -13.35 -25.98 -0.58
N LEU B 128 -13.05 -24.84 -1.21
CA LEU B 128 -12.01 -23.93 -0.77
C LEU B 128 -12.58 -22.52 -0.70
N ARG B 129 -11.95 -21.67 0.11
CA ARG B 129 -12.29 -20.26 0.24
C ARG B 129 -11.06 -19.45 -0.16
N ILE B 130 -11.03 -19.02 -1.41
CA ILE B 130 -9.81 -18.49 -2.04
C ILE B 130 -9.97 -17.00 -2.26
N THR B 131 -8.86 -16.27 -2.15
CA THR B 131 -8.78 -14.88 -2.53
C THR B 131 -7.62 -14.71 -3.51
N THR B 132 -7.90 -14.10 -4.65
CA THR B 132 -6.91 -13.95 -5.73
C THR B 132 -6.86 -12.51 -6.18
N THR B 133 -5.64 -12.01 -6.39
CA THR B 133 -5.41 -10.71 -7.01
C THR B 133 -5.14 -10.96 -8.49
N ALA B 134 -6.21 -11.17 -9.24
CA ALA B 134 -6.08 -11.58 -10.62
C ALA B 134 -5.71 -10.41 -11.51
N ALA B 135 -5.00 -10.71 -12.58
CA ALA B 135 -4.59 -9.69 -13.54
C ALA B 135 -5.68 -9.45 -14.56
N CYS B 136 -5.92 -8.17 -14.86
CA CYS B 136 -6.91 -7.76 -15.86
C CYS B 136 -6.29 -6.68 -16.73
N MET B 137 -5.72 -7.09 -17.85
CA MET B 137 -5.23 -6.12 -18.83
C MET B 137 -6.42 -5.41 -19.47
N MET B 138 -6.29 -4.10 -19.63
CA MET B 138 -7.41 -3.23 -19.96
C MET B 138 -6.97 -2.08 -20.85
N ASP B 139 -7.83 -1.75 -21.83
CA ASP B 139 -7.58 -0.68 -22.77
C ASP B 139 -8.31 0.58 -22.30
N LEU B 140 -7.54 1.62 -22.00
CA LEU B 140 -8.08 2.89 -21.51
C LEU B 140 -8.16 3.96 -22.58
N ARG B 141 -8.33 3.54 -23.85
CA ARG B 141 -8.48 4.51 -24.92
C ARG B 141 -9.73 5.36 -24.71
N ARG B 142 -10.83 4.74 -24.29
CA ARG B 142 -12.10 5.41 -24.06
C ARG B 142 -12.31 5.79 -22.60
N TYR B 143 -11.25 5.77 -21.79
CA TYR B 143 -11.40 6.06 -20.37
C TYR B 143 -11.88 7.50 -20.18
N PRO B 144 -12.84 7.76 -19.28
CA PRO B 144 -13.63 6.88 -18.40
C PRO B 144 -14.91 6.35 -19.02
N LEU B 145 -15.15 6.63 -20.30
CA LEU B 145 -16.34 6.15 -20.99
C LEU B 145 -16.07 4.78 -21.64
N ASP B 146 -15.62 3.84 -20.81
CA ASP B 146 -15.04 2.58 -21.29
C ASP B 146 -15.85 1.41 -20.77
N GLU B 147 -16.04 0.40 -21.63
CA GLU B 147 -16.81 -0.81 -21.33
C GLU B 147 -15.81 -1.96 -21.30
N GLN B 148 -15.39 -2.34 -20.09
CA GLN B 148 -14.21 -3.15 -19.90
C GLN B 148 -14.55 -4.63 -19.73
N ASN B 149 -13.51 -5.45 -19.84
CA ASN B 149 -13.61 -6.90 -19.73
C ASN B 149 -12.54 -7.38 -18.77
N CYS B 150 -12.90 -8.30 -17.88
CA CYS B 150 -11.94 -9.00 -17.02
C CYS B 150 -12.28 -10.48 -17.01
N THR B 151 -11.27 -11.29 -16.67
CA THR B 151 -11.42 -12.74 -16.72
C THR B 151 -10.69 -13.40 -15.56
N LEU B 152 -11.22 -14.53 -15.12
CA LEU B 152 -10.55 -15.47 -14.24
C LEU B 152 -10.42 -16.79 -14.98
N GLU B 153 -9.21 -17.34 -15.02
CA GLU B 153 -8.82 -18.28 -16.07
C GLU B 153 -8.28 -19.54 -15.38
N ILE B 154 -9.14 -20.54 -15.21
CA ILE B 154 -8.82 -21.74 -14.44
C ILE B 154 -8.22 -22.78 -15.37
N GLU B 155 -7.18 -23.49 -14.91
CA GLU B 155 -6.55 -24.52 -15.73
C GLU B 155 -5.88 -25.54 -14.82
N SER B 156 -5.82 -26.79 -15.30
CA SER B 156 -5.06 -27.83 -14.63
C SER B 156 -3.60 -27.77 -15.04
N TYR B 157 -2.71 -27.91 -14.07
CA TYR B 157 -1.27 -27.81 -14.33
C TYR B 157 -0.68 -29.16 -14.71
N GLY B 158 -0.79 -30.15 -13.82
CA GLY B 158 -0.09 -31.40 -14.03
C GLY B 158 -0.67 -32.29 -15.10
N TYR B 159 -1.99 -32.30 -15.25
CA TYR B 159 -2.70 -33.31 -16.03
C TYR B 159 -3.19 -32.70 -17.34
N THR B 160 -2.94 -33.42 -18.43
CA THR B 160 -3.41 -32.99 -19.75
C THR B 160 -4.87 -33.38 -19.92
N THR B 161 -5.42 -33.07 -21.11
CA THR B 161 -6.81 -33.40 -21.39
C THR B 161 -7.05 -34.90 -21.44
N ASP B 162 -6.00 -35.70 -21.65
CA ASP B 162 -6.14 -37.14 -21.65
C ASP B 162 -6.29 -37.74 -20.26
N ASP B 163 -6.08 -36.95 -19.20
CA ASP B 163 -6.11 -37.43 -17.84
C ASP B 163 -7.13 -36.73 -16.95
N ILE B 164 -7.73 -35.63 -17.41
CA ILE B 164 -8.68 -34.89 -16.58
C ILE B 164 -9.58 -34.09 -17.50
N GLU B 165 -10.82 -33.91 -17.08
CA GLU B 165 -11.81 -33.14 -17.82
C GLU B 165 -12.46 -32.13 -16.90
N PHE B 166 -12.65 -30.92 -17.40
CA PHE B 166 -13.28 -29.83 -16.66
C PHE B 166 -14.62 -29.50 -17.30
N TYR B 167 -15.63 -29.28 -16.46
CA TYR B 167 -16.92 -28.81 -16.93
C TYR B 167 -17.55 -28.00 -15.82
N TRP B 168 -18.48 -27.12 -16.20
CA TRP B 168 -19.20 -26.29 -15.25
C TRP B 168 -20.39 -27.09 -14.74
N ARG B 169 -20.34 -27.49 -13.47
CA ARG B 169 -21.45 -28.24 -12.89
C ARG B 169 -22.65 -27.32 -12.75
N GLY B 170 -23.75 -27.69 -13.41
CA GLY B 170 -24.94 -26.88 -13.43
C GLY B 170 -25.08 -25.95 -14.61
N GLY B 171 -24.21 -26.08 -15.62
CA GLY B 171 -24.32 -25.25 -16.79
C GLY B 171 -24.10 -23.79 -16.46
N ASP B 172 -24.96 -22.93 -17.02
CA ASP B 172 -24.83 -21.49 -16.80
C ASP B 172 -25.02 -21.10 -15.34
N LYS B 173 -25.70 -21.93 -14.56
CA LYS B 173 -25.91 -21.65 -13.14
C LYS B 173 -24.74 -22.07 -12.27
N ALA B 174 -23.62 -22.49 -12.85
CA ALA B 174 -22.48 -22.90 -12.05
C ALA B 174 -21.93 -21.75 -11.22
N VAL B 175 -21.81 -20.57 -11.83
CA VAL B 175 -21.31 -19.39 -11.14
C VAL B 175 -22.49 -18.64 -10.54
N THR B 176 -22.40 -18.32 -9.25
CA THR B 176 -23.45 -17.64 -8.52
C THR B 176 -22.84 -16.51 -7.71
N GLY B 177 -23.69 -15.77 -7.02
CA GLY B 177 -23.23 -14.68 -6.19
C GLY B 177 -22.86 -13.42 -6.94
N VAL B 178 -23.27 -13.30 -8.21
CA VAL B 178 -22.96 -12.09 -8.96
C VAL B 178 -23.65 -10.88 -8.35
N GLU B 179 -24.86 -11.07 -7.83
CA GLU B 179 -25.57 -9.97 -7.18
C GLU B 179 -24.88 -9.50 -5.90
N ARG B 180 -24.08 -10.35 -5.27
CA ARG B 180 -23.34 -9.94 -4.09
C ARG B 180 -22.20 -8.98 -4.41
N ILE B 181 -21.87 -8.79 -5.69
CA ILE B 181 -20.82 -7.86 -6.09
C ILE B 181 -21.42 -6.47 -6.19
N GLU B 182 -20.93 -5.55 -5.37
CA GLU B 182 -21.29 -4.13 -5.44
C GLU B 182 -20.00 -3.31 -5.41
N LEU B 183 -19.45 -3.08 -6.59
CA LEU B 183 -18.27 -2.24 -6.73
C LEU B 183 -18.66 -0.77 -6.58
N PRO B 184 -17.72 0.10 -6.23
CA PRO B 184 -18.07 1.51 -6.08
C PRO B 184 -18.48 2.15 -7.40
N GLN B 185 -17.61 2.05 -8.41
CA GLN B 185 -17.78 2.73 -9.68
C GLN B 185 -18.22 1.83 -10.81
N PHE B 186 -17.87 0.55 -10.77
CA PHE B 186 -18.19 -0.37 -11.85
C PHE B 186 -19.54 -1.02 -11.61
N SER B 187 -20.15 -1.46 -12.71
CA SER B 187 -21.37 -2.25 -12.67
C SER B 187 -21.23 -3.41 -13.63
N ILE B 188 -21.53 -4.61 -13.16
CA ILE B 188 -21.36 -5.82 -13.98
C ILE B 188 -22.53 -5.88 -14.96
N VAL B 189 -22.23 -5.71 -16.24
CA VAL B 189 -23.29 -5.77 -17.25
C VAL B 189 -23.79 -7.19 -17.41
N GLU B 190 -22.87 -8.13 -17.67
CA GLU B 190 -23.23 -9.53 -17.83
C GLU B 190 -21.96 -10.36 -17.84
N HIS B 191 -22.03 -11.57 -17.28
CA HIS B 191 -20.90 -12.48 -17.19
C HIS B 191 -21.05 -13.61 -18.20
N ARG B 192 -19.99 -14.41 -18.33
CA ARG B 192 -19.98 -15.49 -19.30
C ARG B 192 -19.06 -16.61 -18.80
N LEU B 193 -19.40 -17.84 -19.19
CA LEU B 193 -18.62 -19.03 -18.85
C LEU B 193 -18.19 -19.71 -20.13
N VAL B 194 -16.91 -20.10 -20.20
CA VAL B 194 -16.34 -20.71 -21.38
C VAL B 194 -15.49 -21.91 -20.96
N SER B 195 -15.47 -22.94 -21.79
CA SER B 195 -14.65 -24.12 -21.56
C SER B 195 -13.96 -24.49 -22.87
N ARG B 196 -12.66 -24.75 -22.81
CA ARG B 196 -11.92 -25.07 -24.02
C ARG B 196 -10.60 -25.72 -23.65
N ASN B 197 -9.96 -26.33 -24.64
CA ASN B 197 -8.67 -26.98 -24.48
C ASN B 197 -7.58 -26.09 -25.07
N VAL B 198 -6.57 -25.77 -24.27
CA VAL B 198 -5.45 -24.95 -24.71
C VAL B 198 -4.25 -25.84 -24.95
N VAL B 199 -3.52 -25.59 -26.03
CA VAL B 199 -2.39 -26.40 -26.44
C VAL B 199 -1.12 -25.69 -26.02
N PHE B 200 -0.29 -26.39 -25.25
CA PHE B 200 1.03 -25.95 -24.84
C PHE B 200 2.07 -26.87 -25.49
N ALA B 201 3.35 -26.58 -25.22
CA ALA B 201 4.41 -27.43 -25.75
C ALA B 201 4.30 -28.85 -25.19
N THR B 202 4.00 -28.99 -23.91
CA THR B 202 3.89 -30.31 -23.31
C THR B 202 2.68 -31.07 -23.86
N GLY B 203 1.55 -30.38 -24.04
CA GLY B 203 0.37 -31.02 -24.58
C GLY B 203 -0.86 -30.16 -24.31
N ALA B 204 -2.00 -30.72 -24.65
CA ALA B 204 -3.27 -30.04 -24.42
C ALA B 204 -3.61 -30.04 -22.93
N TYR B 205 -4.45 -29.08 -22.54
CA TYR B 205 -4.87 -28.95 -21.16
C TYR B 205 -6.30 -28.40 -21.13
N PRO B 206 -7.18 -28.93 -20.28
CA PRO B 206 -8.50 -28.31 -20.15
C PRO B 206 -8.38 -26.95 -19.50
N ARG B 207 -9.37 -26.10 -19.75
CA ARG B 207 -9.25 -24.70 -19.34
C ARG B 207 -10.62 -24.07 -19.31
N LEU B 208 -11.03 -23.61 -18.13
CA LEU B 208 -12.28 -22.89 -17.96
C LEU B 208 -11.99 -21.40 -17.83
N SER B 209 -12.99 -20.58 -18.15
CA SER B 209 -12.83 -19.14 -18.12
C SER B 209 -14.14 -18.51 -17.68
N LEU B 210 -14.08 -17.73 -16.60
CA LEU B 210 -15.17 -16.86 -16.18
C LEU B 210 -14.85 -15.46 -16.64
N SER B 211 -15.82 -14.78 -17.23
CA SER B 211 -15.62 -13.47 -17.82
C SER B 211 -16.67 -12.50 -17.31
N PHE B 212 -16.25 -11.26 -17.09
CA PHE B 212 -17.13 -10.19 -16.62
C PHE B 212 -16.95 -8.98 -17.50
N ARG B 213 -18.07 -8.37 -17.87
CA ARG B 213 -18.08 -7.12 -18.64
C ARG B 213 -18.55 -6.02 -17.70
N LEU B 214 -17.64 -5.11 -17.36
CA LEU B 214 -17.90 -4.03 -16.43
C LEU B 214 -18.14 -2.73 -17.17
N LYS B 215 -19.07 -1.93 -16.66
CA LYS B 215 -19.35 -0.59 -17.16
C LYS B 215 -19.00 0.41 -16.08
N ARG B 216 -18.23 1.43 -16.44
CA ARG B 216 -17.75 2.41 -15.47
C ARG B 216 -18.76 3.54 -15.34
N ASN B 217 -19.14 3.84 -14.10
CA ASN B 217 -20.02 4.97 -13.85
C ASN B 217 -19.32 6.28 -14.18
N ILE B 218 -20.10 7.25 -14.65
CA ILE B 218 -19.55 8.47 -15.25
C ILE B 218 -19.84 9.72 -14.44
N GLY B 219 -20.86 9.71 -13.56
CA GLY B 219 -21.28 10.94 -12.91
C GLY B 219 -20.18 11.57 -12.07
N TYR B 220 -19.43 10.75 -11.33
CA TYR B 220 -18.33 11.27 -10.55
C TYR B 220 -17.28 11.91 -11.44
N PHE B 221 -16.96 11.26 -12.57
CA PHE B 221 -15.98 11.83 -13.49
C PHE B 221 -16.42 13.18 -13.99
N ILE B 222 -17.71 13.30 -14.34
CA ILE B 222 -18.25 14.60 -14.74
C ILE B 222 -17.99 15.62 -13.65
N LEU B 223 -18.60 15.40 -12.47
CA LEU B 223 -18.60 16.40 -11.42
C LEU B 223 -17.20 16.74 -10.94
N GLN B 224 -16.27 15.78 -10.97
CA GLN B 224 -14.93 16.02 -10.48
C GLN B 224 -14.06 16.68 -11.55
N THR B 225 -13.87 16.02 -12.69
CA THR B 225 -12.87 16.44 -13.66
C THR B 225 -13.44 17.38 -14.73
N TYR B 226 -14.64 17.12 -15.24
CA TYR B 226 -15.03 17.79 -16.47
C TYR B 226 -15.46 19.23 -16.24
N MET B 227 -16.50 19.44 -15.43
CA MET B 227 -17.10 20.76 -15.40
C MET B 227 -16.18 21.84 -14.83
N PRO B 228 -15.13 21.53 -14.04
CA PRO B 228 -14.12 22.59 -13.82
C PRO B 228 -13.48 23.06 -15.12
N SER B 229 -13.30 22.17 -16.09
CA SER B 229 -12.69 22.59 -17.35
C SER B 229 -13.61 23.52 -18.13
N ILE B 230 -14.90 23.17 -18.22
CA ILE B 230 -15.85 24.05 -18.89
C ILE B 230 -15.97 25.37 -18.13
N LEU B 231 -15.95 25.30 -16.80
CA LEU B 231 -16.03 26.51 -16.00
C LEU B 231 -14.85 27.43 -16.28
N ILE B 232 -13.63 26.89 -16.31
CA ILE B 232 -12.47 27.72 -16.58
C ILE B 232 -12.49 28.24 -18.02
N THR B 233 -13.03 27.46 -18.94
CA THR B 233 -13.16 27.96 -20.31
C THR B 233 -14.07 29.19 -20.34
N ILE B 234 -15.18 29.15 -19.62
CA ILE B 234 -16.05 30.32 -19.64
C ILE B 234 -15.45 31.47 -18.80
N LEU B 235 -14.62 31.17 -17.80
CA LEU B 235 -13.81 32.22 -17.17
C LEU B 235 -12.98 32.94 -18.21
N SER B 236 -12.31 32.18 -19.07
CA SER B 236 -11.53 32.79 -20.13
C SER B 236 -12.42 33.62 -21.05
N TRP B 237 -13.63 33.11 -21.33
CA TRP B 237 -14.53 33.81 -22.24
C TRP B 237 -14.99 35.13 -21.67
N VAL B 238 -15.04 35.25 -20.35
CA VAL B 238 -15.51 36.48 -19.71
C VAL B 238 -14.65 37.68 -20.13
N SER B 239 -13.40 37.44 -20.52
CA SER B 239 -12.54 38.54 -20.96
C SER B 239 -13.07 39.25 -22.20
N PHE B 240 -13.94 38.60 -22.98
CA PHE B 240 -14.49 39.26 -24.16
C PHE B 240 -15.36 40.44 -23.76
N TRP B 241 -16.14 40.31 -22.69
CA TRP B 241 -17.04 41.37 -22.24
C TRP B 241 -16.34 42.32 -21.27
N ILE B 242 -15.16 42.80 -21.66
CA ILE B 242 -14.42 43.81 -20.93
C ILE B 242 -13.85 44.78 -21.95
N ASN B 243 -13.86 46.06 -21.62
CA ASN B 243 -13.32 47.08 -22.51
C ASN B 243 -11.86 46.80 -22.83
N TYR B 244 -11.50 46.89 -24.10
CA TYR B 244 -10.14 46.60 -24.54
C TYR B 244 -9.11 47.55 -23.93
N ASP B 245 -9.54 48.72 -23.46
CA ASP B 245 -8.61 49.67 -22.86
C ASP B 245 -7.97 49.10 -21.61
N ALA B 246 -8.77 48.42 -20.77
CA ALA B 246 -8.26 47.82 -19.54
C ALA B 246 -7.49 46.55 -19.89
N SER B 247 -6.26 46.75 -20.37
CA SER B 247 -5.44 45.64 -20.80
C SER B 247 -5.08 44.72 -19.64
N ALA B 248 -4.79 45.31 -18.47
CA ALA B 248 -4.34 44.50 -17.33
C ALA B 248 -5.41 43.50 -16.91
N ALA B 249 -6.68 43.90 -16.94
CA ALA B 249 -7.75 43.01 -16.53
C ALA B 249 -7.83 41.78 -17.41
N ARG B 250 -7.90 41.98 -18.73
CA ARG B 250 -8.01 40.86 -19.65
C ARG B 250 -6.76 39.99 -19.58
N VAL B 251 -5.59 40.62 -19.46
CA VAL B 251 -4.34 39.88 -19.37
C VAL B 251 -4.37 38.96 -18.15
N ALA B 252 -4.71 39.51 -16.99
CA ALA B 252 -4.73 38.72 -15.77
C ALA B 252 -5.74 37.59 -15.87
N LEU B 253 -6.93 37.89 -16.40
CA LEU B 253 -7.97 36.87 -16.50
C LEU B 253 -7.53 35.71 -17.37
N GLY B 254 -7.05 36.01 -18.59
CA GLY B 254 -6.64 34.95 -19.49
C GLY B 254 -5.46 34.17 -18.98
N ILE B 255 -4.45 34.86 -18.46
CA ILE B 255 -3.23 34.18 -18.04
C ILE B 255 -3.50 33.31 -16.81
N THR B 256 -4.37 33.78 -15.91
CA THR B 256 -4.70 32.96 -14.75
C THR B 256 -5.58 31.78 -15.12
N THR B 257 -6.43 31.93 -16.13
CA THR B 257 -7.18 30.77 -16.62
C THR B 257 -6.24 29.72 -17.18
N VAL B 258 -5.22 30.16 -17.93
CA VAL B 258 -4.25 29.20 -18.47
C VAL B 258 -3.47 28.54 -17.33
N LEU B 259 -3.10 29.31 -16.31
CA LEU B 259 -2.40 28.75 -15.16
C LEU B 259 -3.28 27.72 -14.46
N THR B 260 -4.57 28.00 -14.31
CA THR B 260 -5.47 27.07 -13.66
C THR B 260 -5.61 25.78 -14.48
N MET B 261 -5.70 25.91 -15.80
CA MET B 261 -5.73 24.73 -16.66
C MET B 261 -4.48 23.88 -16.45
N THR B 262 -3.31 24.50 -16.43
CA THR B 262 -2.08 23.74 -16.20
C THR B 262 -2.11 23.07 -14.84
N THR B 263 -2.57 23.77 -13.82
CA THR B 263 -2.57 23.23 -12.47
C THR B 263 -3.49 22.02 -12.36
N ILE B 264 -4.72 22.13 -12.87
CA ILE B 264 -5.64 21.01 -12.75
C ILE B 264 -5.16 19.84 -13.61
N ASN B 265 -4.61 20.12 -14.79
CA ASN B 265 -4.12 19.04 -15.64
C ASN B 265 -2.99 18.27 -14.97
N THR B 266 -2.02 18.99 -14.40
CA THR B 266 -0.89 18.30 -13.78
C THR B 266 -1.25 17.69 -12.44
N HIS B 267 -2.31 18.16 -11.78
CA HIS B 267 -2.74 17.55 -10.54
C HIS B 267 -3.68 16.36 -10.75
N LEU B 268 -4.26 16.23 -11.95
CA LEU B 268 -5.12 15.09 -12.27
C LEU B 268 -4.43 14.03 -13.11
N ARG B 269 -3.32 14.35 -13.77
CA ARG B 269 -2.69 13.38 -14.66
C ARG B 269 -2.12 12.19 -13.89
N GLU B 270 -1.62 12.40 -12.67
CA GLU B 270 -0.87 11.36 -11.97
C GLU B 270 -1.74 10.18 -11.55
N THR B 271 -3.07 10.35 -11.50
CA THR B 271 -3.93 9.30 -10.96
C THR B 271 -3.85 8.02 -11.78
N LEU B 272 -3.87 8.15 -13.10
CA LEU B 272 -3.89 7.00 -14.00
C LEU B 272 -2.47 6.53 -14.28
N PRO B 273 -2.29 5.31 -14.79
CA PRO B 273 -0.95 4.84 -15.11
C PRO B 273 -0.39 5.51 -16.34
N LYS B 274 0.87 5.22 -16.62
CA LYS B 274 1.59 5.81 -17.75
C LYS B 274 1.16 5.07 -19.01
N ILE B 275 0.15 5.60 -19.68
CA ILE B 275 -0.44 5.02 -20.88
C ILE B 275 -0.06 5.89 -22.08
N PRO B 276 0.61 5.35 -23.12
CA PRO B 276 1.09 6.24 -24.19
C PRO B 276 -0.01 6.88 -25.00
N TYR B 277 -0.96 6.08 -25.49
CA TYR B 277 -2.03 6.63 -26.31
C TYR B 277 -2.89 7.57 -25.48
N VAL B 278 -3.36 8.64 -26.12
CA VAL B 278 -4.13 9.66 -25.41
C VAL B 278 -5.49 9.10 -25.04
N LYS B 279 -5.88 9.28 -23.79
CA LYS B 279 -7.19 8.85 -23.32
C LYS B 279 -8.25 9.83 -23.80
N ALA B 280 -9.52 9.43 -23.66
CA ALA B 280 -10.61 10.30 -24.08
C ALA B 280 -10.64 11.57 -23.24
N ILE B 281 -10.37 11.46 -21.95
CA ILE B 281 -10.41 12.64 -21.09
C ILE B 281 -9.27 13.59 -21.43
N ASP B 282 -8.10 13.05 -21.77
CA ASP B 282 -6.96 13.90 -22.11
C ASP B 282 -7.25 14.73 -23.35
N MET B 283 -8.00 14.17 -24.30
CA MET B 283 -8.42 14.94 -25.46
C MET B 283 -9.26 16.14 -25.03
N TYR B 284 -10.17 15.94 -24.09
CA TYR B 284 -11.03 17.03 -23.66
C TYR B 284 -10.23 18.10 -22.92
N LEU B 285 -9.30 17.69 -22.07
CA LEU B 285 -8.46 18.66 -21.38
C LEU B 285 -7.61 19.44 -22.36
N MET B 286 -7.05 18.78 -23.36
CA MET B 286 -6.26 19.49 -24.36
C MET B 286 -7.13 20.44 -25.16
N GLY B 287 -8.38 20.05 -25.45
CA GLY B 287 -9.27 20.94 -26.16
C GLY B 287 -9.59 22.19 -25.36
N CYS B 288 -9.86 22.04 -24.07
CA CYS B 288 -10.11 23.21 -23.23
C CYS B 288 -8.87 24.08 -23.12
N PHE B 289 -7.69 23.46 -23.02
CA PHE B 289 -6.45 24.22 -23.01
C PHE B 289 -6.30 25.02 -24.30
N VAL B 290 -6.59 24.40 -25.44
CA VAL B 290 -6.50 25.10 -26.71
C VAL B 290 -7.48 26.26 -26.73
N PHE B 291 -8.68 26.08 -26.19
CA PHE B 291 -9.67 27.15 -26.22
C PHE B 291 -9.21 28.36 -25.40
N VAL B 292 -8.73 28.12 -24.19
CA VAL B 292 -8.27 29.25 -23.38
C VAL B 292 -7.03 29.89 -24.00
N PHE B 293 -6.15 29.07 -24.58
CA PHE B 293 -4.96 29.59 -25.24
C PHE B 293 -5.34 30.48 -26.42
N LEU B 294 -6.33 30.06 -27.22
CA LEU B 294 -6.78 30.88 -28.33
C LEU B 294 -7.46 32.16 -27.85
N ALA B 295 -8.16 32.10 -26.72
CA ALA B 295 -8.74 33.32 -26.17
C ALA B 295 -7.63 34.32 -25.82
N LEU B 296 -6.58 33.85 -25.16
CA LEU B 296 -5.47 34.73 -24.84
C LEU B 296 -4.81 35.28 -26.10
N LEU B 297 -4.60 34.41 -27.10
CA LEU B 297 -3.95 34.85 -28.32
C LEU B 297 -4.78 35.88 -29.08
N GLU B 298 -6.10 35.69 -29.16
CA GLU B 298 -6.89 36.65 -29.90
C GLU B 298 -6.98 37.97 -29.15
N TYR B 299 -6.98 37.94 -27.81
CA TYR B 299 -6.89 39.21 -27.09
C TYR B 299 -5.58 39.91 -27.42
N ALA B 300 -4.47 39.17 -27.43
CA ALA B 300 -3.19 39.78 -27.77
C ALA B 300 -3.20 40.33 -29.19
N PHE B 301 -3.86 39.63 -30.10
CA PHE B 301 -3.97 40.11 -31.47
C PHE B 301 -4.75 41.42 -31.52
N VAL B 302 -5.85 41.51 -30.77
CA VAL B 302 -6.63 42.74 -30.71
C VAL B 302 -5.77 43.87 -30.16
N ASN B 303 -5.03 43.60 -29.08
CA ASN B 303 -4.20 44.63 -28.48
C ASN B 303 -3.12 45.11 -29.45
N TYR B 304 -2.51 44.18 -30.19
CA TYR B 304 -1.50 44.57 -31.17
C TYR B 304 -2.13 45.40 -32.29
N ILE B 305 -3.31 45.01 -32.75
CA ILE B 305 -3.95 45.75 -33.85
C ILE B 305 -4.29 47.16 -33.40
N PHE B 306 -4.81 47.31 -32.18
CA PHE B 306 -5.25 48.62 -31.72
C PHE B 306 -4.07 49.55 -31.45
N PHE B 307 -3.20 49.17 -30.51
CA PHE B 307 -2.17 50.10 -30.05
C PHE B 307 -1.10 50.30 -31.11
N SER B 308 -0.63 49.23 -31.75
CA SER B 308 0.49 49.34 -32.68
C SER B 308 0.13 50.22 -33.88
N LYS B 417 -11.13 55.91 -33.46
CA LYS B 417 -12.19 56.12 -34.45
C LYS B 417 -12.34 54.89 -35.35
N TYR B 418 -11.35 54.69 -36.23
CA TYR B 418 -11.41 53.58 -37.17
C TYR B 418 -10.88 52.30 -36.53
N LEU B 419 -9.76 52.38 -35.81
CA LEU B 419 -9.18 51.18 -35.21
C LEU B 419 -10.06 50.62 -34.11
N THR B 420 -10.67 51.49 -33.29
CA THR B 420 -11.56 51.01 -32.24
C THR B 420 -12.77 50.28 -32.84
N GLY B 421 -13.23 50.71 -34.01
CA GLY B 421 -14.29 49.97 -34.68
C GLY B 421 -13.86 48.56 -35.04
N ARG B 422 -12.64 48.41 -35.56
CA ARG B 422 -12.13 47.07 -35.87
C ARG B 422 -11.99 46.23 -34.61
N ALA B 423 -11.51 46.84 -33.52
CA ALA B 423 -11.36 46.11 -32.27
C ALA B 423 -12.73 45.63 -31.76
N ALA B 424 -13.73 46.50 -31.80
CA ALA B 424 -15.07 46.10 -31.38
C ALA B 424 -15.64 45.02 -32.28
N ALA B 425 -15.39 45.11 -33.59
CA ALA B 425 -15.85 44.09 -34.52
C ALA B 425 -15.23 42.74 -34.18
N ILE B 426 -13.92 42.71 -33.92
CA ILE B 426 -13.25 41.47 -33.57
C ILE B 426 -13.79 40.94 -32.24
N ASP B 427 -14.05 41.85 -31.29
CA ASP B 427 -14.54 41.41 -29.99
C ASP B 427 -15.91 40.75 -30.11
N ARG B 428 -16.84 41.38 -30.84
CA ARG B 428 -18.16 40.79 -31.00
C ARG B 428 -18.10 39.51 -31.83
N TRP B 429 -17.21 39.46 -32.82
CA TRP B 429 -17.03 38.24 -33.59
C TRP B 429 -16.58 37.10 -32.69
N SER B 430 -15.61 37.36 -31.80
CA SER B 430 -15.19 36.34 -30.85
C SER B 430 -16.33 35.97 -29.91
N ARG B 431 -17.10 36.97 -29.47
CA ARG B 431 -18.21 36.71 -28.54
C ARG B 431 -19.21 35.74 -29.15
N ILE B 432 -19.54 35.93 -30.42
CA ILE B 432 -20.52 35.07 -31.07
C ILE B 432 -19.93 33.76 -31.58
N VAL B 433 -18.60 33.70 -31.77
CA VAL B 433 -17.99 32.51 -32.36
C VAL B 433 -17.55 31.51 -31.30
N PHE B 434 -16.93 31.96 -30.22
CA PHE B 434 -16.34 31.03 -29.26
C PHE B 434 -17.36 30.12 -28.61
N PRO B 435 -18.50 30.61 -28.09
CA PRO B 435 -19.52 29.67 -27.56
C PRO B 435 -20.03 28.69 -28.59
N PHE B 436 -20.24 29.12 -29.84
CA PHE B 436 -20.73 28.22 -30.86
C PHE B 436 -19.72 27.13 -31.18
N THR B 437 -18.46 27.51 -31.36
CA THR B 437 -17.42 26.53 -31.66
C THR B 437 -17.24 25.56 -30.50
N PHE B 438 -17.26 26.06 -29.27
CA PHE B 438 -17.10 25.18 -28.13
C PHE B 438 -18.28 24.23 -27.96
N SER B 439 -19.50 24.72 -28.18
CA SER B 439 -20.65 23.83 -28.13
C SER B 439 -20.57 22.76 -29.20
N LEU B 440 -20.14 23.15 -30.41
CA LEU B 440 -19.97 22.16 -31.48
C LEU B 440 -18.95 21.10 -31.10
N PHE B 441 -17.80 21.54 -30.57
CA PHE B 441 -16.77 20.59 -30.16
C PHE B 441 -17.27 19.67 -29.04
N ASN B 442 -17.98 20.24 -28.07
CA ASN B 442 -18.48 19.44 -26.96
C ASN B 442 -19.49 18.41 -27.42
N LEU B 443 -20.43 18.81 -28.29
CA LEU B 443 -21.41 17.87 -28.81
C LEU B 443 -20.73 16.76 -29.62
N VAL B 444 -19.74 17.13 -30.44
CA VAL B 444 -19.04 16.11 -31.23
C VAL B 444 -18.32 15.14 -30.30
N TYR B 445 -17.66 15.66 -29.28
CA TYR B 445 -16.93 14.80 -28.35
C TYR B 445 -17.88 13.84 -27.63
N TRP B 446 -19.00 14.36 -27.14
CA TRP B 446 -19.92 13.50 -26.39
C TRP B 446 -20.58 12.47 -27.29
N LEU B 447 -21.01 12.88 -28.48
CA LEU B 447 -21.67 11.94 -29.37
C LEU B 447 -20.70 10.88 -29.89
N TYR B 448 -19.43 11.24 -30.10
CA TYR B 448 -18.47 10.27 -30.58
C TYR B 448 -18.25 9.15 -29.57
N TYR B 449 -18.15 9.50 -28.29
CA TYR B 449 -17.84 8.53 -27.25
C TYR B 449 -19.08 7.91 -26.60
N VAL B 450 -20.29 8.26 -27.05
CA VAL B 450 -21.51 7.68 -26.52
C VAL B 450 -22.34 7.15 -27.69
N ASN C 8 1.75 -38.02 41.30
CA ASN C 8 1.33 -36.63 41.46
C ASN C 8 1.49 -35.85 40.15
N MET C 9 2.58 -36.12 39.44
CA MET C 9 2.89 -35.51 38.15
C MET C 9 2.74 -36.50 37.00
N SER C 10 3.34 -37.69 37.13
CA SER C 10 3.19 -38.71 36.10
C SER C 10 1.75 -39.19 35.99
N PHE C 11 0.96 -39.07 37.05
CA PHE C 11 -0.45 -39.45 36.99
C PHE C 11 -1.18 -38.61 35.95
N VAL C 12 -0.97 -37.30 35.96
CA VAL C 12 -1.61 -36.43 34.98
C VAL C 12 -1.08 -36.75 33.59
N LYS C 13 0.21 -37.08 33.49
CA LYS C 13 0.80 -37.42 32.20
C LYS C 13 0.10 -38.64 31.59
N GLU C 14 -0.02 -39.71 32.37
CA GLU C 14 -0.68 -40.91 31.84
C GLU C 14 -2.16 -40.66 31.59
N THR C 15 -2.82 -39.85 32.40
CA THR C 15 -4.22 -39.54 32.16
C THR C 15 -4.40 -38.82 30.82
N VAL C 16 -3.56 -37.82 30.56
CA VAL C 16 -3.65 -37.08 29.30
C VAL C 16 -3.31 -37.99 28.13
N ASP C 17 -2.32 -38.86 28.29
CA ASP C 17 -1.98 -39.80 27.23
C ASP C 17 -3.15 -40.73 26.94
N LYS C 18 -3.83 -41.19 28.00
CA LYS C 18 -5.00 -42.06 27.82
C LYS C 18 -6.13 -41.33 27.11
N LEU C 19 -6.31 -40.04 27.42
CA LEU C 19 -7.37 -39.28 26.76
C LEU C 19 -7.17 -39.20 25.26
N LEU C 20 -5.93 -38.98 24.83
CA LEU C 20 -5.66 -38.68 23.43
C LEU C 20 -5.49 -39.93 22.57
N LYS C 21 -4.96 -41.02 23.11
CA LYS C 21 -4.82 -42.23 22.31
C LYS C 21 -6.20 -42.80 22.02
N GLY C 22 -6.42 -43.19 20.76
CA GLY C 22 -7.74 -43.60 20.32
C GLY C 22 -8.69 -42.46 20.02
N TYR C 23 -8.20 -41.22 20.04
CA TYR C 23 -9.03 -40.05 19.76
C TYR C 23 -8.95 -39.74 18.28
N ASP C 24 -10.10 -39.71 17.62
CA ASP C 24 -10.19 -39.44 16.18
C ASP C 24 -10.51 -37.96 15.98
N ILE C 25 -9.53 -37.18 15.55
CA ILE C 25 -9.75 -35.76 15.31
C ILE C 25 -10.73 -35.55 14.17
N ARG C 26 -10.77 -36.49 13.22
CA ARG C 26 -11.58 -36.29 12.03
C ARG C 26 -13.07 -36.23 12.35
N LEU C 27 -13.53 -37.08 13.26
CA LEU C 27 -14.95 -37.17 13.57
C LEU C 27 -15.31 -36.19 14.69
N ARG C 28 -16.39 -35.46 14.50
CA ARG C 28 -16.84 -34.52 15.50
C ARG C 28 -17.41 -35.26 16.71
N PRO C 29 -17.52 -34.59 17.86
CA PRO C 29 -18.21 -35.23 18.98
C PRO C 29 -19.66 -35.51 18.64
N ASP C 30 -20.15 -36.67 19.10
CA ASP C 30 -21.53 -37.10 18.85
C ASP C 30 -21.80 -37.15 17.34
N PHE C 31 -21.09 -38.04 16.65
CA PHE C 31 -21.19 -38.11 15.20
C PHE C 31 -22.60 -38.49 14.77
N GLY C 32 -23.21 -39.46 15.45
CA GLY C 32 -24.58 -39.84 15.20
C GLY C 32 -25.60 -39.16 16.09
N GLY C 33 -25.16 -38.46 17.13
CA GLY C 33 -26.04 -37.86 18.09
C GLY C 33 -26.54 -36.50 17.65
N PRO C 34 -27.16 -35.75 18.57
CA PRO C 34 -27.60 -34.40 18.24
C PRO C 34 -26.42 -33.50 17.95
N PRO C 35 -26.65 -32.33 17.33
CA PRO C 35 -25.53 -31.45 17.00
C PRO C 35 -24.85 -30.91 18.25
N VAL C 36 -23.56 -30.68 18.14
CA VAL C 36 -22.78 -30.12 19.23
C VAL C 36 -23.06 -28.63 19.33
N CYS C 37 -23.28 -28.15 20.55
CA CYS C 37 -23.55 -26.74 20.79
C CYS C 37 -22.24 -26.04 21.13
N VAL C 38 -21.85 -25.08 20.31
CA VAL C 38 -20.60 -24.34 20.46
C VAL C 38 -20.97 -22.94 20.95
N GLY C 39 -20.70 -22.68 22.23
CA GLY C 39 -20.97 -21.37 22.79
C GLY C 39 -19.82 -20.42 22.59
N MET C 40 -20.02 -19.37 21.81
CA MET C 40 -18.95 -18.45 21.45
C MET C 40 -18.95 -17.25 22.38
N ASN C 41 -17.82 -16.55 22.39
CA ASN C 41 -17.62 -15.40 23.26
C ASN C 41 -16.48 -14.57 22.67
N ILE C 42 -16.59 -13.25 22.78
CA ILE C 42 -15.66 -12.32 22.18
C ILE C 42 -15.30 -11.24 23.19
N ASP C 43 -14.03 -10.87 23.23
CA ASP C 43 -13.57 -9.66 23.92
C ASP C 43 -12.85 -8.80 22.90
N ILE C 44 -13.41 -7.62 22.62
CA ILE C 44 -12.87 -6.75 21.58
C ILE C 44 -11.73 -5.94 22.20
N ALA C 45 -10.50 -6.28 21.81
CA ALA C 45 -9.35 -5.57 22.36
C ALA C 45 -9.33 -4.12 21.89
N SER C 46 -9.49 -3.89 20.59
CA SER C 46 -9.53 -2.55 20.05
C SER C 46 -9.93 -2.60 18.58
N ILE C 47 -10.83 -1.70 18.20
CA ILE C 47 -11.16 -1.49 16.79
C ILE C 47 -10.14 -0.49 16.25
N ASP C 48 -9.25 -0.96 15.39
CA ASP C 48 -8.21 -0.12 14.82
C ASP C 48 -8.80 0.72 13.68
N MET C 49 -7.93 1.30 12.86
CA MET C 49 -8.33 2.21 11.78
C MET C 49 -9.48 1.68 10.95
N VAL C 50 -10.27 2.61 10.42
CA VAL C 50 -11.45 2.32 9.61
C VAL C 50 -11.30 3.14 8.33
N SER C 51 -10.77 2.54 7.28
CA SER C 51 -10.45 3.25 6.06
C SER C 51 -11.63 3.25 5.11
N GLU C 52 -12.14 4.45 4.79
CA GLU C 52 -13.12 4.57 3.72
C GLU C 52 -12.50 4.20 2.38
N VAL C 53 -11.21 4.48 2.21
CA VAL C 53 -10.55 4.15 0.95
C VAL C 53 -10.58 2.65 0.71
N ASN C 54 -10.24 1.87 1.73
CA ASN C 54 -10.27 0.42 1.65
C ASN C 54 -11.65 -0.16 1.90
N MET C 55 -12.58 0.62 2.46
CA MET C 55 -13.94 0.16 2.71
C MET C 55 -13.95 -1.04 3.68
N ASP C 56 -13.17 -0.91 4.74
CA ASP C 56 -13.05 -1.99 5.73
C ASP C 56 -12.57 -1.40 7.04
N TYR C 57 -12.47 -2.25 8.06
CA TYR C 57 -11.96 -1.85 9.36
C TYR C 57 -11.20 -3.02 9.97
N THR C 58 -10.09 -2.69 10.63
CA THR C 58 -9.25 -3.70 11.26
C THR C 58 -9.68 -3.88 12.70
N LEU C 59 -9.76 -5.14 13.12
CA LEU C 59 -10.29 -5.52 14.43
C LEU C 59 -9.32 -6.48 15.10
N THR C 60 -9.24 -6.40 16.43
CA THR C 60 -8.43 -7.30 17.23
C THR C 60 -9.28 -7.81 18.38
N MET C 61 -9.24 -9.12 18.62
CA MET C 61 -10.28 -9.75 19.43
C MET C 61 -9.79 -11.05 20.04
N TYR C 62 -10.03 -11.22 21.33
CA TYR C 62 -9.90 -12.53 21.96
C TYR C 62 -11.17 -13.31 21.70
N PHE C 63 -11.04 -14.42 21.01
CA PHE C 63 -12.16 -15.20 20.49
C PHE C 63 -12.16 -16.55 21.19
N GLN C 64 -13.13 -16.75 22.08
CA GLN C 64 -13.22 -17.97 22.88
C GLN C 64 -14.46 -18.75 22.46
N GLN C 65 -14.38 -20.07 22.58
CA GLN C 65 -15.51 -20.92 22.24
C GLN C 65 -15.48 -22.17 23.11
N TYR C 66 -16.63 -22.50 23.67
CA TYR C 66 -16.79 -23.63 24.57
C TYR C 66 -17.62 -24.70 23.89
N TRP C 67 -17.25 -25.96 24.09
CA TRP C 67 -18.11 -27.06 23.67
C TRP C 67 -17.90 -28.21 24.63
N ARG C 68 -18.56 -29.34 24.33
CA ARG C 68 -18.58 -30.49 25.21
C ARG C 68 -18.22 -31.73 24.40
N ASP C 69 -17.02 -32.24 24.63
CA ASP C 69 -16.55 -33.49 24.02
C ASP C 69 -16.48 -34.53 25.11
N LYS C 70 -17.39 -35.52 25.06
CA LYS C 70 -17.39 -36.58 26.06
C LYS C 70 -16.17 -37.48 25.95
N ARG C 71 -15.50 -37.49 24.79
CA ARG C 71 -14.30 -38.30 24.65
C ARG C 71 -13.19 -37.82 25.57
N LEU C 72 -13.14 -36.52 25.86
CA LEU C 72 -12.10 -35.92 26.68
C LEU C 72 -12.52 -35.78 28.14
N ALA C 73 -13.38 -36.68 28.62
CA ALA C 73 -13.76 -36.67 30.03
C ALA C 73 -12.71 -37.40 30.85
N TYR C 74 -12.38 -36.85 32.02
CA TYR C 74 -11.42 -37.45 32.93
C TYR C 74 -11.86 -37.20 34.36
N SER C 75 -11.34 -38.03 35.27
CA SER C 75 -11.70 -37.99 36.67
C SER C 75 -10.46 -38.19 37.52
N GLY C 76 -10.59 -37.88 38.81
CA GLY C 76 -9.49 -37.98 39.74
C GLY C 76 -8.55 -36.80 39.76
N ILE C 77 -8.77 -35.79 38.92
CA ILE C 77 -7.93 -34.60 38.83
C ILE C 77 -8.85 -33.39 39.00
N PRO C 78 -9.11 -32.94 40.23
CA PRO C 78 -10.05 -31.81 40.40
C PRO C 78 -9.65 -30.55 39.67
N LEU C 79 -8.35 -30.31 39.51
CA LEU C 79 -7.90 -29.11 38.80
C LEU C 79 -8.21 -29.25 37.32
N ASN C 80 -9.00 -28.31 36.80
CA ASN C 80 -9.23 -28.26 35.36
C ASN C 80 -7.95 -27.87 34.64
N LEU C 81 -7.55 -28.66 33.65
CA LEU C 81 -6.22 -28.55 33.08
C LEU C 81 -6.16 -27.44 32.05
N THR C 82 -5.10 -26.63 32.13
CA THR C 82 -4.78 -25.63 31.10
C THR C 82 -3.60 -26.20 30.30
N LEU C 83 -3.91 -26.85 29.19
CA LEU C 83 -2.89 -27.56 28.45
C LEU C 83 -2.11 -26.62 27.54
N ASP C 84 -0.94 -27.07 27.11
CA ASP C 84 -0.15 -26.32 26.16
C ASP C 84 -0.89 -26.24 24.83
N ASN C 85 -0.66 -25.15 24.10
CA ASN C 85 -1.42 -24.89 22.89
C ASN C 85 -1.19 -25.96 21.82
N ARG C 86 -0.03 -26.64 21.86
CA ARG C 86 0.28 -27.64 20.85
C ARG C 86 -0.75 -28.75 20.81
N VAL C 87 -1.39 -29.06 21.94
CA VAL C 87 -2.38 -30.12 21.98
C VAL C 87 -3.58 -29.81 21.08
N ALA C 88 -3.77 -28.54 20.70
CA ALA C 88 -4.83 -28.19 19.77
C ALA C 88 -4.67 -28.92 18.44
N ASP C 89 -3.45 -29.31 18.09
CA ASP C 89 -3.27 -30.11 16.88
C ASP C 89 -3.89 -31.49 17.02
N GLN C 90 -3.95 -32.03 18.25
CA GLN C 90 -4.43 -33.38 18.48
C GLN C 90 -5.92 -33.46 18.81
N LEU C 91 -6.62 -32.33 18.87
CA LEU C 91 -8.02 -32.29 19.26
C LEU C 91 -8.87 -31.75 18.12
N TRP C 92 -10.11 -32.22 18.05
CA TRP C 92 -11.08 -31.64 17.13
C TRP C 92 -11.52 -30.28 17.64
N VAL C 93 -11.63 -29.32 16.72
CA VAL C 93 -12.15 -27.99 17.03
C VAL C 93 -13.09 -27.56 15.93
N PRO C 94 -14.01 -26.63 16.22
CA PRO C 94 -14.96 -26.21 15.19
C PRO C 94 -14.25 -25.50 14.04
N ASP C 95 -14.84 -25.62 12.86
CA ASP C 95 -14.33 -24.98 11.65
C ASP C 95 -14.87 -23.56 11.46
N THR C 96 -14.81 -22.79 12.54
CA THR C 96 -15.35 -21.44 12.55
C THR C 96 -14.54 -20.53 11.62
N TYR C 97 -15.24 -19.59 10.97
CA TYR C 97 -14.58 -18.62 10.13
C TYR C 97 -15.46 -17.40 9.98
N PHE C 98 -14.92 -16.38 9.33
CA PHE C 98 -15.57 -15.08 9.16
C PHE C 98 -15.86 -14.84 7.69
N LEU C 99 -16.96 -14.13 7.42
CA LEU C 99 -17.35 -13.80 6.05
C LEU C 99 -16.89 -12.41 5.63
N ASN C 100 -16.86 -11.46 6.54
CA ASN C 100 -16.44 -10.12 6.20
C ASN C 100 -14.92 -9.98 6.10
N ASP C 101 -14.16 -10.95 6.59
CA ASP C 101 -12.72 -10.83 6.61
C ASP C 101 -12.15 -10.80 5.20
N LYS C 102 -11.07 -10.04 5.04
CA LYS C 102 -10.29 -10.01 3.83
C LYS C 102 -8.85 -10.45 4.05
N LYS C 103 -8.31 -10.25 5.25
CA LYS C 103 -6.99 -10.75 5.59
C LYS C 103 -6.92 -10.80 7.11
N SER C 104 -6.88 -12.02 7.65
CA SER C 104 -6.89 -12.23 9.09
C SER C 104 -5.77 -13.17 9.49
N PHE C 105 -5.36 -13.07 10.75
CA PHE C 105 -4.28 -13.92 11.25
C PHE C 105 -4.37 -14.05 12.75
N VAL C 106 -3.85 -15.15 13.25
CA VAL C 106 -3.71 -15.38 14.68
C VAL C 106 -2.30 -14.98 15.10
N HIS C 107 -2.21 -14.18 16.16
CA HIS C 107 -0.91 -13.69 16.59
C HIS C 107 0.00 -14.83 17.02
N GLY C 108 1.28 -14.69 16.73
CA GLY C 108 2.27 -15.72 16.98
C GLY C 108 3.48 -15.23 17.73
N VAL C 109 3.28 -14.32 18.68
CA VAL C 109 4.39 -13.67 19.38
C VAL C 109 4.89 -14.62 20.47
N THR C 110 6.01 -15.28 20.18
CA THR C 110 6.70 -16.24 21.04
C THR C 110 5.99 -17.58 21.16
N VAL C 111 4.75 -17.68 20.70
CA VAL C 111 3.90 -18.87 20.76
C VAL C 111 2.75 -18.57 19.81
N LYS C 112 2.20 -19.58 19.16
CA LYS C 112 0.94 -19.37 18.47
C LYS C 112 -0.11 -19.06 19.53
N ASN C 113 -0.68 -17.86 19.51
CA ASN C 113 -1.52 -17.42 20.62
C ASN C 113 -2.81 -18.21 20.65
N ARG C 114 -2.82 -19.31 21.39
CA ARG C 114 -3.99 -20.13 21.57
C ARG C 114 -3.98 -20.68 22.99
N MET C 115 -5.16 -21.05 23.47
CA MET C 115 -5.30 -21.64 24.79
C MET C 115 -6.32 -22.76 24.73
N ILE C 116 -5.97 -23.89 25.35
CA ILE C 116 -6.84 -25.05 25.48
C ILE C 116 -7.02 -25.31 26.96
N ARG C 117 -8.28 -25.34 27.40
CA ARG C 117 -8.60 -25.61 28.80
C ARG C 117 -9.63 -26.72 28.87
N LEU C 118 -9.24 -27.85 29.43
CA LEU C 118 -10.11 -28.99 29.62
C LEU C 118 -10.64 -29.02 31.06
N HIS C 119 -11.85 -29.54 31.22
CA HIS C 119 -12.54 -29.63 32.48
C HIS C 119 -12.91 -31.09 32.75
N PRO C 120 -13.05 -31.50 34.02
CA PRO C 120 -13.32 -32.92 34.29
C PRO C 120 -14.61 -33.43 33.68
N ASP C 121 -15.64 -32.59 33.58
CA ASP C 121 -16.90 -33.03 32.99
C ASP C 121 -16.78 -33.31 31.50
N GLY C 122 -15.74 -32.78 30.84
CA GLY C 122 -15.55 -32.92 29.40
C GLY C 122 -15.65 -31.64 28.64
N THR C 123 -16.02 -30.54 29.28
CA THR C 123 -16.10 -29.26 28.59
C THR C 123 -14.71 -28.81 28.15
N VAL C 124 -14.64 -28.29 26.93
CA VAL C 124 -13.40 -27.81 26.33
C VAL C 124 -13.58 -26.34 25.99
N LEU C 125 -12.65 -25.51 26.46
CA LEU C 125 -12.59 -24.09 26.12
C LEU C 125 -11.40 -23.88 25.20
N TYR C 126 -11.64 -23.24 24.05
CA TYR C 126 -10.64 -23.01 23.03
C TYR C 126 -10.61 -21.51 22.75
N GLY C 127 -9.47 -20.88 23.00
CA GLY C 127 -9.34 -19.44 22.89
C GLY C 127 -8.24 -19.07 21.92
N LEU C 128 -8.45 -17.98 21.17
CA LEU C 128 -7.48 -17.44 20.24
C LEU C 128 -7.41 -15.93 20.41
N ARG C 129 -6.33 -15.34 19.90
CA ARG C 129 -6.20 -13.89 19.78
C ARG C 129 -6.06 -13.60 18.28
N ILE C 130 -7.14 -13.12 17.68
CA ILE C 130 -7.24 -12.99 16.23
C ILE C 130 -7.23 -11.51 15.87
N THR C 131 -6.66 -11.20 14.71
CA THR C 131 -6.70 -9.87 14.14
C THR C 131 -7.18 -9.99 12.71
N THR C 132 -8.27 -9.30 12.39
CA THR C 132 -8.93 -9.38 11.10
C THR C 132 -9.01 -8.01 10.45
N THR C 133 -9.27 -8.02 9.15
CA THR C 133 -9.58 -6.82 8.37
C THR C 133 -10.94 -7.06 7.74
N ALA C 134 -11.99 -6.75 8.50
CA ALA C 134 -13.35 -7.07 8.09
C ALA C 134 -13.89 -5.96 7.20
N ALA C 135 -14.54 -6.34 6.10
CA ALA C 135 -15.07 -5.39 5.15
C ALA C 135 -16.53 -5.09 5.48
N CYS C 136 -16.85 -3.81 5.67
CA CYS C 136 -18.22 -3.35 5.83
C CYS C 136 -18.45 -2.21 4.86
N MET C 137 -19.35 -2.40 3.91
CA MET C 137 -19.64 -1.36 2.93
C MET C 137 -20.32 -0.19 3.63
N MET C 138 -19.98 1.01 3.17
CA MET C 138 -20.40 2.26 3.81
C MET C 138 -21.18 3.11 2.81
N ASP C 139 -22.29 3.69 3.29
CA ASP C 139 -23.10 4.61 2.49
C ASP C 139 -22.59 6.02 2.72
N LEU C 140 -22.01 6.61 1.69
CA LEU C 140 -21.38 7.93 1.78
C LEU C 140 -22.25 9.04 1.22
N ARG C 141 -23.54 8.77 0.96
CA ARG C 141 -24.41 9.83 0.47
C ARG C 141 -24.54 10.96 1.48
N ARG C 142 -24.66 10.62 2.75
CA ARG C 142 -24.73 11.60 3.83
C ARG C 142 -23.35 11.98 4.37
N TYR C 143 -22.28 11.54 3.71
CA TYR C 143 -20.94 11.81 4.21
C TYR C 143 -20.68 13.32 4.22
N PRO C 144 -20.04 13.86 5.27
CA PRO C 144 -19.48 13.28 6.49
C PRO C 144 -20.47 13.25 7.65
N LEU C 145 -21.75 13.43 7.38
CA LEU C 145 -22.80 13.46 8.40
C LEU C 145 -23.59 12.16 8.41
N ASP C 146 -22.92 11.03 8.19
CA ASP C 146 -23.57 9.75 7.95
C ASP C 146 -23.38 8.80 9.12
N GLU C 147 -24.34 7.89 9.25
CA GLU C 147 -24.25 6.74 10.14
C GLU C 147 -23.68 5.56 9.37
N GLN C 148 -23.15 4.59 10.10
CA GLN C 148 -22.60 3.38 9.49
C GLN C 148 -22.99 2.16 10.32
N ASN C 149 -23.18 1.05 9.63
CA ASN C 149 -23.37 -0.27 10.23
C ASN C 149 -22.27 -1.17 9.75
N CYS C 150 -21.40 -1.61 10.67
CA CYS C 150 -20.31 -2.52 10.34
C CYS C 150 -20.46 -3.79 11.17
N THR C 151 -20.48 -4.93 10.49
CA THR C 151 -20.84 -6.20 11.09
C THR C 151 -19.69 -7.20 10.94
N LEU C 152 -19.48 -7.97 12.01
CA LEU C 152 -18.58 -9.12 11.99
C LEU C 152 -19.45 -10.36 12.09
N GLU C 153 -19.34 -11.25 11.10
CA GLU C 153 -20.21 -12.41 10.97
C GLU C 153 -19.39 -13.68 11.04
N ILE C 154 -19.93 -14.67 11.74
CA ILE C 154 -19.25 -15.92 12.05
C ILE C 154 -20.09 -17.07 11.54
N GLU C 155 -19.45 -17.98 10.81
CA GLU C 155 -20.09 -19.16 10.24
C GLU C 155 -19.25 -20.39 10.48
N SER C 156 -19.91 -21.55 10.36
CA SER C 156 -19.23 -22.84 10.29
C SER C 156 -19.08 -23.20 8.83
N TYR C 157 -17.83 -23.43 8.41
CA TYR C 157 -17.55 -23.56 6.98
C TYR C 157 -18.15 -24.83 6.41
N GLY C 158 -17.94 -25.97 7.08
CA GLY C 158 -18.31 -27.26 6.54
C GLY C 158 -19.53 -27.87 7.18
N TYR C 159 -19.67 -27.73 8.49
CA TYR C 159 -20.72 -28.41 9.24
C TYR C 159 -22.01 -27.62 9.14
N THR C 160 -23.09 -28.31 8.73
CA THR C 160 -24.39 -27.69 8.62
C THR C 160 -25.04 -27.61 10.00
N THR C 161 -26.25 -27.04 10.04
CA THR C 161 -26.94 -26.90 11.32
C THR C 161 -27.32 -28.25 11.92
N ASP C 162 -27.41 -29.30 11.10
CA ASP C 162 -27.72 -30.62 11.64
C ASP C 162 -26.55 -31.18 12.45
N ASP C 163 -25.33 -30.72 12.18
CA ASP C 163 -24.13 -31.22 12.84
C ASP C 163 -23.64 -30.31 13.95
N ILE C 164 -23.69 -29.00 13.75
CA ILE C 164 -23.13 -28.03 14.69
C ILE C 164 -24.16 -26.93 14.94
N GLU C 165 -24.04 -26.29 16.10
CA GLU C 165 -24.96 -25.24 16.50
C GLU C 165 -24.19 -24.22 17.31
N PHE C 166 -24.47 -22.94 17.06
CA PHE C 166 -23.81 -21.82 17.71
C PHE C 166 -24.80 -21.09 18.62
N TYR C 167 -24.26 -20.42 19.63
CA TYR C 167 -25.07 -19.55 20.46
C TYR C 167 -24.15 -18.61 21.21
N TRP C 168 -24.59 -17.36 21.37
CA TRP C 168 -23.81 -16.36 22.08
C TRP C 168 -23.77 -16.71 23.56
N ARG C 169 -22.64 -17.23 24.02
CA ARG C 169 -22.50 -17.58 25.42
C ARG C 169 -22.61 -16.33 26.28
N GLY C 170 -23.38 -16.40 27.35
CA GLY C 170 -23.65 -15.25 28.18
C GLY C 170 -24.75 -14.34 27.68
N GLY C 171 -25.42 -14.70 26.60
CA GLY C 171 -26.52 -13.89 26.11
C GLY C 171 -26.03 -12.54 25.62
N ASP C 172 -26.67 -11.47 26.10
CA ASP C 172 -26.32 -10.13 25.66
C ASP C 172 -24.90 -9.74 26.08
N LYS C 173 -24.38 -10.35 27.14
CA LYS C 173 -23.06 -10.03 27.66
C LYS C 173 -21.95 -10.83 26.97
N ALA C 174 -22.23 -11.43 25.82
CA ALA C 174 -21.23 -12.26 25.16
C ALA C 174 -20.04 -11.43 24.70
N VAL C 175 -20.30 -10.26 24.12
CA VAL C 175 -19.26 -9.37 23.62
C VAL C 175 -19.01 -8.30 24.67
N THR C 176 -17.73 -8.07 25.00
CA THR C 176 -17.35 -7.12 26.02
C THR C 176 -16.19 -6.28 25.51
N GLY C 177 -15.89 -5.21 26.24
CA GLY C 177 -14.79 -4.33 25.91
C GLY C 177 -15.11 -3.24 24.91
N VAL C 178 -16.34 -3.19 24.40
CA VAL C 178 -16.68 -2.17 23.41
C VAL C 178 -16.66 -0.78 24.04
N GLU C 179 -17.07 -0.68 25.32
CA GLU C 179 -17.14 0.62 25.97
C GLU C 179 -15.76 1.27 26.11
N ARG C 180 -14.72 0.47 26.26
CA ARG C 180 -13.37 1.00 26.45
C ARG C 180 -12.75 1.53 25.16
N ILE C 181 -13.37 1.29 24.00
CA ILE C 181 -12.77 1.67 22.73
C ILE C 181 -13.05 3.13 22.46
N GLU C 182 -12.03 3.84 21.96
CA GLU C 182 -12.11 5.26 21.63
C GLU C 182 -11.49 5.44 20.26
N LEU C 183 -12.32 5.37 19.22
CA LEU C 183 -11.85 5.61 17.87
C LEU C 183 -11.51 7.08 17.69
N PRO C 184 -10.64 7.41 16.73
CA PRO C 184 -10.25 8.83 16.59
C PRO C 184 -11.39 9.73 16.15
N GLN C 185 -12.21 9.27 15.21
CA GLN C 185 -13.31 10.05 14.65
C GLN C 185 -14.66 9.42 14.89
N PHE C 186 -14.83 8.14 14.55
CA PHE C 186 -16.12 7.49 14.73
C PHE C 186 -16.42 7.30 16.21
N SER C 187 -17.71 7.13 16.51
CA SER C 187 -18.19 6.88 17.86
C SER C 187 -19.16 5.71 17.83
N ILE C 188 -18.93 4.71 18.66
CA ILE C 188 -19.76 3.52 18.71
C ILE C 188 -20.98 3.82 19.56
N VAL C 189 -22.13 4.03 18.92
CA VAL C 189 -23.33 4.38 19.67
C VAL C 189 -23.99 3.14 20.25
N GLU C 190 -23.97 2.02 19.53
CA GLU C 190 -24.49 0.78 20.09
C GLU C 190 -23.92 -0.40 19.33
N HIS C 191 -24.06 -1.58 19.95
CA HIS C 191 -23.68 -2.85 19.35
C HIS C 191 -24.79 -3.86 19.60
N ARG C 192 -24.97 -4.76 18.64
CA ARG C 192 -26.07 -5.73 18.67
C ARG C 192 -25.55 -7.11 18.30
N LEU C 193 -26.05 -8.12 19.02
CA LEU C 193 -25.72 -9.53 18.78
C LEU C 193 -26.93 -10.22 18.18
N VAL C 194 -26.70 -10.99 17.11
CA VAL C 194 -27.76 -11.69 16.40
C VAL C 194 -27.30 -13.11 16.12
N SER C 195 -28.22 -14.05 16.25
CA SER C 195 -27.98 -15.44 15.90
C SER C 195 -29.10 -15.89 14.97
N ARG C 196 -28.74 -16.52 13.86
CA ARG C 196 -29.72 -16.92 12.85
C ARG C 196 -29.22 -18.16 12.14
N ASN C 197 -29.97 -18.58 11.13
CA ASN C 197 -29.70 -19.79 10.36
C ASN C 197 -29.82 -19.44 8.89
N VAL C 198 -28.72 -19.54 8.15
CA VAL C 198 -28.65 -19.13 6.75
C VAL C 198 -28.73 -20.37 5.88
N VAL C 199 -29.67 -20.39 4.95
CA VAL C 199 -29.91 -21.54 4.08
C VAL C 199 -29.12 -21.33 2.80
N PHE C 200 -28.22 -22.27 2.51
CA PHE C 200 -27.43 -22.32 1.30
C PHE C 200 -27.93 -23.45 0.41
N ALA C 201 -27.31 -23.58 -0.76
CA ALA C 201 -27.65 -24.69 -1.65
C ALA C 201 -27.32 -26.03 -1.01
N THR C 202 -26.16 -26.12 -0.35
CA THR C 202 -25.78 -27.36 0.30
C THR C 202 -26.69 -27.66 1.48
N GLY C 203 -27.01 -26.66 2.28
CA GLY C 203 -27.87 -26.87 3.44
C GLY C 203 -27.92 -25.63 4.30
N ALA C 204 -28.48 -25.80 5.49
CA ALA C 204 -28.65 -24.72 6.46
C ALA C 204 -27.45 -24.68 7.39
N TYR C 205 -26.93 -23.47 7.63
CA TYR C 205 -25.73 -23.25 8.41
C TYR C 205 -25.99 -22.26 9.54
N PRO C 206 -25.30 -22.38 10.68
CA PRO C 206 -25.54 -21.45 11.77
C PRO C 206 -24.74 -20.17 11.59
N ARG C 207 -25.35 -19.04 11.93
CA ARG C 207 -24.77 -17.72 11.73
C ARG C 207 -24.81 -16.96 13.04
N LEU C 208 -23.69 -16.35 13.40
CA LEU C 208 -23.64 -15.34 14.45
C LEU C 208 -23.21 -14.02 13.84
N SER C 209 -23.66 -12.92 14.42
CA SER C 209 -23.36 -11.60 13.89
C SER C 209 -23.25 -10.61 15.04
N LEU C 210 -22.24 -9.74 14.95
CA LEU C 210 -22.00 -8.67 15.90
C LEU C 210 -21.92 -7.39 15.10
N SER C 211 -22.93 -6.53 15.23
CA SER C 211 -23.08 -5.34 14.39
C SER C 211 -22.90 -4.10 15.25
N PHE C 212 -21.95 -3.25 14.87
CA PHE C 212 -21.72 -1.97 15.51
C PHE C 212 -22.33 -0.86 14.67
N ARG C 213 -22.97 0.09 15.36
CA ARG C 213 -23.44 1.33 14.73
C ARG C 213 -22.44 2.42 15.06
N LEU C 214 -21.90 3.06 14.03
CA LEU C 214 -20.86 4.06 14.16
C LEU C 214 -21.39 5.41 13.69
N LYS C 215 -21.20 6.43 14.52
CA LYS C 215 -21.52 7.81 14.19
C LYS C 215 -20.23 8.60 14.05
N ARG C 216 -20.06 9.29 12.94
CA ARG C 216 -18.85 10.07 12.70
C ARG C 216 -18.95 11.37 13.48
N ASN C 217 -18.07 11.54 14.45
CA ASN C 217 -18.02 12.80 15.19
C ASN C 217 -17.67 13.93 14.24
N ILE C 218 -18.42 15.02 14.34
CA ILE C 218 -18.25 16.17 13.45
C ILE C 218 -17.70 17.34 14.26
N GLY C 219 -16.38 17.41 14.33
CA GLY C 219 -15.68 18.57 14.88
C GLY C 219 -14.40 18.90 14.15
N TYR C 220 -14.06 18.13 13.11
CA TYR C 220 -12.83 18.28 12.36
C TYR C 220 -13.08 18.71 10.92
N PHE C 221 -13.89 17.95 10.18
CA PHE C 221 -14.22 18.34 8.81
C PHE C 221 -14.99 19.66 8.80
N ILE C 222 -15.89 19.85 9.78
CA ILE C 222 -16.68 21.06 9.82
C ILE C 222 -15.79 22.30 9.98
N LEU C 223 -14.68 22.16 10.70
CA LEU C 223 -13.79 23.29 10.94
C LEU C 223 -12.70 23.42 9.90
N GLN C 224 -12.22 22.31 9.34
CA GLN C 224 -11.05 22.32 8.47
C GLN C 224 -11.38 22.21 6.98
N THR C 225 -12.63 21.92 6.62
CA THR C 225 -13.03 21.75 5.22
C THR C 225 -14.07 22.77 4.79
N TYR C 226 -15.17 22.90 5.53
CA TYR C 226 -16.22 23.84 5.13
C TYR C 226 -15.79 25.28 5.33
N MET C 227 -15.08 25.56 6.42
CA MET C 227 -14.71 26.94 6.74
C MET C 227 -13.85 27.59 5.67
N PRO C 228 -12.81 26.93 5.11
CA PRO C 228 -12.06 27.54 4.01
C PRO C 228 -12.94 28.01 2.86
N SER C 229 -13.86 27.15 2.42
CA SER C 229 -14.72 27.49 1.29
C SER C 229 -15.63 28.66 1.62
N ILE C 230 -16.19 28.67 2.82
CA ILE C 230 -17.11 29.72 3.24
C ILE C 230 -16.36 31.06 3.28
N LEU C 231 -15.17 31.05 3.88
CA LEU C 231 -14.40 32.27 4.00
C LEU C 231 -13.97 32.77 2.62
N ILE C 232 -13.65 31.85 1.71
CA ILE C 232 -13.27 32.25 0.37
C ILE C 232 -14.45 32.76 -0.43
N THR C 233 -15.67 32.31 -0.15
CA THR C 233 -16.84 32.91 -0.78
C THR C 233 -17.09 34.33 -0.25
N ILE C 234 -16.92 34.52 1.06
CA ILE C 234 -17.03 35.88 1.60
C ILE C 234 -15.95 36.78 1.00
N LEU C 235 -14.76 36.21 0.79
CA LEU C 235 -13.69 36.93 0.11
C LEU C 235 -14.12 37.37 -1.28
N SER C 236 -14.79 36.48 -2.02
CA SER C 236 -15.29 36.86 -3.33
C SER C 236 -16.32 37.97 -3.23
N TRP C 237 -17.17 37.91 -2.20
CA TRP C 237 -18.18 38.96 -2.02
C TRP C 237 -17.55 40.30 -1.72
N VAL C 238 -16.36 40.32 -1.12
CA VAL C 238 -15.70 41.59 -0.82
C VAL C 238 -15.48 42.42 -2.08
N SER C 239 -15.38 41.77 -3.24
CA SER C 239 -15.17 42.49 -4.49
C SER C 239 -16.32 43.45 -4.81
N PHE C 240 -17.52 43.21 -4.29
CA PHE C 240 -18.65 44.08 -4.62
C PHE C 240 -18.42 45.49 -4.09
N TRP C 241 -17.91 45.61 -2.86
CA TRP C 241 -17.74 46.92 -2.25
C TRP C 241 -16.69 47.76 -2.96
N ILE C 242 -15.77 47.15 -3.70
CA ILE C 242 -14.79 47.90 -4.46
C ILE C 242 -15.47 48.52 -5.67
N ASN C 243 -15.05 49.75 -6.01
CA ASN C 243 -15.67 50.47 -7.11
C ASN C 243 -15.39 49.77 -8.45
N TYR C 244 -16.33 49.91 -9.38
CA TYR C 244 -16.21 49.24 -10.67
C TYR C 244 -15.07 49.78 -11.52
N ASP C 245 -14.62 51.01 -11.27
CA ASP C 245 -13.56 51.58 -12.09
C ASP C 245 -12.25 50.81 -11.93
N ALA C 246 -11.97 50.29 -10.74
CA ALA C 246 -10.75 49.52 -10.49
C ALA C 246 -10.94 48.12 -11.07
N SER C 247 -10.83 48.04 -12.40
CA SER C 247 -11.04 46.76 -13.08
C SER C 247 -9.99 45.73 -12.67
N ALA C 248 -8.74 46.16 -12.54
CA ALA C 248 -7.67 45.23 -12.19
C ALA C 248 -7.91 44.60 -10.83
N ALA C 249 -8.31 45.40 -9.84
CA ALA C 249 -8.57 44.84 -8.52
C ALA C 249 -9.72 43.84 -8.56
N ARG C 250 -10.80 44.19 -9.25
CA ARG C 250 -11.97 43.32 -9.28
C ARG C 250 -11.64 41.99 -9.95
N VAL C 251 -11.03 42.04 -11.14
CA VAL C 251 -10.75 40.81 -11.86
C VAL C 251 -9.70 39.99 -11.12
N ALA C 252 -8.70 40.63 -10.51
CA ALA C 252 -7.70 39.89 -9.75
C ALA C 252 -8.35 39.16 -8.58
N LEU C 253 -9.21 39.87 -7.82
CA LEU C 253 -9.84 39.25 -6.67
C LEU C 253 -10.74 38.09 -7.09
N GLY C 254 -11.56 38.29 -8.13
CA GLY C 254 -12.44 37.21 -8.56
C GLY C 254 -11.69 36.01 -9.09
N ILE C 255 -10.71 36.24 -9.96
CA ILE C 255 -10.02 35.12 -10.60
C ILE C 255 -9.16 34.38 -9.60
N THR C 256 -8.52 35.09 -8.66
CA THR C 256 -7.71 34.39 -7.68
C THR C 256 -8.58 33.68 -6.64
N THR C 257 -9.79 34.19 -6.37
CA THR C 257 -10.71 33.41 -5.54
C THR C 257 -11.09 32.10 -6.23
N VAL C 258 -11.35 32.16 -7.54
CA VAL C 258 -11.63 30.94 -8.28
C VAL C 258 -10.43 30.00 -8.23
N LEU C 259 -9.22 30.56 -8.35
CA LEU C 259 -8.01 29.76 -8.29
C LEU C 259 -7.86 29.05 -6.94
N THR C 260 -8.13 29.77 -5.85
CA THR C 260 -8.05 29.16 -4.53
C THR C 260 -9.11 28.07 -4.37
N MET C 261 -10.32 28.32 -4.89
CA MET C 261 -11.38 27.33 -4.76
C MET C 261 -11.01 26.04 -5.48
N THR C 262 -10.52 26.15 -6.71
CA THR C 262 -10.12 24.94 -7.43
C THR C 262 -8.90 24.30 -6.80
N THR C 263 -8.02 25.09 -6.18
CA THR C 263 -6.90 24.52 -5.45
C THR C 263 -7.38 23.66 -4.30
N ILE C 264 -8.35 24.16 -3.54
CA ILE C 264 -8.93 23.36 -2.46
C ILE C 264 -9.58 22.10 -3.03
N ASN C 265 -10.31 22.26 -4.13
CA ASN C 265 -11.03 21.12 -4.70
C ASN C 265 -10.06 20.03 -5.12
N THR C 266 -8.94 20.40 -5.76
CA THR C 266 -7.99 19.40 -6.24
C THR C 266 -7.06 18.91 -5.13
N HIS C 267 -6.94 19.63 -4.02
CA HIS C 267 -6.11 19.16 -2.91
C HIS C 267 -6.88 18.36 -1.86
N LEU C 268 -8.22 18.43 -1.87
CA LEU C 268 -9.04 17.68 -0.93
C LEU C 268 -9.47 16.32 -1.47
N ARG C 269 -8.98 15.91 -2.65
CA ARG C 269 -9.34 14.62 -3.22
C ARG C 269 -8.75 13.44 -2.45
N GLU C 270 -7.79 13.68 -1.56
CA GLU C 270 -7.17 12.62 -0.77
C GLU C 270 -7.98 12.25 0.47
N THR C 271 -9.24 12.67 0.58
CA THR C 271 -10.03 12.42 1.77
C THR C 271 -10.73 11.05 1.74
N LEU C 272 -11.31 10.68 0.61
CA LEU C 272 -12.10 9.48 0.52
C LEU C 272 -12.16 9.05 -0.95
N PRO C 273 -12.47 7.79 -1.23
CA PRO C 273 -12.16 7.22 -2.54
C PRO C 273 -13.20 7.54 -3.61
N LYS C 274 -12.96 6.98 -4.78
CA LYS C 274 -13.86 7.10 -5.92
C LYS C 274 -15.23 6.50 -5.58
N ILE C 275 -16.28 7.31 -5.68
CA ILE C 275 -17.65 6.81 -5.64
C ILE C 275 -18.50 7.61 -6.62
N PRO C 276 -19.53 6.96 -7.20
CA PRO C 276 -20.23 7.60 -8.33
C PRO C 276 -21.17 8.71 -7.91
N TYR C 277 -21.97 8.48 -6.87
CA TYR C 277 -23.01 9.43 -6.51
C TYR C 277 -22.42 10.68 -5.87
N VAL C 278 -23.24 11.73 -5.80
CA VAL C 278 -22.83 13.00 -5.22
C VAL C 278 -22.82 12.88 -3.70
N LYS C 279 -21.98 13.67 -3.06
CA LYS C 279 -21.82 13.70 -1.61
C LYS C 279 -22.20 15.07 -1.08
N ALA C 280 -22.53 15.12 0.21
CA ALA C 280 -22.85 16.40 0.83
C ALA C 280 -21.65 17.34 0.79
N ILE C 281 -20.45 16.81 1.02
CA ILE C 281 -19.25 17.62 0.92
C ILE C 281 -19.06 18.12 -0.51
N ASP C 282 -19.31 17.25 -1.50
CA ASP C 282 -19.19 17.67 -2.89
C ASP C 282 -20.26 18.70 -3.24
N MET C 283 -21.47 18.52 -2.71
CA MET C 283 -22.52 19.51 -2.95
C MET C 283 -22.14 20.86 -2.39
N TYR C 284 -21.58 20.89 -1.17
CA TYR C 284 -21.16 22.17 -0.59
C TYR C 284 -20.03 22.80 -1.39
N LEU C 285 -19.04 22.00 -1.80
CA LEU C 285 -17.95 22.55 -2.60
C LEU C 285 -18.47 23.11 -3.92
N MET C 286 -19.41 22.41 -4.55
CA MET C 286 -19.92 22.89 -5.84
C MET C 286 -20.73 24.16 -5.65
N GLY C 287 -21.51 24.24 -4.57
CA GLY C 287 -22.24 25.45 -4.27
C GLY C 287 -21.30 26.63 -4.06
N CYS C 288 -20.23 26.42 -3.31
CA CYS C 288 -19.26 27.48 -3.09
C CYS C 288 -18.59 27.89 -4.40
N PHE C 289 -18.30 26.92 -5.26
CA PHE C 289 -17.66 27.22 -6.53
C PHE C 289 -18.57 28.08 -7.41
N VAL C 290 -19.83 27.70 -7.52
CA VAL C 290 -20.73 28.50 -8.36
C VAL C 290 -20.95 29.87 -7.72
N PHE C 291 -20.99 29.96 -6.39
CA PHE C 291 -21.23 31.25 -5.76
C PHE C 291 -20.04 32.19 -5.96
N VAL C 292 -18.81 31.67 -5.97
CA VAL C 292 -17.70 32.55 -6.32
C VAL C 292 -17.73 32.89 -7.81
N PHE C 293 -18.20 31.97 -8.66
CA PHE C 293 -18.27 32.28 -10.09
C PHE C 293 -19.28 33.37 -10.42
N LEU C 294 -20.47 33.33 -9.84
CA LEU C 294 -21.46 34.36 -10.16
C LEU C 294 -20.99 35.76 -9.78
N ALA C 295 -20.05 35.88 -8.83
CA ALA C 295 -19.49 37.20 -8.54
C ALA C 295 -18.76 37.76 -9.75
N LEU C 296 -17.88 36.97 -10.35
CA LEU C 296 -17.18 37.44 -11.53
C LEU C 296 -18.12 37.60 -12.71
N LEU C 297 -19.13 36.73 -12.83
CA LEU C 297 -20.06 36.87 -13.94
C LEU C 297 -20.84 38.18 -13.85
N GLU C 298 -21.36 38.51 -12.66
CA GLU C 298 -22.11 39.75 -12.54
C GLU C 298 -21.18 40.96 -12.64
N TYR C 299 -19.91 40.82 -12.25
CA TYR C 299 -18.97 41.90 -12.51
C TYR C 299 -18.78 42.12 -14.00
N ALA C 300 -18.70 41.03 -14.77
CA ALA C 300 -18.61 41.16 -16.22
C ALA C 300 -19.86 41.84 -16.78
N PHE C 301 -21.02 41.50 -16.23
CA PHE C 301 -22.25 42.18 -16.64
C PHE C 301 -22.18 43.67 -16.32
N VAL C 302 -21.63 44.01 -15.15
CA VAL C 302 -21.44 45.42 -14.77
C VAL C 302 -20.59 46.13 -15.80
N ASN C 303 -19.45 45.54 -16.17
CA ASN C 303 -18.57 46.18 -17.15
C ASN C 303 -19.26 46.31 -18.50
N TYR C 304 -19.97 45.26 -18.93
CA TYR C 304 -20.62 45.30 -20.23
C TYR C 304 -21.69 46.38 -20.28
N ILE C 305 -22.51 46.49 -19.24
CA ILE C 305 -23.56 47.49 -19.23
C ILE C 305 -22.98 48.89 -19.12
N PHE C 306 -21.92 49.05 -18.33
CA PHE C 306 -21.34 50.38 -18.12
C PHE C 306 -20.74 50.93 -19.41
N PHE C 307 -19.97 50.12 -20.13
CA PHE C 307 -19.26 50.58 -21.32
C PHE C 307 -20.06 50.43 -22.60
N SER C 308 -21.27 49.89 -22.55
CA SER C 308 -22.09 49.77 -23.75
C SER C 308 -22.75 51.10 -24.07
N ARG C 422 -27.07 53.16 -12.82
CA ARG C 422 -27.38 52.28 -13.97
C ARG C 422 -26.65 50.96 -13.75
N ALA C 423 -25.37 51.02 -13.39
CA ALA C 423 -24.56 49.82 -13.10
C ALA C 423 -24.39 49.74 -11.59
N ALA C 424 -24.02 50.83 -10.94
CA ALA C 424 -23.91 50.87 -9.46
C ALA C 424 -25.15 50.19 -8.91
N ALA C 425 -26.28 50.26 -9.62
CA ALA C 425 -27.49 49.55 -9.22
C ALA C 425 -27.19 48.05 -9.24
N ILE C 426 -26.78 47.54 -10.40
CA ILE C 426 -26.43 46.09 -10.54
C ILE C 426 -25.68 45.72 -9.27
N ASP C 427 -24.63 46.47 -8.96
CA ASP C 427 -23.78 46.14 -7.78
C ASP C 427 -24.60 46.21 -6.50
N ARG C 428 -25.27 47.33 -6.24
CA ARG C 428 -26.02 47.51 -4.97
C ARG C 428 -26.97 46.32 -4.77
N TRP C 429 -27.72 45.94 -5.79
CA TRP C 429 -28.70 44.82 -5.73
C TRP C 429 -27.94 43.53 -5.41
N SER C 430 -26.75 43.37 -5.93
CA SER C 430 -25.91 42.19 -5.74
C SER C 430 -25.42 42.08 -4.32
N ARG C 431 -25.08 43.21 -3.69
CA ARG C 431 -24.51 43.20 -2.35
C ARG C 431 -25.42 42.54 -1.33
N ILE C 432 -26.74 42.64 -1.53
CA ILE C 432 -27.71 42.04 -0.61
C ILE C 432 -28.20 40.70 -1.17
N VAL C 433 -28.20 40.55 -2.50
CA VAL C 433 -28.68 39.31 -3.08
C VAL C 433 -27.74 38.16 -2.78
N PHE C 434 -26.44 38.37 -2.97
CA PHE C 434 -25.50 37.25 -2.83
C PHE C 434 -25.44 36.70 -1.41
N PRO C 435 -25.25 37.52 -0.36
CA PRO C 435 -25.28 36.96 0.99
C PRO C 435 -26.60 36.30 1.34
N PHE C 436 -27.73 36.87 0.91
CA PHE C 436 -29.02 36.28 1.21
C PHE C 436 -29.17 34.93 0.51
N THR C 437 -28.78 34.86 -0.76
CA THR C 437 -28.90 33.60 -1.50
C THR C 437 -27.99 32.53 -0.90
N PHE C 438 -26.77 32.92 -0.52
CA PHE C 438 -25.87 31.95 0.11
C PHE C 438 -26.39 31.49 1.46
N SER C 439 -26.98 32.40 2.23
CA SER C 439 -27.57 32.00 3.51
C SER C 439 -28.72 31.02 3.29
N LEU C 440 -29.55 31.28 2.29
CA LEU C 440 -30.63 30.35 1.97
C LEU C 440 -30.06 28.98 1.58
N PHE C 441 -29.01 28.97 0.76
CA PHE C 441 -28.40 27.72 0.36
C PHE C 441 -27.83 26.98 1.56
N ASN C 442 -27.17 27.71 2.48
CA ASN C 442 -26.61 27.07 3.67
C ASN C 442 -27.69 26.48 4.55
N LEU C 443 -28.78 27.22 4.76
CA LEU C 443 -29.87 26.70 5.59
C LEU C 443 -30.49 25.46 4.94
N VAL C 444 -30.69 25.49 3.63
CA VAL C 444 -31.23 24.32 2.94
C VAL C 444 -30.29 23.12 3.09
N TYR C 445 -28.99 23.36 2.93
CA TYR C 445 -28.02 22.28 3.03
C TYR C 445 -28.01 21.68 4.43
N TRP C 446 -28.00 22.52 5.46
CA TRP C 446 -27.94 22.00 6.83
C TRP C 446 -29.24 21.32 7.22
N LEU C 447 -30.38 21.85 6.79
CA LEU C 447 -31.66 21.18 7.10
C LEU C 447 -31.75 19.83 6.40
N TYR C 448 -31.29 19.76 5.15
CA TYR C 448 -31.43 18.52 4.40
C TYR C 448 -30.58 17.40 5.00
N TYR C 449 -29.34 17.71 5.39
CA TYR C 449 -28.40 16.70 5.85
C TYR C 449 -28.31 16.60 7.36
N VAL C 450 -29.13 17.33 8.11
CA VAL C 450 -29.17 17.21 9.57
C VAL C 450 -30.62 17.28 10.03
N ASN D 8 31.27 -45.45 -7.76
CA ASN D 8 30.14 -46.23 -7.25
C ASN D 8 29.23 -45.36 -6.39
N MET D 9 27.93 -45.39 -6.71
CA MET D 9 26.97 -44.62 -5.94
C MET D 9 26.65 -45.28 -4.59
N SER D 10 26.65 -46.62 -4.54
CA SER D 10 26.32 -47.30 -3.30
C SER D 10 27.37 -47.04 -2.23
N PHE D 11 28.64 -46.92 -2.61
CA PHE D 11 29.68 -46.61 -1.63
C PHE D 11 29.44 -45.23 -1.03
N VAL D 12 29.15 -44.23 -1.87
CA VAL D 12 28.85 -42.91 -1.35
C VAL D 12 27.54 -42.96 -0.56
N LYS D 13 26.59 -43.78 -1.00
CA LYS D 13 25.32 -43.92 -0.28
C LYS D 13 25.56 -44.36 1.15
N GLU D 14 26.30 -45.46 1.34
CA GLU D 14 26.51 -45.97 2.68
C GLU D 14 27.42 -45.05 3.49
N THR D 15 28.38 -44.38 2.84
CA THR D 15 29.22 -43.44 3.57
C THR D 15 28.39 -42.29 4.13
N VAL D 16 27.54 -41.69 3.28
CA VAL D 16 26.71 -40.58 3.74
C VAL D 16 25.73 -41.04 4.80
N ASP D 17 25.18 -42.25 4.65
CA ASP D 17 24.29 -42.77 5.67
C ASP D 17 25.01 -42.95 7.00
N LYS D 18 26.23 -43.50 6.95
CA LYS D 18 26.99 -43.72 8.17
C LYS D 18 27.38 -42.41 8.85
N LEU D 19 27.61 -41.36 8.06
CA LEU D 19 27.99 -40.08 8.65
C LEU D 19 26.89 -39.53 9.56
N LEU D 20 25.64 -39.86 9.28
CA LEU D 20 24.49 -39.33 10.01
C LEU D 20 23.90 -40.35 10.99
N LYS D 21 24.75 -41.21 11.56
CA LYS D 21 24.36 -42.12 12.64
C LYS D 21 25.06 -41.66 13.91
N GLY D 22 24.28 -41.42 14.95
CA GLY D 22 24.84 -40.90 16.18
C GLY D 22 25.22 -39.44 16.13
N TYR D 23 24.87 -38.73 15.05
CA TYR D 23 25.19 -37.32 14.91
C TYR D 23 24.10 -36.52 15.62
N ASP D 24 24.43 -35.95 16.77
CA ASP D 24 23.49 -35.17 17.56
C ASP D 24 23.55 -33.72 17.09
N ILE D 25 22.49 -33.27 16.43
CA ILE D 25 22.43 -31.88 15.97
C ILE D 25 22.42 -30.91 17.14
N ARG D 26 21.96 -31.35 18.32
CA ARG D 26 21.86 -30.45 19.46
C ARG D 26 23.23 -29.98 19.92
N LEU D 27 24.23 -30.84 19.85
CA LEU D 27 25.56 -30.52 20.34
C LEU D 27 26.43 -29.98 19.20
N ARG D 28 27.12 -28.87 19.47
CA ARG D 28 28.01 -28.29 18.49
C ARG D 28 29.26 -29.16 18.35
N PRO D 29 30.03 -28.99 17.27
CA PRO D 29 31.28 -29.72 17.15
C PRO D 29 32.23 -29.37 18.29
N ASP D 30 32.89 -30.39 18.82
CA ASP D 30 33.81 -30.22 19.95
C ASP D 30 33.08 -29.57 21.14
N PHE D 31 32.07 -30.29 21.62
CA PHE D 31 31.17 -29.72 22.62
C PHE D 31 31.90 -29.41 23.92
N GLY D 32 32.75 -30.32 24.38
CA GLY D 32 33.51 -30.10 25.59
C GLY D 32 34.86 -29.46 25.41
N GLY D 33 35.34 -29.35 24.18
CA GLY D 33 36.68 -28.87 23.92
C GLY D 33 36.74 -27.38 23.67
N PRO D 34 37.84 -26.91 23.09
CA PRO D 34 37.97 -25.47 22.81
C PRO D 34 36.92 -25.00 21.82
N PRO D 35 36.72 -23.70 21.69
CA PRO D 35 35.65 -23.21 20.80
C PRO D 35 35.94 -23.50 19.35
N VAL D 36 34.87 -23.68 18.59
CA VAL D 36 34.97 -23.92 17.15
C VAL D 36 35.17 -22.59 16.44
N CYS D 37 36.09 -22.58 15.47
CA CYS D 37 36.40 -21.38 14.70
C CYS D 37 35.59 -21.39 13.42
N VAL D 38 34.83 -20.33 13.19
CA VAL D 38 33.97 -20.18 12.02
C VAL D 38 34.50 -19.02 11.19
N GLY D 39 34.82 -19.29 9.93
CA GLY D 39 35.31 -18.28 9.02
C GLY D 39 34.23 -17.83 8.07
N MET D 40 33.95 -16.53 8.08
CA MET D 40 32.89 -15.95 7.26
C MET D 40 33.46 -15.38 5.97
N ASN D 41 32.62 -15.37 4.95
CA ASN D 41 32.95 -14.80 3.66
C ASN D 41 31.67 -14.20 3.09
N ILE D 42 31.79 -13.06 2.42
CA ILE D 42 30.64 -12.34 1.88
C ILE D 42 30.93 -11.94 0.45
N ASP D 43 29.93 -12.06 -0.41
CA ASP D 43 29.98 -11.56 -1.78
C ASP D 43 28.71 -10.78 -2.04
N ILE D 44 28.82 -9.48 -2.18
CA ILE D 44 27.66 -8.61 -2.28
C ILE D 44 27.21 -8.54 -3.73
N ALA D 45 25.89 -8.56 -3.93
CA ALA D 45 25.29 -8.40 -5.24
C ALA D 45 24.75 -6.99 -5.48
N SER D 46 24.15 -6.37 -4.47
CA SER D 46 23.62 -5.03 -4.62
C SER D 46 23.33 -4.44 -3.25
N ILE D 47 23.34 -3.11 -3.18
CA ILE D 47 23.05 -2.37 -1.96
C ILE D 47 21.93 -1.37 -2.28
N ASP D 48 21.04 -1.75 -3.20
CA ASP D 48 20.05 -0.82 -3.71
C ASP D 48 19.11 -0.34 -2.61
N MET D 49 18.35 0.71 -2.93
CA MET D 49 17.32 1.26 -2.06
C MET D 49 17.91 1.72 -0.72
N VAL D 50 18.80 2.70 -0.80
CA VAL D 50 19.35 3.37 0.39
C VAL D 50 18.36 4.48 0.73
N SER D 51 17.37 4.14 1.55
CA SER D 51 16.24 5.02 1.81
C SER D 51 16.52 5.93 2.99
N GLU D 52 16.26 7.23 2.81
CA GLU D 52 16.37 8.18 3.90
C GLU D 52 15.11 8.20 4.75
N VAL D 53 13.95 8.11 4.11
CA VAL D 53 12.68 8.13 4.85
C VAL D 53 12.59 6.92 5.77
N ASN D 54 13.01 5.75 5.29
CA ASN D 54 12.98 4.53 6.07
C ASN D 54 14.23 4.32 6.92
N MET D 55 15.30 5.08 6.66
CA MET D 55 16.54 4.99 7.45
C MET D 55 17.13 3.58 7.40
N ASP D 56 17.13 2.97 6.22
CA ASP D 56 17.65 1.63 6.05
C ASP D 56 18.08 1.43 4.61
N TYR D 57 18.87 0.39 4.39
CA TYR D 57 19.32 0.00 3.05
C TYR D 57 19.11 -1.48 2.84
N THR D 58 18.82 -1.84 1.60
CA THR D 58 18.59 -3.22 1.21
C THR D 58 19.87 -3.80 0.61
N LEU D 59 20.25 -4.98 1.09
CA LEU D 59 21.51 -5.62 0.72
C LEU D 59 21.24 -7.07 0.35
N THR D 60 21.73 -7.48 -0.81
CA THR D 60 21.69 -8.87 -1.25
C THR D 60 23.10 -9.42 -1.22
N MET D 61 23.26 -10.62 -0.67
CA MET D 61 24.60 -11.09 -0.29
C MET D 61 24.66 -12.60 -0.31
N TYR D 62 25.71 -13.14 -0.91
CA TYR D 62 26.09 -14.54 -0.73
C TYR D 62 26.94 -14.63 0.53
N PHE D 63 26.42 -15.30 1.55
CA PHE D 63 27.04 -15.37 2.86
C PHE D 63 27.48 -16.82 3.10
N GLN D 64 28.77 -17.02 3.27
CA GLN D 64 29.36 -18.36 3.37
C GLN D 64 30.09 -18.50 4.70
N GLN D 65 30.02 -19.70 5.27
CA GLN D 65 30.62 -20.00 6.56
C GLN D 65 31.40 -21.30 6.43
N TYR D 66 32.64 -21.29 6.89
CA TYR D 66 33.52 -22.45 6.89
C TYR D 66 33.78 -22.84 8.34
N TRP D 67 33.69 -24.13 8.64
CA TRP D 67 34.11 -24.60 9.94
C TRP D 67 34.57 -26.05 9.83
N ARG D 68 34.99 -26.61 10.95
CA ARG D 68 35.54 -27.96 11.01
C ARG D 68 34.72 -28.80 11.97
N ASP D 69 34.29 -29.97 11.50
CA ASP D 69 33.47 -30.89 12.28
C ASP D 69 34.07 -32.29 12.15
N LYS D 70 34.67 -32.77 13.24
CA LYS D 70 35.28 -34.10 13.20
C LYS D 70 34.24 -35.19 12.99
N ARG D 71 33.01 -34.97 13.45
CA ARG D 71 31.99 -36.00 13.33
C ARG D 71 31.65 -36.30 11.88
N LEU D 72 31.82 -35.33 10.98
CA LEU D 72 31.46 -35.46 9.58
C LEU D 72 32.64 -35.82 8.70
N ALA D 73 33.80 -36.14 9.27
CA ALA D 73 34.94 -36.54 8.47
C ALA D 73 34.65 -37.90 7.81
N TYR D 74 35.17 -38.08 6.59
CA TYR D 74 35.00 -39.32 5.86
C TYR D 74 36.25 -39.58 5.04
N SER D 75 36.41 -40.85 4.63
CA SER D 75 37.55 -41.27 3.84
C SER D 75 37.07 -42.29 2.81
N GLY D 76 37.91 -42.49 1.78
CA GLY D 76 37.59 -43.38 0.69
C GLY D 76 36.89 -42.73 -0.47
N ILE D 77 36.37 -41.51 -0.29
CA ILE D 77 35.70 -40.75 -1.35
C ILE D 77 36.57 -39.53 -1.64
N PRO D 78 37.43 -39.54 -2.66
CA PRO D 78 38.32 -38.38 -2.86
C PRO D 78 37.58 -37.08 -3.17
N LEU D 79 36.43 -37.16 -3.82
CA LEU D 79 35.74 -35.95 -4.23
C LEU D 79 35.10 -35.24 -3.04
N ASN D 80 34.64 -34.02 -3.29
CA ASN D 80 34.17 -33.10 -2.28
C ASN D 80 32.65 -33.08 -2.36
N LEU D 81 31.97 -33.63 -1.35
CA LEU D 81 30.56 -33.95 -1.50
C LEU D 81 29.73 -32.67 -1.44
N THR D 82 29.12 -32.31 -2.57
CA THR D 82 28.15 -31.21 -2.62
C THR D 82 26.77 -31.82 -2.42
N LEU D 83 26.24 -31.68 -1.22
CA LEU D 83 24.97 -32.32 -0.88
C LEU D 83 23.80 -31.39 -1.13
N ASP D 84 22.60 -31.97 -1.16
CA ASP D 84 21.40 -31.17 -1.33
C ASP D 84 21.18 -30.26 -0.12
N ASN D 85 20.46 -29.18 -0.35
CA ASN D 85 20.22 -28.20 0.71
C ASN D 85 19.45 -28.80 1.87
N ARG D 86 18.63 -29.84 1.61
CA ARG D 86 17.88 -30.47 2.69
C ARG D 86 18.80 -31.02 3.77
N VAL D 87 20.02 -31.43 3.41
CA VAL D 87 20.97 -31.96 4.38
C VAL D 87 21.31 -30.92 5.44
N ALA D 88 21.14 -29.63 5.13
CA ALA D 88 21.38 -28.60 6.13
C ALA D 88 20.48 -28.77 7.35
N ASP D 89 19.31 -29.40 7.18
CA ASP D 89 18.45 -29.65 8.33
C ASP D 89 19.05 -30.70 9.26
N GLN D 90 19.73 -31.69 8.70
CA GLN D 90 20.33 -32.73 9.54
C GLN D 90 21.56 -32.22 10.28
N LEU D 91 22.41 -31.45 9.59
CA LEU D 91 23.68 -31.06 10.16
C LEU D 91 23.53 -29.89 11.12
N TRP D 92 24.54 -29.72 11.97
CA TRP D 92 24.65 -28.52 12.79
C TRP D 92 25.24 -27.41 11.96
N VAL D 93 24.67 -26.21 12.08
CA VAL D 93 25.17 -25.02 11.40
C VAL D 93 25.31 -23.91 12.44
N PRO D 94 26.19 -22.93 12.25
CA PRO D 94 26.24 -21.81 13.21
C PRO D 94 24.93 -21.06 13.29
N ASP D 95 24.80 -20.20 14.29
CA ASP D 95 23.57 -19.48 14.57
C ASP D 95 23.74 -17.98 14.43
N THR D 96 24.40 -17.55 13.36
CA THR D 96 24.65 -16.14 13.14
C THR D 96 23.33 -15.38 12.97
N TYR D 97 23.39 -14.09 13.24
CA TYR D 97 22.21 -13.23 13.11
C TYR D 97 22.66 -11.79 12.94
N PHE D 98 21.91 -11.03 12.16
CA PHE D 98 22.25 -9.64 11.87
C PHE D 98 21.52 -8.73 12.84
N LEU D 99 22.26 -7.83 13.49
CA LEU D 99 21.64 -6.94 14.47
C LEU D 99 20.83 -5.84 13.77
N ASN D 100 21.36 -5.28 12.69
CA ASN D 100 20.72 -4.14 12.06
C ASN D 100 19.47 -4.50 11.27
N ASP D 101 19.21 -5.77 11.04
CA ASP D 101 18.16 -6.14 10.10
C ASP D 101 16.79 -5.76 10.63
N LYS D 102 15.91 -5.37 9.71
CA LYS D 102 14.50 -5.14 9.98
C LYS D 102 13.64 -6.25 9.39
N LYS D 103 13.87 -6.58 8.11
CA LYS D 103 13.20 -7.68 7.43
C LYS D 103 14.23 -8.33 6.53
N SER D 104 14.39 -9.65 6.68
CA SER D 104 15.36 -10.39 5.90
C SER D 104 14.78 -11.74 5.51
N PHE D 105 15.28 -12.29 4.41
CA PHE D 105 14.81 -13.59 3.96
C PHE D 105 15.87 -14.24 3.10
N VAL D 106 15.87 -15.57 3.11
CA VAL D 106 16.68 -16.38 2.21
C VAL D 106 15.86 -16.67 0.97
N HIS D 107 16.47 -16.49 -0.20
CA HIS D 107 15.76 -16.69 -1.44
C HIS D 107 15.32 -18.13 -1.59
N GLY D 108 14.12 -18.33 -2.14
CA GLY D 108 13.51 -19.65 -2.25
C GLY D 108 13.01 -19.97 -3.64
N VAL D 109 13.68 -19.44 -4.67
CA VAL D 109 13.22 -19.61 -6.05
C VAL D 109 13.64 -21.00 -6.52
N THR D 110 12.65 -21.90 -6.59
CA THR D 110 12.78 -23.30 -7.02
C THR D 110 13.44 -24.21 -5.99
N VAL D 111 14.07 -23.64 -4.96
CA VAL D 111 14.79 -24.36 -3.91
C VAL D 111 15.09 -23.32 -2.84
N LYS D 112 15.14 -23.73 -1.58
CA LYS D 112 15.68 -22.86 -0.56
C LYS D 112 17.16 -22.64 -0.87
N ASN D 113 17.54 -21.41 -1.20
CA ASN D 113 18.85 -21.16 -1.77
C ASN D 113 19.95 -21.36 -0.74
N ARG D 114 20.41 -22.60 -0.60
CA ARG D 114 21.47 -22.94 0.33
C ARG D 114 22.40 -23.94 -0.34
N MET D 115 23.63 -23.99 0.14
CA MET D 115 24.61 -24.97 -0.33
C MET D 115 25.35 -25.56 0.85
N ILE D 116 25.52 -26.88 0.80
CA ILE D 116 26.26 -27.64 1.81
C ILE D 116 27.36 -28.40 1.08
N ARG D 117 28.61 -28.17 1.47
CA ARG D 117 29.75 -28.86 0.89
C ARG D 117 30.57 -29.48 2.00
N LEU D 118 30.85 -30.78 1.88
CA LEU D 118 31.62 -31.55 2.85
C LEU D 118 32.95 -31.89 2.20
N HIS D 119 34.04 -31.46 2.84
CA HIS D 119 35.37 -31.84 2.42
C HIS D 119 35.80 -33.13 3.11
N PRO D 120 36.79 -33.85 2.57
CA PRO D 120 37.18 -35.12 3.19
C PRO D 120 37.67 -34.99 4.62
N ASP D 121 38.28 -33.86 4.97
CA ASP D 121 38.87 -33.68 6.30
C ASP D 121 37.86 -33.20 7.34
N GLY D 122 36.55 -33.32 7.05
CA GLY D 122 35.53 -32.88 7.98
C GLY D 122 35.17 -31.41 7.88
N THR D 123 35.87 -30.64 7.05
CA THR D 123 35.53 -29.23 6.90
C THR D 123 34.19 -29.10 6.19
N VAL D 124 33.37 -28.16 6.67
CA VAL D 124 32.02 -27.93 6.17
C VAL D 124 31.93 -26.50 5.68
N LEU D 125 31.33 -26.33 4.50
CA LEU D 125 31.05 -25.04 3.89
C LEU D 125 29.54 -24.91 3.77
N TYR D 126 28.99 -23.85 4.33
CA TYR D 126 27.56 -23.57 4.35
C TYR D 126 27.32 -22.21 3.74
N GLY D 127 26.64 -22.17 2.61
CA GLY D 127 26.40 -20.95 1.86
C GLY D 127 24.93 -20.62 1.76
N LEU D 128 24.61 -19.33 1.84
CA LEU D 128 23.25 -18.82 1.77
C LEU D 128 23.23 -17.62 0.82
N ARG D 129 22.06 -17.35 0.27
CA ARG D 129 21.82 -16.14 -0.51
C ARG D 129 20.73 -15.36 0.22
N ILE D 130 21.11 -14.27 0.89
CA ILE D 130 20.26 -13.56 1.83
C ILE D 130 19.99 -12.16 1.31
N THR D 131 18.73 -11.74 1.45
CA THR D 131 18.35 -10.34 1.30
C THR D 131 18.02 -9.79 2.68
N THR D 132 18.50 -8.59 2.97
CA THR D 132 18.36 -7.99 4.29
C THR D 132 18.02 -6.51 4.11
N THR D 133 17.17 -6.00 5.00
CA THR D 133 16.85 -4.57 5.08
C THR D 133 17.45 -4.07 6.38
N ALA D 134 18.69 -3.62 6.31
CA ALA D 134 19.46 -3.28 7.51
C ALA D 134 19.29 -1.79 7.82
N ALA D 135 19.06 -1.49 9.09
CA ALA D 135 18.94 -0.11 9.53
C ALA D 135 20.25 0.62 9.35
N CYS D 136 20.16 1.88 8.90
CA CYS D 136 21.32 2.72 8.61
C CYS D 136 20.99 4.12 9.15
N MET D 137 21.39 4.38 10.39
CA MET D 137 21.16 5.69 10.98
C MET D 137 22.01 6.72 10.26
N MET D 138 21.39 7.86 9.93
CA MET D 138 21.98 8.89 9.09
C MET D 138 21.95 10.22 9.80
N ASP D 139 23.06 10.96 9.71
CA ASP D 139 23.17 12.32 10.20
C ASP D 139 22.93 13.24 9.01
N LEU D 140 21.72 13.79 8.91
CA LEU D 140 21.33 14.64 7.80
C LEU D 140 21.62 16.11 8.05
N ARG D 141 22.52 16.42 8.99
CA ARG D 141 22.86 17.81 9.26
C ARG D 141 23.67 18.46 8.14
N ARG D 142 24.15 17.69 7.17
CA ARG D 142 24.83 18.21 5.99
C ARG D 142 24.16 17.73 4.71
N TYR D 143 22.89 17.36 4.78
CA TYR D 143 22.20 16.86 3.61
C TYR D 143 22.01 17.97 2.59
N PRO D 144 22.20 17.72 1.28
CA PRO D 144 22.61 16.49 0.58
C PRO D 144 24.12 16.39 0.38
N LEU D 145 24.88 17.20 1.12
CA LEU D 145 26.34 17.23 1.02
C LEU D 145 27.01 16.37 2.08
N ASP D 146 26.34 15.28 2.48
CA ASP D 146 26.77 14.46 3.60
C ASP D 146 27.52 13.22 3.13
N GLU D 147 28.27 12.64 4.05
CA GLU D 147 28.97 11.37 3.83
C GLU D 147 28.56 10.42 4.95
N GLN D 148 27.75 9.43 4.60
CA GLN D 148 27.17 8.54 5.60
C GLN D 148 28.09 7.37 5.89
N ASN D 149 27.95 6.83 7.10
CA ASN D 149 28.64 5.62 7.57
C ASN D 149 27.58 4.70 8.12
N CYS D 150 27.43 3.52 7.52
CA CYS D 150 26.64 2.49 8.16
C CYS D 150 27.05 1.10 7.73
N THR D 151 26.64 0.11 8.51
CA THR D 151 27.33 -1.16 8.59
C THR D 151 26.32 -2.31 8.60
N LEU D 152 26.88 -3.51 8.55
CA LEU D 152 26.16 -4.74 8.82
C LEU D 152 26.92 -5.47 9.92
N GLU D 153 26.25 -5.75 11.02
CA GLU D 153 26.82 -6.47 12.16
C GLU D 153 26.39 -7.91 12.08
N ILE D 154 27.30 -8.83 12.40
CA ILE D 154 27.03 -10.26 12.40
C ILE D 154 27.49 -10.82 13.74
N GLU D 155 26.56 -11.38 14.50
CA GLU D 155 26.82 -11.88 15.84
C GLU D 155 26.32 -13.31 15.98
N SER D 156 26.94 -14.02 16.92
CA SER D 156 26.44 -15.32 17.36
C SER D 156 25.39 -15.09 18.43
N TYR D 157 24.24 -15.74 18.29
CA TYR D 157 23.18 -15.53 19.26
C TYR D 157 23.39 -16.38 20.51
N GLY D 158 23.50 -17.70 20.34
CA GLY D 158 23.50 -18.59 21.47
C GLY D 158 24.86 -18.84 22.10
N TYR D 159 25.89 -18.93 21.27
CA TYR D 159 27.20 -19.38 21.72
C TYR D 159 28.06 -18.19 22.10
N THR D 160 28.61 -18.21 23.31
CA THR D 160 29.46 -17.14 23.79
C THR D 160 30.82 -17.22 23.10
N THR D 161 31.72 -16.30 23.47
CA THR D 161 33.05 -16.30 22.87
C THR D 161 33.84 -17.55 23.25
N ASP D 162 33.55 -18.14 24.41
CA ASP D 162 34.24 -19.34 24.84
C ASP D 162 33.76 -20.59 24.12
N ASP D 163 32.64 -20.53 23.40
CA ASP D 163 32.11 -21.65 22.62
C ASP D 163 32.28 -21.47 21.13
N ILE D 164 32.61 -20.27 20.65
CA ILE D 164 32.74 -20.02 19.22
C ILE D 164 33.56 -18.75 19.06
N GLU D 165 34.23 -18.64 17.92
CA GLU D 165 34.99 -17.44 17.60
C GLU D 165 34.93 -17.24 16.09
N PHE D 166 34.73 -15.99 15.69
CA PHE D 166 34.59 -15.62 14.29
C PHE D 166 35.89 -15.02 13.77
N TYR D 167 36.06 -15.07 12.46
CA TYR D 167 37.18 -14.42 11.80
C TYR D 167 36.85 -14.27 10.34
N TRP D 168 37.35 -13.19 9.74
CA TRP D 168 37.12 -12.94 8.32
C TRP D 168 38.06 -13.83 7.52
N ARG D 169 37.49 -14.78 6.79
CA ARG D 169 38.29 -15.69 5.99
C ARG D 169 38.97 -14.92 4.86
N GLY D 170 40.28 -15.08 4.74
CA GLY D 170 41.04 -14.34 3.76
C GLY D 170 41.41 -12.93 4.17
N GLY D 171 41.27 -12.59 5.43
CA GLY D 171 41.66 -11.25 5.88
C GLY D 171 40.80 -10.18 5.26
N ASP D 172 41.44 -9.17 4.68
CA ASP D 172 40.73 -8.06 4.06
C ASP D 172 40.08 -8.43 2.73
N LYS D 173 40.36 -9.61 2.19
CA LYS D 173 39.75 -10.06 0.94
C LYS D 173 38.47 -10.84 1.18
N ALA D 174 37.98 -10.89 2.43
CA ALA D 174 36.77 -11.67 2.72
C ALA D 174 35.57 -11.14 1.97
N VAL D 175 35.39 -9.82 1.96
CA VAL D 175 34.25 -9.19 1.28
C VAL D 175 34.67 -8.82 -0.13
N THR D 176 33.84 -9.17 -1.11
CA THR D 176 34.09 -8.90 -2.51
C THR D 176 32.84 -8.32 -3.14
N GLY D 177 32.98 -7.85 -4.38
CA GLY D 177 31.88 -7.26 -5.11
C GLY D 177 31.59 -5.81 -4.77
N VAL D 178 32.36 -5.20 -3.88
CA VAL D 178 32.12 -3.80 -3.53
C VAL D 178 32.40 -2.90 -4.73
N GLU D 179 33.40 -3.25 -5.53
CA GLU D 179 33.76 -2.40 -6.66
C GLU D 179 32.67 -2.39 -7.74
N ARG D 180 31.92 -3.49 -7.87
CA ARG D 180 30.93 -3.63 -8.93
C ARG D 180 29.58 -3.05 -8.57
N ILE D 181 29.44 -2.40 -7.42
CA ILE D 181 28.17 -1.85 -6.98
C ILE D 181 28.06 -0.41 -7.48
N GLU D 182 26.94 -0.10 -8.12
CA GLU D 182 26.68 1.23 -8.68
C GLU D 182 25.31 1.69 -8.15
N LEU D 183 25.33 2.46 -7.07
CA LEU D 183 24.11 3.06 -6.56
C LEU D 183 23.71 4.25 -7.43
N PRO D 184 22.41 4.59 -7.48
CA PRO D 184 22.01 5.72 -8.32
C PRO D 184 22.57 7.05 -7.82
N GLN D 185 22.37 7.32 -6.53
CA GLN D 185 22.71 8.61 -5.92
C GLN D 185 23.74 8.44 -4.81
N PHE D 186 24.68 7.52 -4.99
CA PHE D 186 25.69 7.26 -3.97
C PHE D 186 26.93 6.69 -4.63
N SER D 187 28.04 6.73 -3.89
CA SER D 187 29.31 6.19 -4.37
C SER D 187 30.05 5.61 -3.18
N ILE D 188 30.29 4.31 -3.19
CA ILE D 188 30.98 3.65 -2.08
C ILE D 188 32.43 4.12 -2.09
N VAL D 189 32.79 4.97 -1.13
CA VAL D 189 34.14 5.49 -1.06
C VAL D 189 35.09 4.47 -0.46
N GLU D 190 34.71 3.89 0.68
CA GLU D 190 35.60 3.01 1.42
C GLU D 190 34.78 2.04 2.25
N HIS D 191 35.40 0.92 2.60
CA HIS D 191 34.76 -0.11 3.39
C HIS D 191 35.79 -0.76 4.30
N ARG D 192 35.31 -1.22 5.45
CA ARG D 192 36.18 -1.81 6.48
C ARG D 192 35.54 -3.05 7.07
N LEU D 193 36.39 -3.95 7.55
CA LEU D 193 36.00 -5.16 8.25
C LEU D 193 36.59 -5.10 9.66
N VAL D 194 35.77 -5.38 10.67
CA VAL D 194 36.19 -5.30 12.06
C VAL D 194 35.67 -6.53 12.80
N SER D 195 36.49 -7.05 13.71
CA SER D 195 36.13 -8.14 14.61
C SER D 195 36.23 -7.64 16.04
N ARG D 196 35.24 -7.99 16.86
CA ARG D 196 35.12 -7.43 18.20
C ARG D 196 34.39 -8.44 19.08
N ASN D 197 34.40 -8.17 20.38
CA ASN D 197 33.64 -8.92 21.36
C ASN D 197 32.66 -7.99 22.06
N VAL D 198 31.40 -8.41 22.15
CA VAL D 198 30.33 -7.62 22.74
C VAL D 198 29.90 -8.33 24.01
N VAL D 199 29.87 -7.61 25.12
CA VAL D 199 29.61 -8.17 26.44
C VAL D 199 28.20 -7.75 26.83
N PHE D 200 27.22 -8.63 26.61
CA PHE D 200 25.87 -8.45 27.11
C PHE D 200 25.81 -8.97 28.55
N ALA D 201 24.61 -8.99 29.13
CA ALA D 201 24.47 -9.50 30.49
C ALA D 201 24.78 -10.99 30.55
N THR D 202 24.33 -11.75 29.56
CA THR D 202 24.55 -13.19 29.57
C THR D 202 26.03 -13.54 29.47
N GLY D 203 26.76 -12.86 28.60
CA GLY D 203 28.17 -13.14 28.44
C GLY D 203 28.73 -12.43 27.22
N ALA D 204 29.97 -12.74 26.91
CA ALA D 204 30.66 -12.15 25.77
C ALA D 204 30.42 -12.98 24.52
N TYR D 205 30.09 -12.31 23.43
CA TYR D 205 29.82 -12.93 22.14
C TYR D 205 30.70 -12.31 21.08
N PRO D 206 31.02 -13.03 20.02
CA PRO D 206 31.77 -12.42 18.92
C PRO D 206 30.88 -11.52 18.07
N ARG D 207 31.53 -10.62 17.34
CA ARG D 207 30.82 -9.74 16.42
C ARG D 207 31.77 -9.37 15.29
N LEU D 208 31.44 -9.80 14.09
CA LEU D 208 32.05 -9.25 12.89
C LEU D 208 31.20 -8.08 12.41
N SER D 209 31.82 -7.19 11.66
CA SER D 209 31.09 -6.03 11.17
C SER D 209 31.73 -5.52 9.89
N LEU D 210 30.89 -5.33 8.87
CA LEU D 210 31.29 -4.75 7.59
C LEU D 210 30.69 -3.36 7.48
N SER D 211 31.55 -2.34 7.43
CA SER D 211 31.12 -0.95 7.46
C SER D 211 31.39 -0.31 6.11
N PHE D 212 30.39 0.39 5.57
CA PHE D 212 30.53 1.15 4.34
C PHE D 212 30.40 2.63 4.62
N ARG D 213 31.26 3.43 3.96
CA ARG D 213 31.16 4.88 3.96
C ARG D 213 30.71 5.32 2.58
N LEU D 214 29.46 5.78 2.49
CA LEU D 214 28.86 6.19 1.24
C LEU D 214 28.91 7.71 1.10
N LYS D 215 29.13 8.18 -0.13
CA LYS D 215 29.17 9.60 -0.44
C LYS D 215 28.06 9.90 -1.44
N ARG D 216 27.31 10.96 -1.19
CA ARG D 216 26.15 11.32 -1.99
C ARG D 216 26.55 12.18 -3.18
N ASN D 217 25.92 11.94 -4.32
CA ASN D 217 26.11 12.80 -5.48
C ASN D 217 25.40 14.13 -5.26
N ILE D 218 25.69 15.08 -6.15
CA ILE D 218 25.25 16.47 -5.97
C ILE D 218 24.48 16.99 -7.17
N GLY D 219 24.74 16.44 -8.36
CA GLY D 219 24.21 17.03 -9.58
C GLY D 219 22.69 17.05 -9.60
N TYR D 220 22.07 15.92 -9.26
CA TYR D 220 20.62 15.84 -9.21
C TYR D 220 20.06 16.83 -8.21
N PHE D 221 20.66 16.89 -7.01
CA PHE D 221 20.13 17.76 -5.96
C PHE D 221 20.26 19.22 -6.33
N ILE D 222 21.43 19.63 -6.83
CA ILE D 222 21.61 21.04 -7.17
C ILE D 222 20.66 21.43 -8.30
N LEU D 223 20.58 20.58 -9.33
CA LEU D 223 19.75 20.90 -10.49
C LEU D 223 18.27 20.94 -10.11
N GLN D 224 17.84 20.11 -9.17
CA GLN D 224 16.43 20.12 -8.78
C GLN D 224 16.11 21.28 -7.86
N THR D 225 16.95 21.55 -6.88
CA THR D 225 16.62 22.44 -5.78
C THR D 225 17.27 23.80 -5.86
N TYR D 226 18.60 23.85 -6.01
CA TYR D 226 19.28 25.13 -5.79
C TYR D 226 19.07 26.10 -6.96
N MET D 227 19.10 25.61 -8.19
CA MET D 227 19.02 26.52 -9.33
C MET D 227 17.72 27.31 -9.37
N PRO D 228 16.53 26.71 -9.20
CA PRO D 228 15.30 27.53 -9.22
C PRO D 228 15.28 28.64 -8.19
N SER D 229 15.86 28.42 -7.02
CA SER D 229 15.95 29.50 -6.03
C SER D 229 16.81 30.65 -6.57
N ILE D 230 17.90 30.32 -7.26
CA ILE D 230 18.74 31.35 -7.86
C ILE D 230 17.94 32.15 -8.87
N LEU D 231 17.20 31.45 -9.73
CA LEU D 231 16.41 32.16 -10.75
C LEU D 231 15.38 33.06 -10.11
N ILE D 232 14.74 32.59 -9.02
CA ILE D 232 13.73 33.39 -8.34
C ILE D 232 14.35 34.65 -7.74
N THR D 233 15.53 34.52 -7.13
CA THR D 233 16.20 35.69 -6.58
C THR D 233 16.57 36.68 -7.69
N ILE D 234 17.01 36.16 -8.84
CA ILE D 234 17.29 37.06 -9.95
C ILE D 234 16.02 37.76 -10.43
N LEU D 235 14.87 37.10 -10.35
CA LEU D 235 13.62 37.78 -10.66
C LEU D 235 13.35 38.91 -9.68
N SER D 236 13.64 38.69 -8.39
CA SER D 236 13.49 39.78 -7.43
C SER D 236 14.40 40.95 -7.78
N TRP D 237 15.60 40.66 -8.25
CA TRP D 237 16.50 41.74 -8.65
C TRP D 237 15.98 42.45 -9.89
N VAL D 238 15.31 41.72 -10.80
CA VAL D 238 14.64 42.37 -11.91
C VAL D 238 13.57 43.32 -11.39
N SER D 239 12.87 42.91 -10.32
CA SER D 239 11.88 43.79 -9.71
C SER D 239 12.53 45.07 -9.19
N PHE D 240 13.72 44.96 -8.62
CA PHE D 240 14.47 46.17 -8.26
C PHE D 240 14.73 47.03 -9.48
N TRP D 241 15.16 46.40 -10.57
CA TRP D 241 15.64 47.15 -11.73
C TRP D 241 14.52 47.82 -12.52
N ILE D 242 13.29 47.30 -12.46
CA ILE D 242 12.30 47.63 -13.46
C ILE D 242 11.88 49.10 -13.38
N ASN D 243 11.55 49.60 -12.18
CA ASN D 243 11.04 50.95 -12.02
C ASN D 243 11.00 51.28 -10.54
N TYR D 244 10.36 52.40 -10.21
CA TYR D 244 10.10 52.78 -8.81
C TYR D 244 8.63 53.15 -8.61
N ASP D 245 8.00 53.75 -9.63
CA ASP D 245 6.63 54.22 -9.52
C ASP D 245 5.60 53.28 -10.12
N ALA D 246 6.02 52.33 -10.96
CA ALA D 246 5.08 51.36 -11.52
C ALA D 246 4.67 50.37 -10.45
N SER D 247 3.63 50.72 -9.68
CA SER D 247 3.31 49.95 -8.48
C SER D 247 2.85 48.54 -8.83
N ALA D 248 1.97 48.41 -9.82
CA ALA D 248 1.34 47.12 -10.09
C ALA D 248 2.37 46.09 -10.55
N ALA D 249 3.26 46.46 -11.46
CA ALA D 249 4.23 45.51 -11.97
C ALA D 249 5.16 45.03 -10.86
N ARG D 250 5.76 45.95 -10.13
CA ARG D 250 6.71 45.58 -9.09
C ARG D 250 6.04 44.78 -7.99
N VAL D 251 4.85 45.21 -7.57
CA VAL D 251 4.18 44.55 -6.46
C VAL D 251 3.74 43.15 -6.87
N ALA D 252 3.23 42.98 -8.08
CA ALA D 252 2.86 41.65 -8.54
C ALA D 252 4.09 40.76 -8.65
N LEU D 253 5.18 41.29 -9.19
CA LEU D 253 6.39 40.48 -9.34
C LEU D 253 6.92 40.02 -7.99
N GLY D 254 6.97 40.92 -7.02
CA GLY D 254 7.45 40.53 -5.70
C GLY D 254 6.55 39.53 -5.00
N ILE D 255 5.24 39.78 -5.02
CA ILE D 255 4.34 38.89 -4.28
C ILE D 255 4.30 37.51 -4.92
N THR D 256 4.37 37.45 -6.25
CA THR D 256 4.42 36.15 -6.91
C THR D 256 5.78 35.49 -6.72
N THR D 257 6.85 36.27 -6.56
CA THR D 257 8.14 35.69 -6.21
C THR D 257 8.04 34.96 -4.87
N VAL D 258 7.40 35.60 -3.89
CA VAL D 258 7.20 34.96 -2.58
C VAL D 258 6.32 33.72 -2.74
N LEU D 259 5.26 33.84 -3.55
CA LEU D 259 4.36 32.70 -3.76
C LEU D 259 5.08 31.52 -4.35
N THR D 260 5.92 31.76 -5.37
CA THR D 260 6.67 30.68 -5.99
C THR D 260 7.68 30.08 -5.02
N MET D 261 8.32 30.91 -4.19
CA MET D 261 9.28 30.39 -3.23
C MET D 261 8.60 29.45 -2.24
N THR D 262 7.45 29.87 -1.70
CA THR D 262 6.76 28.96 -0.77
C THR D 262 6.21 27.74 -1.49
N THR D 263 5.83 27.88 -2.76
CA THR D 263 5.33 26.74 -3.53
C THR D 263 6.40 25.67 -3.67
N ILE D 264 7.59 26.08 -4.13
CA ILE D 264 8.69 25.12 -4.25
C ILE D 264 9.09 24.60 -2.89
N ASN D 265 9.01 25.42 -1.84
CA ASN D 265 9.32 24.94 -0.50
C ASN D 265 8.39 23.81 -0.10
N THR D 266 7.08 23.98 -0.34
CA THR D 266 6.13 22.94 0.02
C THR D 266 6.36 21.67 -0.79
N HIS D 267 6.62 21.81 -2.10
CA HIS D 267 6.85 20.62 -2.90
C HIS D 267 8.14 19.88 -2.52
N LEU D 268 9.19 20.60 -2.13
CA LEU D 268 10.45 19.94 -1.77
C LEU D 268 10.52 19.56 -0.29
N ARG D 269 9.58 19.99 0.54
CA ARG D 269 9.60 19.63 1.95
C ARG D 269 9.12 18.22 2.23
N GLU D 270 8.42 17.58 1.29
CA GLU D 270 7.80 16.28 1.52
C GLU D 270 8.69 15.10 1.13
N THR D 271 9.84 15.35 0.51
CA THR D 271 10.68 14.25 0.04
C THR D 271 11.38 13.52 1.19
N LEU D 272 11.81 14.27 2.20
CA LEU D 272 12.63 13.76 3.30
C LEU D 272 11.78 13.59 4.56
N PRO D 273 12.28 12.83 5.56
CA PRO D 273 11.47 12.55 6.74
C PRO D 273 11.57 13.65 7.79
N LYS D 274 10.88 13.43 8.92
CA LYS D 274 10.86 14.41 9.99
C LYS D 274 12.16 14.31 10.78
N ILE D 275 12.85 15.43 10.93
CA ILE D 275 14.04 15.48 11.78
C ILE D 275 14.10 16.85 12.46
N PRO D 276 14.48 16.94 13.74
CA PRO D 276 14.31 18.18 14.51
C PRO D 276 15.50 19.14 14.39
N TYR D 277 15.92 19.43 13.16
CA TYR D 277 16.98 20.40 12.95
C TYR D 277 16.99 20.81 11.48
N VAL D 278 17.71 21.89 11.20
CA VAL D 278 17.85 22.35 9.82
C VAL D 278 18.59 21.28 9.02
N LYS D 279 18.07 20.99 7.84
CA LYS D 279 18.58 19.89 7.03
C LYS D 279 19.78 20.27 6.18
N ALA D 280 20.23 21.51 6.21
CA ALA D 280 21.33 22.10 5.44
C ALA D 280 20.94 22.35 3.98
N ILE D 281 19.77 21.93 3.53
CA ILE D 281 19.20 22.37 2.26
C ILE D 281 18.06 23.32 2.60
N ASP D 282 17.42 23.11 3.75
CA ASP D 282 16.43 24.06 4.24
C ASP D 282 17.07 25.42 4.50
N MET D 283 18.32 25.44 4.93
CA MET D 283 19.00 26.71 5.19
C MET D 283 19.07 27.57 3.94
N TYR D 284 19.37 26.94 2.80
CA TYR D 284 19.43 27.68 1.54
C TYR D 284 18.05 28.26 1.19
N LEU D 285 17.00 27.45 1.36
CA LEU D 285 15.66 27.94 1.05
C LEU D 285 15.26 29.09 1.97
N MET D 286 15.60 29.00 3.26
CA MET D 286 15.30 30.10 4.16
C MET D 286 16.08 31.34 3.79
N GLY D 287 17.33 31.19 3.39
CA GLY D 287 18.10 32.35 2.95
C GLY D 287 17.49 33.02 1.74
N CYS D 288 17.10 32.23 0.75
CA CYS D 288 16.49 32.79 -0.45
C CYS D 288 15.14 33.44 -0.14
N PHE D 289 14.34 32.80 0.72
CA PHE D 289 13.08 33.39 1.15
C PHE D 289 13.32 34.72 1.85
N VAL D 290 14.35 34.78 2.70
CA VAL D 290 14.65 36.01 3.42
C VAL D 290 15.07 37.10 2.44
N PHE D 291 15.85 36.74 1.42
CA PHE D 291 16.26 37.74 0.43
C PHE D 291 15.06 38.29 -0.33
N VAL D 292 14.16 37.41 -0.77
CA VAL D 292 12.95 37.88 -1.45
C VAL D 292 12.11 38.74 -0.51
N PHE D 293 12.05 38.35 0.76
CA PHE D 293 11.28 39.12 1.73
C PHE D 293 11.86 40.53 1.88
N LEU D 294 13.19 40.64 1.97
CA LEU D 294 13.80 41.96 2.04
C LEU D 294 13.56 42.76 0.76
N ALA D 295 13.47 42.08 -0.39
CA ALA D 295 13.12 42.80 -1.62
C ALA D 295 11.73 43.42 -1.49
N LEU D 296 10.76 42.66 -0.98
CA LEU D 296 9.44 43.23 -0.75
C LEU D 296 9.49 44.36 0.27
N LEU D 297 10.30 44.19 1.32
CA LEU D 297 10.38 45.20 2.37
C LEU D 297 10.92 46.51 1.83
N GLU D 298 11.99 46.44 1.03
CA GLU D 298 12.56 47.69 0.52
C GLU D 298 11.65 48.32 -0.51
N TYR D 299 10.92 47.51 -1.28
CA TYR D 299 9.93 48.09 -2.20
C TYR D 299 8.85 48.85 -1.41
N ALA D 300 8.36 48.24 -0.32
CA ALA D 300 7.37 48.92 0.50
C ALA D 300 7.93 50.19 1.11
N PHE D 301 9.19 50.14 1.55
CA PHE D 301 9.83 51.34 2.10
C PHE D 301 9.93 52.44 1.04
N VAL D 302 10.27 52.07 -0.19
CA VAL D 302 10.36 53.05 -1.27
C VAL D 302 9.01 53.71 -1.50
N ASN D 303 7.95 52.91 -1.57
CA ASN D 303 6.62 53.50 -1.78
C ASN D 303 6.23 54.39 -0.62
N TYR D 304 6.57 53.98 0.61
CA TYR D 304 6.20 54.76 1.78
C TYR D 304 6.89 56.12 1.77
N ILE D 305 8.20 56.14 1.54
CA ILE D 305 8.91 57.42 1.55
C ILE D 305 8.46 58.28 0.36
N PHE D 306 8.19 57.64 -0.78
CA PHE D 306 7.79 58.41 -1.96
C PHE D 306 6.43 59.08 -1.77
N PHE D 307 5.45 58.33 -1.27
CA PHE D 307 4.07 58.82 -1.25
C PHE D 307 3.68 59.49 0.05
N SER D 308 4.23 59.05 1.19
CA SER D 308 3.83 59.62 2.47
C SER D 308 4.21 61.10 2.55
N TYR D 418 13.37 66.00 -4.63
CA TYR D 418 13.62 65.70 -3.23
C TYR D 418 13.31 64.24 -2.92
N LEU D 419 12.01 63.92 -2.87
CA LEU D 419 11.61 62.54 -2.60
C LEU D 419 12.03 61.62 -3.73
N THR D 420 11.92 62.09 -4.98
CA THR D 420 12.35 61.26 -6.11
C THR D 420 13.84 60.98 -6.04
N GLY D 421 14.63 61.95 -5.56
CA GLY D 421 16.05 61.70 -5.38
C GLY D 421 16.32 60.60 -4.36
N ARG D 422 15.59 60.63 -3.24
CA ARG D 422 15.73 59.58 -2.24
C ARG D 422 15.33 58.23 -2.81
N ALA D 423 14.23 58.18 -3.55
CA ALA D 423 13.79 56.92 -4.13
C ALA D 423 14.81 56.37 -5.11
N ALA D 424 15.35 57.23 -5.98
CA ALA D 424 16.36 56.77 -6.93
C ALA D 424 17.62 56.30 -6.21
N ALA D 425 18.04 57.03 -5.18
CA ALA D 425 19.23 56.63 -4.44
C ALA D 425 19.04 55.29 -3.77
N ILE D 426 17.87 55.06 -3.16
CA ILE D 426 17.62 53.79 -2.49
C ILE D 426 17.53 52.66 -3.51
N ASP D 427 16.93 52.94 -4.67
CA ASP D 427 16.85 51.91 -5.70
C ASP D 427 18.24 51.53 -6.20
N ARG D 428 19.11 52.52 -6.44
CA ARG D 428 20.47 52.21 -6.87
C ARG D 428 21.22 51.45 -5.80
N TRP D 429 21.08 51.87 -4.54
CA TRP D 429 21.74 51.19 -3.44
C TRP D 429 21.28 49.74 -3.33
N SER D 430 19.98 49.51 -3.46
CA SER D 430 19.48 48.14 -3.38
C SER D 430 19.99 47.30 -4.55
N ARG D 431 19.93 47.84 -5.77
CA ARG D 431 20.31 47.04 -6.92
C ARG D 431 21.80 46.75 -6.95
N ILE D 432 22.62 47.62 -6.34
CA ILE D 432 24.05 47.36 -6.29
C ILE D 432 24.47 46.54 -5.07
N VAL D 433 23.67 46.53 -4.01
CA VAL D 433 24.03 45.82 -2.79
C VAL D 433 23.50 44.39 -2.80
N PHE D 434 22.24 44.19 -3.20
CA PHE D 434 21.62 42.88 -3.05
C PHE D 434 22.33 41.78 -3.82
N PRO D 435 22.67 41.94 -5.10
CA PRO D 435 23.44 40.88 -5.77
C PRO D 435 24.77 40.57 -5.10
N PHE D 436 25.47 41.60 -4.63
CA PHE D 436 26.74 41.37 -3.94
C PHE D 436 26.52 40.61 -2.64
N THR D 437 25.51 40.99 -1.86
CA THR D 437 25.23 40.29 -0.62
C THR D 437 24.84 38.84 -0.89
N PHE D 438 24.04 38.60 -1.92
CA PHE D 438 23.65 37.24 -2.25
C PHE D 438 24.86 36.41 -2.67
N SER D 439 25.74 36.99 -3.48
CA SER D 439 26.95 36.27 -3.87
C SER D 439 27.81 35.95 -2.66
N LEU D 440 27.94 36.90 -1.73
CA LEU D 440 28.72 36.65 -0.52
C LEU D 440 28.11 35.53 0.30
N PHE D 441 26.79 35.55 0.47
CA PHE D 441 26.13 34.49 1.24
C PHE D 441 26.30 33.15 0.56
N ASN D 442 26.19 33.12 -0.77
CA ASN D 442 26.34 31.87 -1.50
C ASN D 442 27.75 31.31 -1.34
N LEU D 443 28.76 32.17 -1.46
CA LEU D 443 30.14 31.72 -1.29
C LEU D 443 30.38 31.22 0.14
N VAL D 444 29.86 31.94 1.14
CA VAL D 444 30.04 31.51 2.52
C VAL D 444 29.40 30.15 2.74
N TYR D 445 28.19 29.97 2.22
CA TYR D 445 27.49 28.69 2.38
C TYR D 445 28.26 27.56 1.73
N TRP D 446 28.68 27.75 0.47
CA TRP D 446 29.37 26.68 -0.25
C TRP D 446 30.71 26.35 0.39
N LEU D 447 31.48 27.36 0.79
CA LEU D 447 32.75 27.07 1.44
C LEU D 447 32.54 26.39 2.79
N TYR D 448 31.50 26.77 3.53
CA TYR D 448 31.25 26.13 4.81
C TYR D 448 30.90 24.66 4.64
N TYR D 449 29.96 24.36 3.75
CA TYR D 449 29.49 22.98 3.62
C TYR D 449 30.40 22.16 2.71
N VAL D 450 30.54 22.56 1.45
CA VAL D 450 31.40 21.83 0.53
C VAL D 450 32.85 22.05 0.93
N THR E 65 32.46 -37.15 24.82
CA THR E 65 32.00 -37.14 23.43
C THR E 65 30.52 -37.49 23.36
N THR E 66 30.20 -38.78 23.57
CA THR E 66 28.84 -39.27 23.55
C THR E 66 28.15 -39.20 24.90
N VAL E 67 28.85 -38.77 25.95
CA VAL E 67 28.24 -38.67 27.27
C VAL E 67 27.09 -37.67 27.25
N PHE E 68 27.29 -36.53 26.59
CA PHE E 68 26.25 -35.51 26.56
C PHE E 68 25.05 -35.95 25.74
N THR E 69 25.26 -36.75 24.69
CA THR E 69 24.14 -37.26 23.91
C THR E 69 23.23 -38.14 24.78
N ARG E 70 23.83 -39.06 25.53
CA ARG E 70 23.02 -39.92 26.38
C ARG E 70 22.40 -39.13 27.53
N ILE E 71 23.08 -38.10 28.02
CA ILE E 71 22.49 -37.26 29.05
C ILE E 71 21.25 -36.56 28.51
N LEU E 72 21.34 -36.01 27.31
CA LEU E 72 20.20 -35.34 26.71
C LEU E 72 19.06 -36.31 26.46
N ASP E 73 19.37 -37.51 25.98
CA ASP E 73 18.33 -38.52 25.76
C ASP E 73 17.67 -38.90 27.07
N ARG E 74 18.47 -39.06 28.14
CA ARG E 74 17.92 -39.43 29.43
C ARG E 74 17.07 -38.30 30.02
N LEU E 75 17.37 -37.04 29.67
CA LEU E 75 16.53 -35.95 30.13
C LEU E 75 15.12 -36.06 29.57
N LEU E 76 15.01 -36.42 28.29
CA LEU E 76 13.71 -36.57 27.64
C LEU E 76 13.28 -38.04 27.65
N ASP E 77 13.05 -38.54 28.86
CA ASP E 77 12.56 -39.90 29.10
C ASP E 77 11.11 -39.77 29.53
N GLY E 78 10.20 -39.77 28.55
CA GLY E 78 8.81 -39.54 28.85
C GLY E 78 8.50 -38.14 29.32
N TYR E 79 9.39 -37.17 29.02
CA TYR E 79 9.13 -35.80 29.40
C TYR E 79 7.97 -35.25 28.59
N ASP E 80 6.87 -34.92 29.26
CA ASP E 80 5.70 -34.35 28.61
C ASP E 80 5.84 -32.83 28.62
N ASN E 81 6.02 -32.26 27.44
CA ASN E 81 6.18 -30.82 27.31
C ASN E 81 4.86 -30.07 27.40
N ARG E 82 3.73 -30.76 27.47
CA ARG E 82 2.43 -30.12 27.53
C ARG E 82 2.00 -29.75 28.94
N LEU E 83 2.77 -30.12 29.96
CA LEU E 83 2.43 -29.87 31.35
C LEU E 83 3.37 -28.83 31.95
N ARG E 84 2.80 -27.88 32.68
CA ARG E 84 3.60 -26.88 33.37
C ARG E 84 4.44 -27.55 34.45
N PRO E 85 5.65 -27.05 34.73
CA PRO E 85 6.38 -27.56 35.90
C PRO E 85 5.61 -27.30 37.18
N GLY E 86 5.66 -28.27 38.09
CA GLY E 86 4.93 -28.17 39.34
C GLY E 86 3.44 -28.01 39.11
N LEU E 87 2.89 -28.84 38.23
CA LEU E 87 1.50 -28.66 37.79
C LEU E 87 0.54 -28.79 38.97
N GLY E 88 0.73 -29.81 39.81
CA GLY E 88 -0.10 -30.03 40.97
C GLY E 88 0.50 -29.64 42.30
N GLU E 89 1.64 -28.95 42.31
CA GLU E 89 2.39 -28.69 43.53
C GLU E 89 2.41 -27.21 43.91
N ARG E 90 2.87 -26.34 43.01
CA ARG E 90 3.01 -24.93 43.34
C ARG E 90 3.01 -24.13 42.05
N VAL E 91 3.11 -22.82 42.19
CA VAL E 91 3.08 -21.89 41.06
C VAL E 91 4.50 -21.70 40.56
N THR E 92 4.72 -21.95 39.28
CA THR E 92 6.04 -21.74 38.70
C THR E 92 6.32 -20.24 38.56
N GLU E 93 7.52 -19.84 38.97
CA GLU E 93 7.94 -18.44 38.95
C GLU E 93 8.84 -18.21 37.75
N VAL E 94 8.45 -17.29 36.88
CA VAL E 94 9.19 -17.00 35.65
C VAL E 94 9.83 -15.64 35.77
N LYS E 95 11.08 -15.60 36.23
CA LYS E 95 11.82 -14.35 36.23
C LYS E 95 12.17 -13.95 34.81
N THR E 96 11.90 -12.69 34.47
CA THR E 96 12.05 -12.19 33.10
C THR E 96 12.78 -10.86 33.10
N ASP E 97 13.46 -10.61 31.98
CA ASP E 97 14.22 -9.39 31.78
C ASP E 97 14.15 -9.02 30.30
N ILE E 98 14.31 -7.73 30.01
CA ILE E 98 14.24 -7.21 28.66
C ILE E 98 15.46 -6.33 28.42
N PHE E 99 16.04 -6.45 27.23
CA PHE E 99 17.14 -5.58 26.78
C PHE E 99 16.71 -4.99 25.44
N VAL E 100 16.27 -3.74 25.47
CA VAL E 100 15.79 -3.08 24.25
C VAL E 100 16.99 -2.73 23.39
N THR E 101 17.19 -3.50 22.31
CA THR E 101 18.31 -3.21 21.42
C THR E 101 18.06 -1.94 20.62
N SER E 102 16.80 -1.69 20.24
CA SER E 102 16.47 -0.51 19.45
C SER E 102 15.04 -0.10 19.71
N PHE E 103 14.80 1.21 19.64
CA PHE E 103 13.47 1.80 19.80
C PHE E 103 13.08 2.39 18.45
N GLY E 104 12.38 1.60 17.65
CA GLY E 104 12.05 1.98 16.29
C GLY E 104 11.22 3.23 16.20
N PRO E 105 10.93 3.66 14.98
CA PRO E 105 10.19 4.92 14.79
C PRO E 105 8.79 4.86 15.37
N VAL E 106 8.33 5.99 15.88
CA VAL E 106 7.00 6.13 16.45
C VAL E 106 6.11 6.72 15.36
N SER E 107 5.30 5.86 14.73
CA SER E 107 4.45 6.27 13.63
C SER E 107 3.12 6.75 14.19
N ASP E 108 2.96 8.08 14.32
CA ASP E 108 1.71 8.63 14.78
C ASP E 108 0.57 8.37 13.79
N HIS E 109 0.90 8.28 12.50
CA HIS E 109 -0.12 7.97 11.50
C HIS E 109 -0.73 6.60 11.77
N ASP E 110 0.11 5.60 12.00
CA ASP E 110 -0.34 4.25 12.28
C ASP E 110 -0.60 3.98 13.75
N MET E 111 -0.45 5.00 14.61
CA MET E 111 -0.84 4.91 16.02
C MET E 111 -0.08 3.80 16.73
N GLU E 112 1.21 3.68 16.41
CA GLU E 112 2.01 2.57 16.92
C GLU E 112 3.49 2.94 16.89
N TYR E 113 4.28 2.12 17.57
CA TYR E 113 5.73 2.28 17.62
C TYR E 113 6.38 0.91 17.64
N THR E 114 7.59 0.83 17.09
CA THR E 114 8.33 -0.41 16.95
C THR E 114 9.48 -0.47 17.96
N ILE E 115 9.75 -1.66 18.47
CA ILE E 115 10.89 -1.90 19.35
C ILE E 115 11.51 -3.25 19.00
N ASP E 116 12.83 -3.33 19.07
CA ASP E 116 13.57 -4.57 18.88
C ASP E 116 14.28 -4.90 20.18
N VAL E 117 14.01 -6.08 20.74
CA VAL E 117 14.41 -6.45 22.09
C VAL E 117 15.00 -7.85 22.12
N PHE E 118 15.80 -8.11 23.16
CA PHE E 118 16.18 -9.46 23.58
C PHE E 118 15.30 -9.81 24.76
N PHE E 119 14.19 -10.49 24.50
CA PHE E 119 13.29 -10.88 25.56
C PHE E 119 13.84 -12.12 26.25
N ARG E 120 14.12 -12.00 27.55
CA ARG E 120 14.70 -13.06 28.35
C ARG E 120 13.67 -13.58 29.34
N GLN E 121 13.71 -14.90 29.58
CA GLN E 121 12.87 -15.54 30.59
C GLN E 121 13.72 -16.57 31.31
N SER E 122 13.39 -16.81 32.58
CA SER E 122 14.17 -17.73 33.39
C SER E 122 13.26 -18.38 34.41
N TRP E 123 13.26 -19.71 34.44
CA TRP E 123 12.43 -20.43 35.39
C TRP E 123 13.11 -21.73 35.78
N LYS E 124 12.76 -22.22 36.96
CA LYS E 124 13.36 -23.43 37.51
C LYS E 124 12.47 -24.62 37.17
N ASP E 125 13.07 -25.65 36.57
CA ASP E 125 12.39 -26.87 36.19
C ASP E 125 13.07 -28.03 36.89
N GLU E 126 12.32 -28.75 37.72
CA GLU E 126 12.87 -29.88 38.45
C GLU E 126 13.07 -31.08 37.55
N ARG E 127 12.22 -31.25 36.53
CA ARG E 127 12.31 -32.40 35.65
C ARG E 127 13.59 -32.42 34.83
N LEU E 128 14.23 -31.27 34.63
CA LEU E 128 15.44 -31.16 33.83
C LEU E 128 16.71 -31.15 34.68
N LYS E 129 16.66 -31.70 35.88
CA LYS E 129 17.87 -31.87 36.66
C LYS E 129 18.78 -32.89 35.97
N PHE E 130 20.09 -32.69 36.14
CA PHE E 130 21.06 -33.59 35.55
C PHE E 130 22.35 -33.50 36.36
N LYS E 131 23.32 -34.33 35.97
CA LYS E 131 24.64 -34.32 36.59
C LYS E 131 25.65 -34.71 35.51
N GLY E 132 26.54 -33.78 35.17
CA GLY E 132 27.51 -34.00 34.12
C GLY E 132 28.81 -33.27 34.37
N PRO E 133 29.78 -33.43 33.46
CA PRO E 133 31.08 -32.77 33.66
C PRO E 133 31.00 -31.25 33.72
N MET E 134 30.10 -30.64 32.95
CA MET E 134 30.00 -29.19 32.83
C MET E 134 28.71 -28.71 33.48
N THR E 135 28.83 -27.64 34.28
CA THR E 135 27.71 -27.20 35.12
C THR E 135 26.53 -26.72 34.27
N VAL E 136 26.79 -25.82 33.33
CA VAL E 136 25.76 -25.18 32.52
C VAL E 136 26.00 -25.55 31.07
N LEU E 137 25.00 -26.15 30.43
CA LEU E 137 25.09 -26.51 29.02
C LEU E 137 24.14 -25.66 28.19
N ARG E 138 24.63 -25.20 27.05
CA ARG E 138 23.92 -24.30 26.15
C ARG E 138 23.52 -25.09 24.92
N LEU E 139 22.23 -25.10 24.61
CA LEU E 139 21.68 -25.91 23.53
C LEU E 139 21.17 -25.03 22.40
N ASN E 140 20.90 -25.67 21.27
CA ASN E 140 20.34 -24.97 20.11
C ASN E 140 18.85 -24.75 20.31
N ASN E 141 18.17 -24.32 19.26
CA ASN E 141 16.76 -23.96 19.33
C ASN E 141 15.83 -25.15 19.19
N LEU E 142 16.37 -26.33 18.82
CA LEU E 142 15.52 -27.50 18.64
C LEU E 142 15.04 -28.04 19.98
N MET E 143 15.88 -27.94 21.01
CA MET E 143 15.46 -28.39 22.34
C MET E 143 14.32 -27.53 22.87
N ALA E 144 14.26 -26.25 22.46
CA ALA E 144 13.22 -25.36 22.95
C ALA E 144 11.83 -25.87 22.56
N SER E 145 11.68 -26.35 21.33
CA SER E 145 10.41 -26.91 20.91
C SER E 145 10.06 -28.20 21.62
N LYS E 146 11.05 -28.90 22.16
CA LYS E 146 10.84 -30.22 22.77
C LYS E 146 10.63 -30.16 24.27
N ILE E 147 10.55 -28.97 24.87
CA ILE E 147 10.28 -28.83 26.29
C ILE E 147 9.25 -27.73 26.50
N TRP E 148 8.64 -27.73 27.68
CA TRP E 148 7.68 -26.71 28.02
C TRP E 148 8.39 -25.36 28.15
N THR E 149 7.73 -24.32 27.65
CA THR E 149 8.18 -22.95 27.78
C THR E 149 6.98 -22.10 28.13
N PRO E 150 7.18 -20.93 28.74
CA PRO E 150 6.04 -20.05 28.99
C PRO E 150 5.46 -19.54 27.69
N ASP E 151 4.24 -19.03 27.78
CA ASP E 151 3.48 -18.54 26.62
C ASP E 151 3.27 -17.03 26.71
N THR E 152 4.34 -16.32 27.07
CA THR E 152 4.25 -14.88 27.21
C THR E 152 3.88 -14.22 25.90
N PHE E 153 2.99 -13.23 25.98
CA PHE E 153 2.56 -12.48 24.82
C PHE E 153 2.33 -11.03 25.24
N PHE E 154 2.35 -10.15 24.25
CA PHE E 154 2.19 -8.72 24.47
C PHE E 154 0.73 -8.34 24.26
N HIS E 155 0.13 -7.70 25.27
CA HIS E 155 -1.29 -7.40 25.23
C HIS E 155 -1.61 -6.41 24.11
N ASN E 156 -0.75 -5.42 23.90
CA ASN E 156 -1.00 -4.33 22.96
C ASN E 156 -0.19 -4.45 21.68
N GLY E 157 0.34 -5.64 21.38
CA GLY E 157 1.02 -5.83 20.12
C GLY E 157 0.05 -5.81 18.95
N LYS E 158 0.57 -5.41 17.78
CA LYS E 158 -0.21 -5.36 16.55
C LYS E 158 0.24 -6.43 15.56
N LYS E 159 1.52 -6.44 15.20
CA LYS E 159 2.04 -7.47 14.30
C LYS E 159 3.53 -7.58 14.60
N SER E 160 3.89 -8.52 15.46
CA SER E 160 5.26 -8.70 15.92
C SER E 160 5.81 -9.99 15.32
N VAL E 161 7.05 -9.92 14.85
CA VAL E 161 7.70 -11.04 14.17
C VAL E 161 8.91 -11.46 14.98
N ALA E 162 9.02 -12.76 15.24
CA ALA E 162 10.22 -13.33 15.84
C ALA E 162 11.22 -13.59 14.73
N HIS E 163 12.40 -13.00 14.83
CA HIS E 163 13.38 -13.06 13.76
C HIS E 163 13.84 -14.49 13.54
N ASN E 164 14.05 -14.85 12.27
CA ASN E 164 14.32 -16.22 11.87
C ASN E 164 15.44 -16.30 10.85
N MET E 165 16.30 -15.29 10.79
CA MET E 165 17.36 -15.27 9.79
C MET E 165 18.44 -16.28 10.12
N THR E 166 18.96 -16.95 9.09
CA THR E 166 19.91 -18.05 9.23
C THR E 166 19.27 -19.21 9.96
N MET E 167 19.02 -19.03 11.26
CA MET E 167 18.30 -19.97 12.09
C MET E 167 17.59 -19.25 13.23
N PRO E 168 16.51 -19.85 13.81
CA PRO E 168 15.68 -19.11 14.76
C PRO E 168 16.45 -18.45 15.91
N ASN E 169 16.34 -17.13 16.02
CA ASN E 169 17.12 -16.37 16.97
C ASN E 169 16.57 -16.63 18.37
N LYS E 170 17.04 -17.71 18.98
CA LYS E 170 16.70 -18.04 20.36
C LYS E 170 17.90 -18.72 20.98
N LEU E 171 17.88 -18.86 22.30
CA LEU E 171 18.90 -19.64 22.99
C LEU E 171 18.31 -20.22 24.26
N LEU E 172 18.75 -21.43 24.57
CA LEU E 172 18.34 -22.16 25.76
C LEU E 172 19.58 -22.59 26.53
N ARG E 173 19.54 -22.42 27.85
CA ARG E 173 20.63 -22.79 28.72
C ARG E 173 20.07 -23.53 29.92
N ILE E 174 20.72 -24.63 30.30
CA ILE E 174 20.26 -25.48 31.39
C ILE E 174 21.39 -25.62 32.40
N THR E 175 21.04 -25.57 33.67
CA THR E 175 21.97 -25.65 34.79
C THR E 175 21.69 -26.92 35.60
N GLU E 176 22.71 -27.35 36.35
CA GLU E 176 22.62 -28.61 37.10
C GLU E 176 21.47 -28.61 38.09
N ASP E 177 21.14 -27.45 38.67
CA ASP E 177 20.09 -27.37 39.67
C ASP E 177 18.69 -27.29 39.08
N GLY E 178 18.54 -27.48 37.78
CA GLY E 178 17.26 -27.37 37.12
C GLY E 178 16.89 -25.98 36.67
N THR E 179 17.69 -24.97 37.01
CA THR E 179 17.44 -23.63 36.50
C THR E 179 17.58 -23.62 34.99
N LEU E 180 16.68 -22.89 34.34
CA LEU E 180 16.61 -22.84 32.89
C LEU E 180 16.44 -21.41 32.43
N LEU E 181 17.18 -21.04 31.39
CA LEU E 181 17.14 -19.71 30.81
C LEU E 181 16.81 -19.82 29.34
N TYR E 182 15.96 -18.91 28.86
CA TYR E 182 15.42 -18.98 27.50
C TYR E 182 15.25 -17.56 27.00
N THR E 183 16.03 -17.20 25.98
CA THR E 183 16.04 -15.84 25.44
C THR E 183 15.73 -15.88 23.95
N MET E 184 15.13 -14.80 23.46
CA MET E 184 14.76 -14.73 22.05
C MET E 184 14.73 -13.28 21.59
N ARG E 185 15.12 -13.08 20.34
CA ARG E 185 15.12 -11.75 19.72
C ARG E 185 13.76 -11.49 19.10
N LEU E 186 13.16 -10.36 19.44
CA LEU E 186 11.80 -10.04 19.02
C LEU E 186 11.73 -8.63 18.46
N THR E 187 10.78 -8.43 17.54
CA THR E 187 10.45 -7.12 16.99
C THR E 187 8.96 -6.91 17.19
N VAL E 188 8.61 -6.00 18.09
CA VAL E 188 7.24 -5.77 18.52
C VAL E 188 6.77 -4.42 18.02
N ARG E 189 5.67 -4.41 17.28
CA ARG E 189 4.99 -3.19 16.87
C ARG E 189 3.80 -3.02 17.81
N ALA E 190 3.97 -2.19 18.83
CA ALA E 190 2.97 -2.01 19.87
C ALA E 190 2.22 -0.72 19.64
N GLU E 191 0.91 -0.76 19.87
CA GLU E 191 0.07 0.42 19.82
C GLU E 191 0.03 1.09 21.18
N CYS E 192 0.14 2.42 21.19
CA CYS E 192 0.05 3.21 22.40
C CYS E 192 -0.89 4.37 22.16
N PRO E 193 -1.81 4.69 23.09
CA PRO E 193 -2.70 5.83 22.87
C PRO E 193 -1.93 7.14 22.94
N MET E 194 -2.44 8.13 22.21
CA MET E 194 -1.82 9.45 22.14
C MET E 194 -2.91 10.51 22.19
N HIS E 195 -2.67 11.54 22.99
CA HIS E 195 -3.55 12.71 23.09
C HIS E 195 -2.82 13.87 22.44
N LEU E 196 -3.25 14.22 21.22
CA LEU E 196 -2.62 15.26 20.44
C LEU E 196 -3.23 16.64 20.69
N GLU E 197 -3.85 16.83 21.85
CA GLU E 197 -4.43 18.14 22.15
C GLU E 197 -3.37 19.22 22.22
N ASP E 198 -2.21 18.91 22.82
CA ASP E 198 -1.09 19.83 22.91
C ASP E 198 -0.07 19.62 21.80
N PHE E 199 -0.49 19.04 20.68
CA PHE E 199 0.44 18.80 19.58
C PHE E 199 0.92 20.15 19.03
N PRO E 200 2.22 20.29 18.69
CA PRO E 200 3.36 19.38 18.78
C PRO E 200 4.13 19.46 20.11
N MET E 201 3.69 20.30 21.03
CA MET E 201 4.32 20.40 22.36
C MET E 201 3.69 19.40 23.32
N ASP E 202 3.76 18.12 22.93
CA ASP E 202 3.06 17.05 23.61
C ASP E 202 4.04 15.96 24.02
N ALA E 203 3.97 15.55 25.28
CA ALA E 203 4.68 14.39 25.79
C ALA E 203 3.77 13.17 25.74
N HIS E 204 4.38 12.00 25.72
CA HIS E 204 3.66 10.73 25.64
C HIS E 204 4.29 9.75 26.61
N ALA E 205 3.47 8.79 27.05
CA ALA E 205 3.92 7.66 27.87
C ALA E 205 3.39 6.41 27.19
N CYS E 206 4.13 5.90 26.21
CA CYS E 206 3.65 4.75 25.46
C CYS E 206 3.95 3.47 26.25
N PRO E 207 2.96 2.61 26.50
CA PRO E 207 3.22 1.41 27.30
C PRO E 207 3.55 0.20 26.45
N LEU E 208 4.20 -0.76 27.10
CA LEU E 208 4.42 -2.10 26.56
C LEU E 208 4.05 -3.07 27.67
N LYS E 209 2.94 -3.77 27.50
CA LYS E 209 2.42 -4.70 28.49
C LYS E 209 2.56 -6.12 27.99
N PHE E 210 2.94 -7.03 28.87
CA PHE E 210 3.05 -8.44 28.49
C PHE E 210 2.73 -9.33 29.68
N GLY E 211 2.31 -10.55 29.36
CA GLY E 211 1.97 -11.52 30.36
C GLY E 211 1.59 -12.83 29.71
N SER E 212 1.27 -13.82 30.54
CA SER E 212 0.86 -15.12 30.03
C SER E 212 -0.49 -15.02 29.35
N TYR E 213 -0.73 -15.93 28.42
CA TYR E 213 -2.01 -16.02 27.72
C TYR E 213 -2.90 -17.10 28.31
N ALA E 214 -2.41 -18.33 28.38
CA ALA E 214 -3.23 -19.45 28.82
C ALA E 214 -3.27 -19.55 30.34
N TYR E 215 -2.11 -19.61 30.98
CA TYR E 215 -2.04 -19.86 32.41
C TYR E 215 -2.36 -18.61 33.19
N THR E 216 -3.15 -18.77 34.25
CA THR E 216 -3.63 -17.64 35.03
C THR E 216 -2.62 -17.31 36.13
N ARG E 217 -3.01 -16.44 37.06
CA ARG E 217 -2.13 -16.08 38.15
C ARG E 217 -1.82 -17.28 39.04
N ALA E 218 -2.83 -18.11 39.31
CA ALA E 218 -2.61 -19.27 40.17
C ALA E 218 -1.71 -20.31 39.52
N GLU E 219 -1.68 -20.38 38.20
CA GLU E 219 -0.88 -21.39 37.50
C GLU E 219 0.52 -20.89 37.18
N VAL E 220 0.67 -19.63 36.78
CA VAL E 220 1.97 -19.03 36.51
C VAL E 220 1.97 -17.62 37.11
N VAL E 221 3.10 -17.25 37.70
CA VAL E 221 3.33 -15.89 38.19
C VAL E 221 4.69 -15.46 37.69
N TYR E 222 4.75 -14.27 37.09
CA TYR E 222 6.01 -13.76 36.56
C TYR E 222 6.67 -12.84 37.59
N GLU E 223 7.92 -12.48 37.32
CA GLU E 223 8.66 -11.60 38.22
C GLU E 223 9.79 -10.95 37.42
N TRP E 224 10.28 -9.84 37.93
CA TRP E 224 11.44 -9.19 37.33
C TRP E 224 12.71 -9.86 37.83
N THR E 225 13.66 -10.04 36.92
CA THR E 225 14.88 -10.77 37.25
C THR E 225 15.67 -10.07 38.34
N ARG E 226 15.81 -8.75 38.24
CA ARG E 226 16.54 -7.93 39.20
C ARG E 226 15.62 -6.82 39.67
N GLU E 227 16.17 -5.80 40.32
CA GLU E 227 15.36 -4.65 40.72
C GLU E 227 14.63 -4.09 39.49
N PRO E 228 13.35 -3.72 39.62
CA PRO E 228 12.56 -3.43 38.41
C PRO E 228 13.13 -2.32 37.54
N ALA E 229 13.68 -1.27 38.15
CA ALA E 229 14.23 -0.16 37.36
C ALA E 229 15.39 -0.65 36.50
N ARG E 230 16.23 -1.52 37.05
CA ARG E 230 17.38 -2.04 36.33
C ARG E 230 17.06 -3.22 35.43
N SER E 231 15.87 -3.81 35.55
CA SER E 231 15.53 -4.98 34.75
C SER E 231 15.44 -4.65 33.27
N VAL E 232 14.69 -3.60 32.93
CA VAL E 232 14.57 -3.14 31.56
C VAL E 232 15.66 -2.10 31.34
N VAL E 233 16.53 -2.34 30.37
CA VAL E 233 17.64 -1.45 30.05
C VAL E 233 17.70 -1.27 28.54
N VAL E 234 17.93 -0.03 28.12
CA VAL E 234 17.90 0.37 26.71
C VAL E 234 19.33 0.54 26.22
N ALA E 235 19.62 0.00 25.04
CA ALA E 235 20.93 0.19 24.44
C ALA E 235 21.14 1.66 24.10
N GLU E 236 22.34 2.17 24.40
CA GLU E 236 22.61 3.59 24.18
C GLU E 236 22.65 3.92 22.70
N ASP E 237 23.41 3.14 21.92
CA ASP E 237 23.56 3.44 20.50
C ASP E 237 22.24 3.26 19.75
N GLY E 238 21.44 2.27 20.14
CA GLY E 238 20.21 1.97 19.43
C GLY E 238 19.05 2.85 19.83
N SER E 239 19.05 4.09 19.36
CA SER E 239 17.94 5.01 19.61
C SER E 239 16.89 4.93 18.51
N ARG E 240 17.28 5.21 17.27
CA ARG E 240 16.39 5.14 16.11
C ARG E 240 15.16 6.05 16.26
N LEU E 241 15.29 7.12 17.04
CA LEU E 241 14.23 8.09 17.23
C LEU E 241 14.70 9.42 16.65
N ASN E 242 13.94 9.94 15.69
CA ASN E 242 14.30 11.21 15.04
C ASN E 242 13.61 12.39 15.72
N GLN E 243 12.27 12.36 15.79
CA GLN E 243 11.48 13.45 16.33
C GLN E 243 10.94 13.15 17.73
N TYR E 244 11.70 12.43 18.54
CA TYR E 244 11.32 12.15 19.91
C TYR E 244 12.59 11.98 20.74
N ASP E 245 12.43 12.13 22.05
CA ASP E 245 13.52 11.92 23.00
C ASP E 245 13.04 10.99 24.10
N LEU E 246 13.78 9.90 24.31
CA LEU E 246 13.42 8.92 25.32
C LEU E 246 13.81 9.47 26.70
N LEU E 247 12.88 10.20 27.31
CA LEU E 247 13.12 10.82 28.61
C LEU E 247 12.82 9.81 29.72
N GLY E 248 13.67 8.79 29.79
CA GLY E 248 13.55 7.79 30.83
C GLY E 248 12.39 6.84 30.59
N GLN E 249 12.11 6.03 31.60
CA GLN E 249 11.07 5.02 31.52
C GLN E 249 10.74 4.56 32.93
N THR E 250 9.66 3.79 33.04
CA THR E 250 9.27 3.18 34.30
C THR E 250 8.68 1.81 34.03
N VAL E 251 8.61 0.99 35.08
CA VAL E 251 8.06 -0.36 34.99
C VAL E 251 7.13 -0.60 36.17
N ASP E 252 6.24 -1.59 36.00
CA ASP E 252 5.32 -1.96 37.07
C ASP E 252 4.67 -3.28 36.71
N SER E 253 4.08 -3.92 37.72
CA SER E 253 3.37 -5.17 37.56
C SER E 253 1.99 -5.04 38.19
N GLY E 254 1.04 -5.80 37.65
CA GLY E 254 -0.32 -5.76 38.15
C GLY E 254 -1.09 -6.98 37.71
N ILE E 255 -2.28 -7.13 38.27
CA ILE E 255 -3.14 -8.29 38.04
C ILE E 255 -4.33 -7.80 37.24
N VAL E 256 -4.36 -8.12 35.96
CA VAL E 256 -5.50 -7.79 35.11
C VAL E 256 -6.56 -8.86 35.28
N GLN E 257 -7.82 -8.42 35.34
CA GLN E 257 -8.96 -9.31 35.49
C GLN E 257 -9.62 -9.51 34.14
N SER E 258 -9.96 -10.76 33.83
CA SER E 258 -10.62 -11.10 32.58
C SER E 258 -11.69 -12.15 32.85
N SER E 259 -12.48 -12.46 31.82
CA SER E 259 -13.55 -13.43 31.97
C SER E 259 -12.99 -14.80 32.33
N THR E 260 -11.92 -15.22 31.66
CA THR E 260 -11.33 -16.53 31.96
C THR E 260 -10.77 -16.58 33.37
N GLY E 261 -10.11 -15.51 33.80
CA GLY E 261 -9.55 -15.46 35.14
C GLY E 261 -8.59 -14.30 35.26
N GLU E 262 -8.05 -14.15 36.45
CA GLU E 262 -7.10 -13.08 36.73
C GLU E 262 -5.71 -13.48 36.24
N TYR E 263 -5.11 -12.62 35.42
CA TYR E 263 -3.79 -12.84 34.85
C TYR E 263 -2.82 -11.83 35.42
N VAL E 264 -1.54 -12.16 35.36
CA VAL E 264 -0.45 -11.28 35.79
C VAL E 264 0.13 -10.64 34.55
N VAL E 265 0.11 -9.31 34.51
CA VAL E 265 0.64 -8.53 33.39
C VAL E 265 1.59 -7.48 33.94
N MET E 266 2.74 -7.33 33.30
CA MET E 266 3.67 -6.25 33.62
C MET E 266 3.75 -5.27 32.48
N THR E 267 3.72 -3.99 32.82
CA THR E 267 3.82 -2.90 31.87
C THR E 267 5.12 -2.17 32.09
N THR E 268 5.65 -1.63 31.00
CA THR E 268 6.74 -0.66 31.05
C THR E 268 6.36 0.52 30.19
N HIS E 269 6.40 1.71 30.78
CA HIS E 269 6.02 2.94 30.12
C HIS E 269 7.29 3.65 29.67
N PHE E 270 7.35 3.96 28.38
CA PHE E 270 8.44 4.76 27.82
C PHE E 270 7.94 6.19 27.66
N HIS E 271 8.65 7.13 28.27
CA HIS E 271 8.28 8.53 28.23
C HIS E 271 9.00 9.20 27.06
N LEU E 272 8.22 9.68 26.10
CA LEU E 272 8.74 10.36 24.92
C LEU E 272 8.31 11.81 24.94
N LYS E 273 9.14 12.66 24.34
CA LYS E 273 8.86 14.09 24.21
C LYS E 273 9.15 14.51 22.78
N ARG E 274 8.11 14.97 22.09
CA ARG E 274 8.29 15.43 20.72
C ARG E 274 9.17 16.67 20.68
N LYS E 275 9.93 16.80 19.61
CA LYS E 275 10.85 17.91 19.41
C LYS E 275 10.24 18.91 18.43
N ILE E 276 10.25 20.19 18.80
CA ILE E 276 9.55 21.22 18.03
C ILE E 276 10.40 21.77 16.90
N GLY E 277 11.70 21.45 16.86
CA GLY E 277 12.58 22.08 15.89
C GLY E 277 12.19 21.84 14.45
N TYR E 278 11.47 20.76 14.17
CA TYR E 278 11.00 20.51 12.82
C TYR E 278 9.72 21.28 12.53
N PHE E 279 8.74 21.20 13.43
CA PHE E 279 7.44 21.78 13.15
C PHE E 279 7.49 23.30 13.11
N VAL E 280 8.42 23.90 13.84
CA VAL E 280 8.51 25.37 13.84
C VAL E 280 8.84 25.88 12.44
N ILE E 281 9.88 25.33 11.82
CA ILE E 281 10.24 25.74 10.46
C ILE E 281 9.33 25.10 9.43
N GLN E 282 8.53 24.11 9.81
CA GLN E 282 7.49 23.60 8.92
C GLN E 282 6.38 24.63 8.75
N THR E 283 5.75 25.03 9.86
CA THR E 283 4.51 25.80 9.83
C THR E 283 4.64 27.20 10.42
N TYR E 284 5.25 27.33 11.60
CA TYR E 284 5.10 28.58 12.34
C TYR E 284 5.87 29.73 11.72
N LEU E 285 6.92 29.46 10.96
CA LEU E 285 7.67 30.56 10.35
C LEU E 285 6.95 31.10 9.12
N PRO E 286 6.57 30.28 8.13
CA PRO E 286 5.84 30.84 6.97
C PRO E 286 4.56 31.57 7.34
N CYS E 287 3.86 31.12 8.37
CA CYS E 287 2.68 31.86 8.83
C CYS E 287 3.05 33.27 9.27
N ILE E 288 4.15 33.40 10.02
CA ILE E 288 4.59 34.71 10.46
C ILE E 288 5.03 35.54 9.26
N MET E 289 5.65 34.90 8.26
CA MET E 289 6.04 35.64 7.07
C MET E 289 4.83 36.22 6.37
N THR E 290 3.75 35.44 6.26
CA THR E 290 2.53 35.94 5.64
C THR E 290 1.89 37.05 6.46
N VAL E 291 1.93 36.95 7.79
CA VAL E 291 1.39 38.03 8.61
C VAL E 291 2.18 39.32 8.39
N ILE E 292 3.51 39.22 8.33
CA ILE E 292 4.29 40.43 8.07
C ILE E 292 4.05 40.92 6.64
N LEU E 293 3.74 40.03 5.71
CA LEU E 293 3.32 40.47 4.38
C LEU E 293 2.06 41.34 4.47
N SER E 294 1.11 40.92 5.31
CA SER E 294 -0.08 41.75 5.52
C SER E 294 0.29 43.10 6.14
N GLN E 295 1.25 43.11 7.07
CA GLN E 295 1.66 44.37 7.68
C GLN E 295 2.24 45.33 6.63
N VAL E 296 3.14 44.83 5.78
CA VAL E 296 3.65 45.71 4.72
C VAL E 296 2.56 46.05 3.72
N SER E 297 1.52 45.22 3.60
CA SER E 297 0.34 45.64 2.85
C SER E 297 -0.27 46.88 3.47
N PHE E 298 -0.34 46.92 4.80
CA PHE E 298 -0.84 48.13 5.45
C PHE E 298 0.06 49.32 5.16
N TRP E 299 1.38 49.11 5.16
CA TRP E 299 2.31 50.22 5.05
C TRP E 299 2.25 50.93 3.70
N LEU E 300 1.69 50.31 2.66
CA LEU E 300 1.61 50.95 1.37
C LEU E 300 0.61 52.10 1.40
N ASN E 301 0.65 52.93 0.35
CA ASN E 301 -0.23 54.09 0.25
C ASN E 301 -1.63 53.61 -0.15
N ARG E 302 -2.53 54.56 -0.39
CA ARG E 302 -3.94 54.26 -0.65
C ARG E 302 -4.31 54.29 -2.11
N GLU E 303 -3.56 55.03 -2.94
CA GLU E 303 -3.94 55.16 -4.35
C GLU E 303 -3.84 53.83 -5.09
N SER E 304 -2.82 53.03 -4.78
CA SER E 304 -2.56 51.79 -5.49
C SER E 304 -3.49 50.70 -4.95
N VAL E 305 -4.73 50.71 -5.43
CA VAL E 305 -5.68 49.64 -5.10
C VAL E 305 -5.18 48.26 -5.51
N PRO E 306 -4.62 48.04 -6.72
CA PRO E 306 -4.30 46.64 -7.08
C PRO E 306 -3.14 46.07 -6.27
N ALA E 307 -2.22 46.90 -5.80
CA ALA E 307 -1.11 46.42 -5.00
C ALA E 307 -1.59 45.80 -3.69
N ARG E 308 -2.39 46.55 -2.94
CA ARG E 308 -2.92 46.04 -1.68
C ARG E 308 -3.90 44.90 -1.93
N THR E 309 -4.64 44.94 -3.05
CA THR E 309 -5.54 43.84 -3.37
C THR E 309 -4.76 42.55 -3.61
N VAL E 310 -3.68 42.62 -4.37
CA VAL E 310 -2.93 41.41 -4.68
C VAL E 310 -2.21 40.89 -3.44
N PHE E 311 -1.68 41.79 -2.60
CA PHE E 311 -1.17 41.35 -1.30
C PHE E 311 -2.22 40.58 -0.51
N GLY E 312 -3.41 41.14 -0.34
CA GLY E 312 -4.41 40.47 0.47
C GLY E 312 -4.79 39.12 -0.08
N VAL E 313 -5.07 39.05 -1.39
CA VAL E 313 -5.57 37.81 -1.95
C VAL E 313 -4.48 36.75 -2.00
N THR E 314 -3.26 37.11 -2.37
CA THR E 314 -2.18 36.13 -2.41
C THR E 314 -1.81 35.66 -1.02
N THR E 315 -1.88 36.54 -0.03
CA THR E 315 -1.62 36.12 1.34
C THR E 315 -2.68 35.12 1.78
N VAL E 316 -3.95 35.36 1.42
CA VAL E 316 -5.01 34.40 1.73
C VAL E 316 -4.71 33.06 1.07
N LEU E 317 -4.31 33.10 -0.21
CA LEU E 317 -4.03 31.86 -0.94
C LEU E 317 -2.89 31.08 -0.28
N THR E 318 -1.80 31.77 0.08
CA THR E 318 -0.67 31.10 0.70
C THR E 318 -1.05 30.53 2.06
N MET E 319 -1.82 31.29 2.84
CA MET E 319 -2.28 30.79 4.13
C MET E 319 -3.11 29.53 3.96
N THR E 320 -4.05 29.53 3.01
CA THR E 320 -4.87 28.35 2.79
C THR E 320 -4.02 27.15 2.37
N THR E 321 -3.07 27.40 1.45
CA THR E 321 -2.20 26.34 0.96
C THR E 321 -1.41 25.69 2.10
N LEU E 322 -0.72 26.51 2.89
CA LEU E 322 0.08 25.95 3.97
C LEU E 322 -0.80 25.35 5.06
N SER E 323 -2.00 25.90 5.25
CA SER E 323 -2.90 25.34 6.25
C SER E 323 -3.34 23.93 5.87
N ILE E 324 -3.70 23.71 4.61
CA ILE E 324 -4.05 22.35 4.19
C ILE E 324 -2.84 21.44 4.16
N SER E 325 -1.66 21.99 3.79
CA SER E 325 -0.45 21.17 3.74
C SER E 325 -0.08 20.65 5.12
N ALA E 326 -0.12 21.52 6.13
CA ALA E 326 0.22 21.10 7.48
C ALA E 326 -0.78 20.08 8.00
N ARG E 327 -2.07 20.29 7.71
CA ARG E 327 -3.09 19.35 8.16
C ARG E 327 -2.95 18.00 7.48
N ASN E 328 -2.49 17.98 6.22
CA ASN E 328 -2.42 16.73 5.47
C ASN E 328 -1.47 15.74 6.13
N SER E 329 -0.30 16.20 6.57
CA SER E 329 0.72 15.33 7.15
C SER E 329 0.51 15.18 8.65
N LEU E 330 -0.66 14.69 9.02
CA LEU E 330 -1.03 14.51 10.42
C LEU E 330 -2.08 13.41 10.50
N PRO E 331 -2.25 12.80 11.66
CA PRO E 331 -3.33 11.81 11.82
C PRO E 331 -4.67 12.50 12.08
N LYS E 332 -5.72 11.94 11.52
CA LYS E 332 -7.06 12.51 11.70
C LYS E 332 -7.46 12.43 13.17
N VAL E 333 -8.12 13.48 13.64
CA VAL E 333 -8.52 13.58 15.03
C VAL E 333 -9.73 14.51 15.12
N ALA E 334 -10.53 14.32 16.15
CA ALA E 334 -11.82 15.00 16.30
C ALA E 334 -11.74 16.21 17.22
N TYR E 335 -10.59 16.86 17.30
CA TYR E 335 -10.49 18.10 18.06
C TYR E 335 -9.33 18.92 17.52
N ALA E 336 -9.33 20.21 17.87
CA ALA E 336 -8.33 21.13 17.36
C ALA E 336 -7.07 21.08 18.21
N THR E 337 -5.92 20.95 17.54
CA THR E 337 -4.63 20.94 18.21
C THR E 337 -4.14 22.37 18.39
N ALA E 338 -2.98 22.52 19.04
CA ALA E 338 -2.40 23.85 19.19
C ALA E 338 -2.01 24.44 17.85
N MET E 339 -1.46 23.61 16.96
CA MET E 339 -1.12 24.09 15.63
C MET E 339 -2.36 24.53 14.88
N ASP E 340 -3.48 23.83 15.08
CA ASP E 340 -4.73 24.26 14.47
C ASP E 340 -5.16 25.63 14.99
N TRP E 341 -5.01 25.86 16.29
CA TRP E 341 -5.31 27.15 16.88
C TRP E 341 -4.45 28.24 16.25
N PHE E 342 -3.16 27.99 16.12
CA PHE E 342 -2.23 28.95 15.57
C PHE E 342 -2.60 29.28 14.13
N ILE E 343 -2.87 28.25 13.33
CA ILE E 343 -3.21 28.43 11.91
C ILE E 343 -4.49 29.23 11.81
N ALA E 344 -5.47 28.90 12.65
CA ALA E 344 -6.75 29.61 12.59
C ALA E 344 -6.58 31.08 12.94
N VAL E 345 -5.78 31.38 13.96
CA VAL E 345 -5.56 32.76 14.37
C VAL E 345 -4.84 33.51 13.26
N CYS E 346 -3.87 32.86 12.61
CA CYS E 346 -3.16 33.51 11.52
C CYS E 346 -4.09 33.80 10.35
N TYR E 347 -4.97 32.85 10.03
CA TYR E 347 -5.94 33.04 8.95
C TYR E 347 -6.86 34.20 9.30
N ALA E 348 -7.26 34.28 10.57
CA ALA E 348 -8.11 35.38 11.03
C ALA E 348 -7.40 36.70 10.86
N PHE E 349 -6.11 36.76 11.20
CA PHE E 349 -5.33 37.98 11.04
C PHE E 349 -5.29 38.40 9.57
N VAL E 350 -5.04 37.45 8.67
CA VAL E 350 -4.95 37.78 7.25
C VAL E 350 -6.29 38.32 6.75
N PHE E 351 -7.38 37.64 7.10
CA PHE E 351 -8.70 38.06 6.63
C PHE E 351 -9.07 39.42 7.22
N SER E 352 -8.71 39.66 8.48
CA SER E 352 -8.93 40.96 9.10
C SER E 352 -8.17 42.04 8.34
N ALA E 353 -6.92 41.77 8.00
CA ALA E 353 -6.11 42.76 7.31
C ALA E 353 -6.66 43.06 5.92
N LEU E 354 -7.25 42.09 5.26
CA LEU E 354 -7.87 42.37 3.95
C LEU E 354 -9.19 43.13 4.06
N ILE E 355 -10.06 42.77 5.01
CA ILE E 355 -11.30 43.53 5.14
C ILE E 355 -11.01 44.95 5.61
N GLU E 356 -9.90 45.16 6.32
CA GLU E 356 -9.55 46.53 6.69
C GLU E 356 -9.27 47.36 5.45
N PHE E 357 -8.55 46.81 4.47
CA PHE E 357 -8.43 47.48 3.19
C PHE E 357 -9.76 47.64 2.49
N ALA E 358 -10.65 46.66 2.60
CA ALA E 358 -11.95 46.82 1.96
C ALA E 358 -12.66 48.05 2.49
N THR E 359 -12.65 48.22 3.81
CA THR E 359 -13.23 49.41 4.43
C THR E 359 -12.52 50.68 3.99
N VAL E 360 -11.18 50.64 3.98
CA VAL E 360 -10.40 51.85 3.66
C VAL E 360 -10.68 52.31 2.24
N ASN E 361 -10.65 51.38 1.28
CA ASN E 361 -10.95 51.73 -0.10
C ASN E 361 -12.40 52.17 -0.26
N TYR E 362 -13.31 51.61 0.53
CA TYR E 362 -14.70 52.08 0.47
C TYR E 362 -14.81 53.53 0.92
N PHE E 363 -14.10 53.90 1.99
CA PHE E 363 -14.22 55.22 2.58
C PHE E 363 -13.22 56.23 2.01
N THR E 364 -12.33 55.83 1.11
CA THR E 364 -11.31 56.75 0.64
C THR E 364 -11.90 57.85 -0.23
N LYS E 365 -12.98 57.56 -0.96
CA LYS E 365 -13.51 58.54 -1.91
C LYS E 365 -14.17 59.71 -1.19
N SER E 366 -14.94 59.43 -0.15
CA SER E 366 -15.66 60.45 0.62
C SER E 366 -15.04 60.56 2.00
N GLN E 367 -14.56 61.76 2.34
CA GLN E 367 -14.03 62.05 3.67
C GLN E 367 -12.84 61.15 3.98
N PRO E 368 -11.70 61.34 3.29
CA PRO E 368 -10.55 60.46 3.51
C PRO E 368 -9.85 60.63 4.85
N ALA E 369 -10.25 61.60 5.67
CA ALA E 369 -9.66 61.75 6.99
C ALA E 369 -9.92 60.51 7.85
N ARG E 370 -11.14 59.98 7.78
CA ARG E 370 -11.44 58.74 8.49
C ARG E 370 -10.59 57.59 7.95
N ALA E 371 -10.39 57.55 6.63
CA ALA E 371 -9.55 56.50 6.06
C ALA E 371 -8.13 56.57 6.59
N ALA E 372 -7.56 57.78 6.64
CA ALA E 372 -6.21 57.93 7.18
C ALA E 372 -6.17 57.56 8.66
N LYS E 373 -7.19 57.94 9.42
CA LYS E 373 -7.23 57.64 10.83
C LYS E 373 -7.26 56.13 11.08
N ILE E 374 -8.14 55.42 10.37
CA ILE E 374 -8.22 53.98 10.57
C ILE E 374 -6.97 53.28 10.05
N ASP E 375 -6.37 53.79 8.98
CA ASP E 375 -5.13 53.20 8.50
C ASP E 375 -4.02 53.34 9.53
N ARG E 376 -3.89 54.51 10.13
CA ARG E 376 -2.88 54.71 11.17
C ARG E 376 -3.14 53.81 12.37
N LEU E 377 -4.41 53.73 12.79
CA LEU E 377 -4.74 52.88 13.94
C LEU E 377 -4.43 51.42 13.64
N SER E 378 -4.75 50.96 12.42
CA SER E 378 -4.48 49.58 12.06
C SER E 378 -2.98 49.30 12.03
N ARG E 379 -2.20 50.23 11.47
CA ARG E 379 -0.75 50.07 11.47
C ARG E 379 -0.21 49.97 12.88
N ILE E 380 -0.74 50.79 13.79
CA ILE E 380 -0.27 50.76 15.17
C ILE E 380 -0.68 49.46 15.85
N ALA E 381 -1.88 48.96 15.55
CA ALA E 381 -2.50 47.91 16.36
C ALA E 381 -2.17 46.50 15.89
N PHE E 382 -2.21 46.24 14.58
CA PHE E 382 -2.08 44.87 14.09
C PHE E 382 -0.77 44.20 14.51
N PRO E 383 0.40 44.81 14.31
CA PRO E 383 1.64 44.16 14.81
C PRO E 383 1.62 43.94 16.31
N LEU E 384 1.08 44.89 17.08
CA LEU E 384 1.02 44.71 18.53
C LEU E 384 0.10 43.56 18.90
N LEU E 385 -1.05 43.46 18.25
CA LEU E 385 -1.98 42.36 18.53
C LEU E 385 -1.34 41.02 18.20
N PHE E 386 -0.68 40.92 17.04
CA PHE E 386 -0.03 39.68 16.67
C PHE E 386 1.09 39.34 17.66
N GLY E 387 1.85 40.34 18.09
CA GLY E 387 2.94 40.08 19.02
C GLY E 387 2.44 39.58 20.37
N ILE E 388 1.43 40.23 20.92
CA ILE E 388 0.93 39.79 22.22
C ILE E 388 0.28 38.41 22.11
N PHE E 389 -0.40 38.13 20.98
CA PHE E 389 -0.95 36.80 20.80
C PHE E 389 0.15 35.75 20.76
N ASN E 390 1.23 36.02 20.03
CA ASN E 390 2.34 35.07 19.97
C ASN E 390 2.96 34.85 21.34
N LEU E 391 3.17 35.93 22.09
CA LEU E 391 3.74 35.80 23.42
C LEU E 391 2.84 34.97 24.33
N VAL E 392 1.53 35.22 24.28
CA VAL E 392 0.60 34.45 25.10
C VAL E 392 0.64 32.98 24.71
N TYR E 393 0.65 32.70 23.41
CA TYR E 393 0.64 31.31 22.93
C TYR E 393 1.89 30.58 23.40
N TRP E 394 3.07 31.17 23.14
CA TRP E 394 4.31 30.49 23.50
C TRP E 394 4.46 30.35 25.01
N ALA E 395 4.06 31.37 25.78
CA ALA E 395 4.12 31.26 27.22
C ALA E 395 3.18 30.17 27.73
N THR E 396 2.01 30.03 27.10
CA THR E 396 1.08 28.98 27.50
C THR E 396 1.67 27.60 27.25
N TYR E 397 2.29 27.40 26.08
CA TYR E 397 2.66 26.04 25.68
C TYR E 397 4.08 25.66 26.09
N LEU E 398 5.08 26.49 25.76
CA LEU E 398 6.46 26.09 26.00
C LEU E 398 6.79 26.03 27.49
N ASN E 399 6.10 26.81 28.33
CA ASN E 399 6.41 26.82 29.75
C ASN E 399 6.15 25.45 30.38
N ARG E 400 5.05 24.81 30.00
CA ARG E 400 4.72 23.49 30.52
C ARG E 400 5.68 22.44 29.98
N GLN F 1 -35.25 -1.16 9.91
CA GLN F 1 -36.41 -1.90 9.33
C GLN F 1 -36.80 -1.29 7.99
N VAL F 2 -37.21 -2.15 7.05
CA VAL F 2 -37.57 -1.76 5.70
C VAL F 2 -39.04 -2.11 5.46
N GLN F 3 -39.80 -1.13 5.00
CA GLN F 3 -41.22 -1.29 4.70
C GLN F 3 -41.41 -1.34 3.19
N LEU F 4 -42.14 -2.34 2.71
CA LEU F 4 -42.41 -2.55 1.30
C LEU F 4 -43.91 -2.58 1.08
N GLN F 5 -44.37 -1.87 0.05
CA GLN F 5 -45.78 -1.79 -0.30
C GLN F 5 -45.96 -2.21 -1.75
N GLU F 6 -47.02 -2.99 -2.00
CA GLU F 6 -47.31 -3.52 -3.32
C GLU F 6 -48.44 -2.74 -3.98
N SER F 7 -48.34 -2.61 -5.30
CA SER F 7 -49.35 -1.92 -6.09
C SER F 7 -49.52 -2.65 -7.42
N GLY F 8 -50.77 -2.76 -7.86
CA GLY F 8 -51.09 -3.42 -9.12
C GLY F 8 -52.41 -4.18 -9.06
N LEU F 405 -49.37 -7.32 -17.75
CA LEU F 405 -49.67 -6.71 -16.47
C LEU F 405 -48.41 -6.16 -15.82
N ARG F 406 -48.57 -5.22 -14.90
CA ARG F 406 -47.47 -4.57 -14.20
C ARG F 406 -47.74 -4.58 -12.71
N LEU F 407 -46.67 -4.78 -11.93
CA LEU F 407 -46.72 -4.70 -10.48
C LEU F 407 -45.56 -3.84 -10.01
N SER F 408 -45.78 -3.13 -8.90
CA SER F 408 -44.79 -2.24 -8.32
C SER F 408 -44.60 -2.57 -6.85
N CYS F 409 -43.36 -2.59 -6.40
CA CYS F 409 -43.00 -2.81 -5.01
C CYS F 409 -42.14 -1.64 -4.56
N ALA F 410 -42.70 -0.79 -3.71
CA ALA F 410 -41.96 0.33 -3.16
C ALA F 410 -41.09 -0.12 -1.99
N ALA F 411 -40.23 0.77 -1.54
CA ALA F 411 -39.35 0.49 -0.41
C ALA F 411 -39.13 1.78 0.37
N SER F 412 -39.06 1.66 1.70
CA SER F 412 -38.76 2.79 2.55
C SER F 412 -38.01 2.30 3.77
N GLY F 413 -37.15 3.16 4.32
CA GLY F 413 -36.33 2.83 5.46
C GLY F 413 -34.86 2.69 5.09
N HIS F 414 -34.16 1.76 5.75
CA HIS F 414 -32.74 1.53 5.50
C HIS F 414 -32.58 0.61 4.30
N THR F 415 -32.97 1.14 3.13
CA THR F 415 -32.89 0.35 1.90
C THR F 415 -31.45 0.01 1.54
N PHE F 416 -30.47 0.78 2.01
CA PHE F 416 -29.08 0.47 1.71
C PHE F 416 -28.65 -0.85 2.36
N ASN F 417 -29.08 -1.09 3.59
CA ASN F 417 -28.69 -2.29 4.31
C ASN F 417 -29.28 -3.56 3.71
N TYR F 418 -30.27 -3.44 2.83
CA TYR F 418 -30.97 -4.59 2.25
C TYR F 418 -30.99 -4.43 0.73
N PRO F 419 -29.84 -4.61 0.07
CA PRO F 419 -29.77 -4.35 -1.37
C PRO F 419 -30.65 -5.22 -2.23
N ILE F 420 -30.50 -6.54 -2.16
CA ILE F 420 -31.25 -7.42 -3.05
C ILE F 420 -32.72 -7.39 -2.69
N MET F 421 -33.57 -7.27 -3.71
CA MET F 421 -35.01 -7.36 -3.55
C MET F 421 -35.53 -8.42 -4.50
N GLY F 422 -36.39 -9.30 -3.98
CA GLY F 422 -36.85 -10.45 -4.72
C GLY F 422 -38.36 -10.52 -4.78
N TRP F 423 -38.83 -11.21 -5.82
CA TRP F 423 -40.23 -11.46 -6.05
C TRP F 423 -40.48 -12.96 -5.95
N PHE F 424 -41.51 -13.33 -5.20
CA PHE F 424 -41.98 -14.70 -5.04
C PHE F 424 -43.45 -14.78 -5.43
N ARG F 425 -43.90 -15.98 -5.75
CA ARG F 425 -45.31 -16.23 -6.04
C ARG F 425 -45.77 -17.50 -5.36
N GLN F 426 -47.07 -17.59 -5.14
CA GLN F 426 -47.65 -18.75 -4.45
C GLN F 426 -49.08 -18.96 -4.94
N ALA F 427 -49.39 -20.19 -5.34
CA ALA F 427 -50.76 -20.60 -5.62
C ALA F 427 -51.38 -21.14 -4.35
N PRO F 428 -52.71 -21.33 -4.31
CA PRO F 428 -53.33 -21.81 -3.06
C PRO F 428 -52.82 -23.17 -2.61
N GLY F 429 -52.44 -24.04 -3.55
CA GLY F 429 -51.84 -25.32 -3.21
C GLY F 429 -50.33 -25.28 -3.30
N LYS F 430 -49.81 -24.70 -4.37
CA LYS F 430 -48.38 -24.66 -4.60
C LYS F 430 -47.73 -23.73 -3.58
N GLU F 431 -46.54 -24.10 -3.11
CA GLU F 431 -45.83 -23.37 -2.08
C GLU F 431 -45.07 -22.18 -2.68
N ARG F 432 -44.62 -21.29 -1.81
CA ARG F 432 -43.84 -20.12 -2.24
C ARG F 432 -42.60 -20.56 -3.00
N GLU F 433 -42.33 -19.89 -4.11
CA GLU F 433 -41.17 -20.18 -4.95
C GLU F 433 -40.56 -18.87 -5.43
N PHE F 434 -39.30 -18.94 -5.82
CA PHE F 434 -38.53 -17.76 -6.18
C PHE F 434 -38.81 -17.40 -7.64
N VAL F 435 -39.47 -16.26 -7.85
CA VAL F 435 -39.74 -15.79 -9.21
C VAL F 435 -38.57 -15.00 -9.76
N GLY F 436 -38.02 -14.07 -9.00
CA GLY F 436 -36.91 -13.29 -9.51
C GLY F 436 -36.26 -12.46 -8.45
N ALA F 437 -35.17 -11.79 -8.82
CA ALA F 437 -34.46 -10.93 -7.90
C ALA F 437 -33.63 -9.90 -8.65
N ILE F 438 -33.41 -8.76 -8.00
CA ILE F 438 -32.64 -7.66 -8.56
C ILE F 438 -31.85 -6.99 -7.45
N SER F 439 -30.64 -6.55 -7.78
CA SER F 439 -29.72 -6.00 -6.80
C SER F 439 -30.06 -4.54 -6.51
N TRP F 440 -29.22 -3.91 -5.66
CA TRP F 440 -29.40 -2.50 -5.33
C TRP F 440 -29.15 -1.62 -6.54
N SER F 441 -28.01 -1.82 -7.21
CA SER F 441 -27.70 -1.02 -8.38
C SER F 441 -28.66 -1.29 -9.52
N GLY F 442 -29.19 -2.51 -9.62
CA GLY F 442 -30.12 -2.87 -10.66
C GLY F 442 -29.48 -3.40 -11.93
N GLY F 443 -28.15 -3.35 -12.04
CA GLY F 443 -27.49 -3.85 -13.23
C GLY F 443 -27.52 -5.36 -13.36
N SER F 444 -27.67 -6.07 -12.25
CA SER F 444 -27.69 -7.53 -12.23
C SER F 444 -29.07 -8.00 -11.79
N THR F 445 -29.65 -8.93 -12.55
CA THR F 445 -30.95 -9.51 -12.24
C THR F 445 -30.88 -11.01 -12.44
N SER F 446 -31.77 -11.73 -11.74
CA SER F 446 -31.88 -13.17 -11.85
C SER F 446 -33.34 -13.55 -11.92
N TYR F 447 -33.62 -14.61 -12.67
CA TYR F 447 -34.98 -15.12 -12.85
C TYR F 447 -34.95 -16.64 -12.77
N ALA F 448 -36.08 -17.21 -12.39
CA ALA F 448 -36.22 -18.65 -12.39
C ALA F 448 -36.34 -19.17 -13.81
N ASP F 449 -36.10 -20.47 -13.98
CA ASP F 449 -36.16 -21.08 -15.29
C ASP F 449 -37.55 -20.98 -15.90
N SER F 450 -38.59 -21.19 -15.09
CA SER F 450 -39.96 -21.19 -15.59
C SER F 450 -40.45 -19.81 -16.00
N VAL F 451 -39.72 -18.73 -15.67
CA VAL F 451 -40.13 -17.37 -16.00
C VAL F 451 -39.03 -16.66 -16.77
N LYS F 452 -38.23 -17.41 -17.52
CA LYS F 452 -37.22 -16.80 -18.37
C LYS F 452 -37.86 -16.12 -19.56
N ASP F 453 -37.26 -14.99 -19.97
CA ASP F 453 -37.62 -14.11 -21.10
C ASP F 453 -39.13 -14.00 -21.30
N ARG F 454 -39.87 -13.95 -20.22
CA ARG F 454 -41.29 -13.56 -20.21
C ARG F 454 -41.58 -12.52 -19.14
N PHE F 455 -40.91 -12.62 -18.00
CA PHE F 455 -40.99 -11.64 -16.93
C PHE F 455 -39.86 -10.63 -17.10
N THR F 456 -39.98 -9.50 -16.40
CA THR F 456 -38.93 -8.50 -16.41
C THR F 456 -38.96 -7.76 -15.08
N ILE F 457 -37.77 -7.44 -14.57
CA ILE F 457 -37.61 -6.72 -13.31
C ILE F 457 -36.78 -5.47 -13.58
N SER F 458 -37.28 -4.32 -13.14
CA SER F 458 -36.57 -3.06 -13.25
C SER F 458 -36.54 -2.38 -11.89
N ARG F 459 -35.53 -1.53 -11.70
CA ARG F 459 -35.29 -0.84 -10.43
C ARG F 459 -35.16 0.65 -10.69
N ASP F 460 -35.90 1.45 -9.92
CA ASP F 460 -35.82 2.91 -10.00
C ASP F 460 -35.65 3.46 -8.59
N ASN F 461 -34.72 4.40 -8.44
CA ASN F 461 -34.40 5.00 -7.15
C ASN F 461 -35.08 6.34 -6.95
N ALA F 462 -36.07 6.68 -7.78
CA ALA F 462 -36.82 7.92 -7.59
C ALA F 462 -37.51 7.92 -6.23
N LYS F 463 -38.11 6.80 -5.85
CA LYS F 463 -38.66 6.61 -4.51
C LYS F 463 -38.39 5.21 -4.01
N ASN F 464 -37.28 4.60 -4.44
CA ASN F 464 -36.86 3.27 -4.00
C ASN F 464 -37.95 2.24 -4.31
N THR F 465 -38.15 2.04 -5.62
CA THR F 465 -39.19 1.16 -6.14
C THR F 465 -38.59 0.18 -7.13
N VAL F 466 -39.25 -0.96 -7.27
CA VAL F 466 -38.95 -1.93 -8.31
C VAL F 466 -40.26 -2.27 -9.01
N TYR F 467 -40.15 -2.71 -10.26
CA TYR F 467 -41.31 -3.00 -11.10
C TYR F 467 -41.14 -4.36 -11.74
N LEU F 468 -42.18 -5.18 -11.65
CA LEU F 468 -42.24 -6.50 -12.27
C LEU F 468 -43.25 -6.45 -13.39
N GLU F 469 -42.81 -6.79 -14.60
CA GLU F 469 -43.64 -6.75 -15.80
C GLU F 469 -43.82 -8.17 -16.33
N MET F 470 -45.08 -8.55 -16.55
CA MET F 470 -45.43 -9.87 -17.06
C MET F 470 -45.79 -9.77 -18.54
N ASN F 471 -45.26 -10.71 -19.32
CA ASN F 471 -45.61 -10.84 -20.73
C ASN F 471 -45.89 -12.31 -21.03
N ASN F 472 -46.82 -12.53 -21.96
CA ASN F 472 -47.25 -13.88 -22.32
C ASN F 472 -47.80 -14.61 -21.10
N LEU F 473 -48.83 -14.01 -20.50
CA LEU F 473 -49.46 -14.59 -19.33
C LEU F 473 -50.14 -15.91 -19.70
N LYS F 474 -50.31 -16.76 -18.70
CA LYS F 474 -50.91 -18.07 -18.87
C LYS F 474 -51.77 -18.38 -17.65
N PRO F 475 -52.79 -19.26 -17.79
CA PRO F 475 -53.68 -19.51 -16.65
C PRO F 475 -52.99 -20.17 -15.46
N GLU F 476 -51.82 -20.77 -15.65
CA GLU F 476 -51.11 -21.39 -14.54
C GLU F 476 -50.39 -20.39 -13.65
N ASP F 477 -50.33 -19.11 -14.04
CA ASP F 477 -49.64 -18.09 -13.26
C ASP F 477 -50.55 -17.35 -12.29
N THR F 478 -51.84 -17.70 -12.22
CA THR F 478 -52.73 -17.05 -11.27
C THR F 478 -52.29 -17.40 -9.86
N ALA F 479 -51.90 -16.38 -9.09
CA ALA F 479 -51.25 -16.62 -7.81
C ALA F 479 -51.14 -15.29 -7.06
N VAL F 480 -50.73 -15.38 -5.79
CA VAL F 480 -50.46 -14.22 -4.96
C VAL F 480 -48.96 -14.00 -4.93
N TYR F 481 -48.54 -12.76 -5.18
CA TYR F 481 -47.14 -12.39 -5.32
C TYR F 481 -46.68 -11.59 -4.12
N TYR F 482 -45.45 -11.88 -3.68
CA TYR F 482 -44.82 -11.20 -2.57
C TYR F 482 -43.51 -10.55 -3.04
N CYS F 483 -43.21 -9.40 -2.43
CA CYS F 483 -41.94 -8.70 -2.64
C CYS F 483 -41.21 -8.66 -1.31
N ALA F 484 -39.95 -9.10 -1.31
CA ALA F 484 -39.16 -9.24 -0.10
C ALA F 484 -37.78 -8.64 -0.31
N ALA F 485 -37.08 -8.41 0.81
CA ALA F 485 -35.75 -7.81 0.81
C ALA F 485 -34.78 -8.72 1.55
N LYS F 486 -33.55 -8.78 1.03
CA LYS F 486 -32.51 -9.65 1.56
C LYS F 486 -31.40 -8.81 2.19
N GLY F 487 -30.74 -9.37 3.18
CA GLY F 487 -29.63 -8.71 3.82
C GLY F 487 -28.38 -8.72 2.98
N ARG F 488 -27.33 -8.08 3.49
CA ARG F 488 -26.07 -8.02 2.75
C ARG F 488 -25.47 -9.41 2.60
N TYR F 489 -25.37 -10.16 3.70
CA TYR F 489 -24.83 -11.52 3.73
C TYR F 489 -25.92 -12.43 4.28
N SER F 490 -26.66 -13.09 3.38
CA SER F 490 -27.70 -14.03 3.80
C SER F 490 -27.76 -15.26 2.90
N GLY F 491 -26.72 -15.53 2.12
CA GLY F 491 -26.68 -16.77 1.35
C GLY F 491 -27.42 -16.68 0.03
N GLY F 492 -27.96 -17.81 -0.39
CA GLY F 492 -28.54 -17.92 -1.70
C GLY F 492 -29.79 -17.09 -1.87
N LEU F 493 -30.06 -16.73 -3.13
CA LEU F 493 -31.21 -15.90 -3.48
C LEU F 493 -32.49 -16.70 -3.66
N TYR F 494 -32.42 -18.03 -3.72
CA TYR F 494 -33.53 -18.86 -4.16
C TYR F 494 -34.37 -19.41 -3.01
N TYR F 495 -34.08 -19.01 -1.77
CA TYR F 495 -34.71 -19.60 -0.59
C TYR F 495 -35.47 -18.52 0.18
N PRO F 496 -36.76 -18.67 0.46
CA PRO F 496 -37.48 -17.61 1.19
C PRO F 496 -36.95 -17.35 2.59
N THR F 497 -36.28 -18.33 3.21
CA THR F 497 -35.88 -18.16 4.61
C THR F 497 -34.84 -17.06 4.76
N ASN F 498 -33.98 -16.85 3.77
CA ASN F 498 -32.96 -15.82 3.88
C ASN F 498 -33.57 -14.43 3.93
N TYR F 499 -34.62 -14.19 3.17
CA TYR F 499 -35.21 -12.86 3.10
C TYR F 499 -35.90 -12.51 4.41
N ASP F 500 -35.73 -11.26 4.84
CA ASP F 500 -36.19 -10.84 6.16
C ASP F 500 -37.60 -10.26 6.13
N TYR F 501 -37.79 -9.18 5.38
CA TYR F 501 -39.06 -8.48 5.31
C TYR F 501 -39.85 -8.89 4.08
N TRP F 502 -41.17 -8.85 4.20
CA TRP F 502 -42.07 -9.32 3.15
C TRP F 502 -43.17 -8.29 2.91
N GLY F 503 -43.54 -8.13 1.65
CA GLY F 503 -44.67 -7.30 1.29
C GLY F 503 -45.97 -8.06 1.31
N GLN F 504 -47.07 -7.33 1.44
CA GLN F 504 -48.39 -7.94 1.47
C GLN F 504 -48.69 -8.62 0.14
N GLY F 505 -49.22 -9.83 0.22
CA GLY F 505 -49.51 -10.60 -0.98
C GLY F 505 -50.51 -9.92 -1.90
N THR F 506 -50.14 -9.76 -3.17
CA THR F 506 -50.99 -9.16 -4.19
C THR F 506 -51.50 -10.26 -5.11
N GLN F 507 -52.81 -10.42 -5.18
CA GLN F 507 -53.39 -11.47 -6.01
C GLN F 507 -53.40 -11.04 -7.47
N VAL F 508 -53.11 -11.99 -8.36
CA VAL F 508 -53.16 -11.77 -9.79
C VAL F 508 -53.81 -12.99 -10.43
N THR F 509 -54.74 -12.75 -11.36
CA THR F 509 -55.44 -13.82 -12.04
C THR F 509 -55.85 -13.38 -13.45
C1 NAG G . -25.39 -36.91 0.67
C2 NAG G . -26.89 -37.07 0.93
C3 NAG G . -27.61 -37.42 -0.35
C4 NAG G . -27.35 -36.33 -1.38
C5 NAG G . -25.86 -36.18 -1.61
C6 NAG G . -25.51 -35.04 -2.54
C7 NAG G . -28.14 -37.95 2.85
C8 NAG G . -28.30 -39.08 3.83
N2 NAG G . -27.15 -38.08 1.95
O3 NAG G . -29.00 -37.58 -0.10
O4 NAG G . -28.01 -36.62 -2.60
O5 NAG G . -25.18 -35.90 -0.37
O6 NAG G . -25.50 -33.80 -1.86
O7 NAG G . -28.86 -36.96 2.88
C1 NAG G . -29.08 -35.75 -3.08
C2 NAG G . -29.35 -35.82 -4.58
C3 NAG G . -30.07 -34.55 -5.04
C4 NAG G . -31.32 -34.33 -4.22
C5 NAG G . -30.98 -34.31 -2.73
C6 NAG G . -32.20 -34.22 -1.85
C7 NAG G . -27.59 -37.21 -5.57
C8 NAG G . -26.32 -37.23 -6.36
N2 NAG G . -28.12 -36.01 -5.33
O3 NAG G . -30.41 -34.68 -6.42
O4 NAG G . -31.92 -33.08 -4.57
O5 NAG G . -30.30 -35.53 -2.38
O6 NAG G . -33.13 -35.25 -2.14
O7 NAG G . -28.11 -38.24 -5.16
C1 NAG H . -14.57 -10.92 -22.51
C2 NAG H . -15.86 -11.63 -22.89
C3 NAG H . -15.58 -13.11 -23.16
C4 NAG H . -14.47 -13.26 -24.17
C5 NAG H . -13.24 -12.46 -23.74
C6 NAG H . -12.13 -12.47 -24.76
C7 NAG H . -18.18 -11.49 -22.10
C8 NAG H . -19.06 -11.33 -20.90
N2 NAG H . -16.87 -11.48 -21.86
O3 NAG H . -16.76 -13.72 -23.66
O4 NAG H . -14.11 -14.63 -24.29
O5 NAG H . -13.60 -11.10 -23.52
O6 NAG H . -12.60 -12.07 -26.03
O7 NAG H . -18.63 -11.63 -23.22
C1 NAG H . -14.41 -15.18 -25.57
C2 NAG H . -13.68 -16.50 -25.79
C3 NAG H . -14.38 -17.30 -26.88
C4 NAG H . -15.85 -17.46 -26.56
C5 NAG H . -16.50 -16.11 -26.27
C6 NAG H . -17.93 -16.22 -25.80
C7 NAG H . -11.32 -17.17 -25.93
C8 NAG H . -9.94 -16.77 -26.35
N2 NAG H . -12.29 -16.27 -26.14
O3 NAG H . -13.76 -18.57 -27.01
O4 NAG H . -16.52 -18.08 -27.66
O5 NAG H . -15.77 -15.44 -25.23
O6 NAG H . -18.57 -14.95 -25.80
O7 NAG H . -11.56 -18.27 -25.43
C1 BMA H . -16.61 -19.48 -27.44
C2 BMA H . -17.80 -19.28 -28.38
C3 BMA H . -18.50 -20.61 -28.59
C4 BMA H . -17.50 -21.69 -29.03
C5 BMA H . -16.35 -21.78 -28.03
C6 BMA H . -15.27 -22.74 -28.49
O2 BMA H . -17.35 -18.85 -29.66
O3 BMA H . -19.55 -20.51 -29.54
O4 BMA H . -18.17 -22.94 -29.10
O5 BMA H . -15.74 -20.49 -27.91
O6 BMA H . -14.78 -23.44 -27.35
C1 MAN H . -19.56 -20.46 -30.97
C2 MAN H . -20.53 -19.28 -31.18
C3 MAN H . -21.97 -19.79 -31.28
C4 MAN H . -22.06 -20.93 -32.31
C5 MAN H . -21.09 -22.05 -31.93
C6 MAN H . -21.08 -23.19 -32.92
O2 MAN H . -20.27 -18.60 -32.41
O3 MAN H . -22.87 -18.75 -31.61
O4 MAN H . -23.39 -21.44 -32.33
O5 MAN H . -19.76 -21.50 -31.89
O6 MAN H . -20.39 -22.76 -34.09
C1 MAN H . -13.87 -24.15 -28.21
C2 MAN H . -14.39 -25.53 -27.85
C3 MAN H . -14.61 -26.36 -29.11
C4 MAN H . -13.39 -26.30 -30.09
C5 MAN H . -12.79 -24.89 -30.24
C6 MAN H . -13.55 -23.99 -31.22
O2 MAN H . -15.67 -25.45 -27.23
O3 MAN H . -15.80 -25.97 -29.80
O4 MAN H . -12.38 -27.18 -29.61
O5 MAN H . -12.71 -24.20 -28.97
O6 MAN H . -13.09 -24.27 -32.53
C1 NAG I . -27.26 -2.72 11.79
C2 NAG I . -28.43 -2.92 12.75
C3 NAG I . -28.62 -4.41 13.05
C4 NAG I . -28.79 -5.18 11.75
C5 NAG I . -27.57 -4.92 10.86
C6 NAG I . -27.68 -5.59 9.51
C7 NAG I . -27.13 -2.28 14.75
C8 NAG I . -27.11 -1.42 15.98
N2 NAG I . -28.23 -2.17 13.98
O3 NAG I . -29.77 -4.58 13.87
O4 NAG I . -28.91 -6.57 12.01
O5 NAG I . -27.46 -3.51 10.60
O6 NAG I . -28.88 -5.26 8.86
O7 NAG I . -26.22 -3.04 14.47
C1 NAG I . -30.28 -6.96 11.83
C2 NAG I . -30.39 -8.42 11.38
C3 NAG I . -31.78 -8.96 11.68
C4 NAG I . -32.12 -8.76 13.15
C5 NAG I . -31.97 -7.28 13.51
C6 NAG I . -32.22 -7.00 14.98
C7 NAG I . -29.40 -9.53 9.37
C8 NAG I . -28.87 -10.63 10.26
N2 NAG I . -30.08 -8.54 9.96
O3 NAG I . -31.85 -10.34 11.36
O4 NAG I . -33.46 -9.17 13.41
O5 NAG I . -30.63 -6.85 13.22
O6 NAG I . -31.54 -7.94 15.81
O7 NAG I . -29.21 -9.53 8.16
C1 BMA I . -33.90 -10.48 13.84
C2 BMA I . -35.05 -10.34 14.84
C3 BMA I . -34.93 -11.40 15.93
C4 BMA I . -34.70 -12.79 15.33
C5 BMA I . -33.50 -12.75 14.41
C6 BMA I . -33.22 -14.09 13.76
O2 BMA I . -36.30 -10.57 14.20
O3 BMA I . -36.07 -11.42 16.78
O4 BMA I . -34.48 -13.73 16.37
O5 BMA I . -33.76 -11.80 13.37
O6 BMA I . -34.34 -14.45 12.97
C1 MAN I . -36.28 -10.31 17.66
C2 MAN I . -36.63 -10.85 19.06
C3 MAN I . -38.01 -11.47 19.06
C4 MAN I . -39.04 -10.52 18.43
C5 MAN I . -38.59 -10.16 17.01
C6 MAN I . -39.53 -9.19 16.33
O2 MAN I . -36.69 -9.79 20.01
O3 MAN I . -38.43 -11.85 20.36
O4 MAN I . -40.31 -11.15 18.37
O5 MAN I . -37.29 -9.52 17.09
O6 MAN I . -39.50 -7.97 17.07
C1 MAN I . -35.04 -15.47 12.24
C2 MAN I . -36.55 -15.63 12.02
C3 MAN I . -37.23 -16.07 13.32
C4 MAN I . -36.51 -17.28 13.92
C5 MAN I . -35.05 -16.93 14.16
C6 MAN I . -34.23 -18.06 14.74
O2 MAN I . -36.84 -16.66 11.07
O3 MAN I . -38.61 -16.36 13.12
O4 MAN I . -37.12 -17.64 15.15
O5 MAN I . -34.45 -16.57 12.89
O6 MAN I . -34.10 -19.07 13.74
C1 NAG J . -12.35 -24.89 36.40
C2 NAG J . -12.46 -24.34 37.81
C3 NAG J . -13.93 -24.33 38.26
C4 NAG J . -14.76 -23.55 37.25
C5 NAG J . -14.55 -24.12 35.84
C6 NAG J . -15.25 -23.31 34.77
C7 NAG J . -10.39 -24.86 39.03
C8 NAG J . -9.72 -25.77 40.01
N2 NAG J . -11.66 -25.13 38.74
O3 NAG J . -14.02 -23.71 39.53
O4 NAG J . -16.15 -23.66 37.58
O5 NAG J . -13.15 -24.10 35.52
O6 NAG J . -16.18 -24.10 34.04
O7 NAG J . -9.80 -23.91 38.52
C1 NAG J . -16.91 -22.73 38.36
C2 NAG J . -18.37 -22.41 38.04
C3 NAG J . -18.56 -20.91 37.90
C4 NAG J . -18.03 -20.19 39.13
C5 NAG J . -16.59 -20.60 39.42
C6 NAG J . -16.06 -20.02 40.71
C7 NAG J . -19.09 -24.40 36.72
C8 NAG J . -18.96 -25.23 37.98
N2 NAG J . -18.80 -23.09 36.82
O3 NAG J . -19.94 -20.62 37.72
O4 NAG J . -18.09 -18.78 38.94
O5 NAG J . -16.51 -22.03 39.54
O6 NAG J . -16.73 -20.57 41.84
O7 NAG J . -19.44 -24.90 35.66
C1 NAG K . 32.42 3.70 9.74
C2 NAG K . 33.83 3.09 9.65
C3 NAG K . 33.99 1.99 10.68
C4 NAG K . 33.65 2.51 12.07
C5 NAG K . 32.24 3.09 12.06
C6 NAG K . 31.84 3.70 13.38
C7 NAG K . 34.10 3.37 7.23
C8 NAG K . 34.37 2.70 5.92
N2 NAG K . 34.08 2.58 8.31
O3 NAG K . 35.33 1.49 10.66
O4 NAG K . 33.73 1.46 13.04
O5 NAG K . 32.17 4.14 11.08
O6 NAG K . 30.64 3.12 13.88
O7 NAG K . 33.91 4.58 7.31
C1 NAG K . 34.95 1.38 13.81
C2 NAG K . 34.91 0.47 15.03
C3 NAG K . 36.28 0.43 15.71
C4 NAG K . 37.36 0.07 14.71
C5 NAG K . 37.30 1.02 13.51
C6 NAG K . 38.29 0.69 12.43
C7 NAG K . 32.68 0.32 16.08
C8 NAG K . 31.77 0.90 17.11
N2 NAG K . 33.89 0.90 15.97
O3 NAG K . 36.25 -0.53 16.76
O4 NAG K . 38.64 0.15 15.31
O5 NAG K . 35.99 0.97 12.92
O6 NAG K . 37.69 -0.08 11.40
O7 NAG K . 32.35 -0.62 15.38
C1 BMA K . 39.03 -1.16 15.74
C2 BMA K . 40.54 -0.95 15.89
C3 BMA K . 41.24 -2.27 16.20
C4 BMA K . 40.53 -3.01 17.34
C5 BMA K . 39.06 -3.19 16.98
C6 BMA K . 38.27 -3.94 18.04
O2 BMA K . 40.82 -0.08 16.98
O3 BMA K . 42.60 -2.08 16.53
O4 BMA K . 41.12 -4.29 17.54
O5 BMA K . 38.48 -1.89 16.82
O6 BMA K . 39.15 -4.30 19.09
C1 MAN K . 43.51 -2.08 15.43
C2 MAN K . 44.95 -2.61 15.61
C3 MAN K . 45.76 -1.64 16.47
C4 MAN K . 45.64 -0.21 15.93
C5 MAN K . 44.16 0.20 15.86
C6 MAN K . 43.96 1.57 15.28
O2 MAN K . 45.63 -2.68 14.36
O3 MAN K . 47.13 -2.02 16.55
O4 MAN K . 46.33 0.69 16.77
O5 MAN K . 43.47 -0.74 15.02
O6 MAN K . 44.39 1.55 13.92
C1 MAN K . 38.80 -4.14 20.49
C2 MAN K . 38.67 -2.66 20.84
C3 MAN K . 39.10 -2.40 22.29
C4 MAN K . 40.45 -3.07 22.63
C5 MAN K . 40.53 -4.54 22.15
C6 MAN K . 39.74 -5.53 23.02
O2 MAN K . 37.30 -2.25 20.77
O3 MAN K . 38.09 -2.80 23.22
O4 MAN K . 41.51 -2.33 22.04
O5 MAN K . 40.07 -4.67 20.79
O6 MAN K . 40.30 -5.50 24.33
N ABU L . 0.05 -25.69 -17.24
CD ABU L . 1.11 -25.79 -18.23
CB ABU L . 1.96 -27.02 -17.93
CG ABU L . 2.93 -27.30 -19.07
C ABU L . 3.99 -26.18 -19.18
O ABU L . 4.64 -26.05 -20.25
OXT ABU L . 4.19 -25.42 -18.20
C1 NAG M . 2.21 -22.85 -0.10
C2 NAG M . 0.91 -23.61 0.14
C3 NAG M . 1.19 -24.87 0.96
C4 NAG M . 2.28 -25.70 0.30
C5 NAG M . 3.52 -24.84 0.05
C6 NAG M . 4.59 -25.57 -0.72
C7 NAG M . -1.38 -22.72 0.63
C8 NAG M . -1.95 -23.64 -0.41
N2 NAG M . -0.05 -22.76 0.83
O3 NAG M . 0.00 -25.65 1.09
O4 NAG M . 2.64 -26.79 1.14
O5 NAG M . 3.15 -23.69 -0.74
O6 NAG M . 5.21 -26.57 0.08
O7 NAG M . -2.10 -21.96 1.28
N HSM N . -20.03 -22.16 3.90
CA HSM N . -20.93 -22.23 2.77
CB HSM N . -20.13 -22.48 1.51
CG HSM N . -21.07 -22.69 0.33
ND1 HSM N . -21.96 -23.66 0.21
CD2 HSM N . -21.16 -21.90 -0.78
CE1 HSM N . -22.60 -23.49 -0.95
NE2 HSM N . -22.10 -22.40 -1.55
C1 NAG O . 38.09 -30.40 -2.58
C2 NAG O . 38.84 -30.47 -3.91
C3 NAG O . 40.28 -29.98 -3.75
C4 NAG O . 40.28 -28.59 -3.15
C5 NAG O . 39.50 -28.58 -1.83
C6 NAG O . 39.36 -27.19 -1.25
C7 NAG O . 38.71 -32.08 -5.76
C8 NAG O . 38.70 -33.54 -6.14
N2 NAG O . 38.82 -31.81 -4.46
O3 NAG O . 40.92 -29.98 -5.01
O4 NAG O . 41.62 -28.18 -2.90
O5 NAG O . 38.16 -29.06 -2.06
O6 NAG O . 40.42 -26.35 -1.70
O7 NAG O . 38.60 -31.20 -6.60
N ABU P . 23.13 -12.18 21.29
CD ABU P . 22.59 -12.96 22.38
CB ABU P . 22.08 -12.05 23.48
CG ABU P . 21.41 -12.89 24.56
C ABU P . 21.01 -11.99 25.73
O ABU P . 21.80 -11.82 26.69
OXT ABU P . 19.90 -11.42 25.73
C1 NAG Q . 13.34 -20.43 9.83
C2 NAG Q . 14.09 -21.61 10.46
C3 NAG Q . 13.27 -22.88 10.31
C4 NAG Q . 11.86 -22.68 10.85
C5 NAG Q . 11.22 -21.46 10.20
C6 NAG Q . 9.86 -21.13 10.78
C7 NAG Q . 15.61 -22.04 8.58
C8 NAG Q . 17.03 -22.18 8.14
N2 NAG Q . 15.41 -21.77 9.87
O3 NAG Q . 13.92 -23.95 11.01
O4 NAG Q . 11.07 -23.82 10.59
O5 NAG Q . 12.05 -20.31 10.41
O6 NAG Q . 8.95 -20.75 9.76
O7 NAG Q . 14.67 -22.16 7.79
#